data_8H3Q
#
_entry.id   8H3Q
#
_cell.length_a   1.00
_cell.length_b   1.00
_cell.length_c   1.00
_cell.angle_alpha   90.00
_cell.angle_beta   90.00
_cell.angle_gamma   90.00
#
_symmetry.space_group_name_H-M   'P 1'
#
loop_
_entity.id
_entity.type
_entity.pdbx_description
1 polymer 'Cullin-associated NEDD8-dissociated protein 1'
2 polymer Cullin-3
3 polymer 'E3 ubiquitin-protein ligase RBX1'
4 non-polymer 'ZINC ION'
#
loop_
_entity_poly.entity_id
_entity_poly.type
_entity_poly.pdbx_seq_one_letter_code
_entity_poly.pdbx_strand_id
1 'polypeptide(L)'
;MASASYHISNLLEKMTSSDKDFRFMATNDLMTELQKDSIKLDDDSERKVVKMILKLLEDKNGEVQNLAVKCLGPLVSKVK
EYQVETIVDTLCTNMLSDKEQLRDISSIGLKTVIGELPPASSGSALAANVCKKITGRLTSAIAKQEDVSVQLEALDIMAD
MLSRQGGLLVNFHPSILTCLLPQLTSPRLAVRKRTIIALGHLVMSCGNIVFVDLIEHLLSELSKNDSMSTTRTYIQCIAA
ISRQAGHRIGEYLEKIIPLVVKFCNVDDDELREYCIQAFESFVRRCPKEVYPHVSTIINICLKYLTYDPNYNYDDEDEDE
NAMDADGGDDDDQGSDDEYSDDDDMSWKVRRAAAKCLDAVVSTRHEMLPEFYKTVSPALISRFKEREENVKADVFHAYLS
LLKQTRPVQSWLCDPDAMEQGETPLTMLQSQVPNIVKALHKQMKEKSVKTRQCCFNMLTELVNVLPGALTQHIPVLVPGI
IFSLNDKSSSSNLKIDALSCLYVILCNHSPQVFHPHVQALVPPVVACVGDPFYKITSEALLVTQQLVKVIRPLDQPSSFD
ATPYIKDLFTCTIKRLKAADIDQEVKERAISCMGQIICNLGDNLGSDLPNTLQIFLERLKNEITRLTTVKALTLIAGSPL
KIDLRPVLGEGVPILASFLRKNQRALKLGTLSALDILIKNYSDSLTAAMIDAVLDELPPLISESDMHVSQMAISFLTTLA
KVYPSSLSKISGSILNELIGLVRSPLLQGGALSAMLDFFQALVVTGTNNLGYMDLLRMLTGPVYSQSTALTHKQSYYSIA
KCVAALTRACPKEGPAVVGQFIQDVKNSRSTDSIRLLALLSLGEVGHHIDLSGQLELKSVILEAFSSPSEEVKSAASYAL
GSISVGNLPEYLPFVLQEITSQPKRQYLLLHSLKEIISSASVVGLKPYVENIWALLLKHCECAEEGTRNVVAECLGKLTL
IDPETLLPRLKGYLISGSSYARSSVVTAVKFTISDHPQPIDPLLKNCIGDFLKTLEDPDLNVRRVALVTFNSAAHNKPSL
IRDLLDTVLPHLYNETKVRKELIREVEMGPFKHTVDDGLDIRKAAFECMYTLLDSCLDRLDIFEFLNHVEDGLKDHYDIK
MLTFLMLVRLSTLCPSAVLQRLDRLVEPLRATCTTKVKANSVKQEFEKQDELKRSAMRAVAALLTIPEAEKSPLMSEFQS
QISSNPELAAIFESIQKDSSSTNLESMDTS
;
A
2 'polypeptide(L)'
;MSNLSKGTGSRKDTKMRIRAFPMTMDEKYVNSIWDLLKNAIQEIQRKNNSGLSFEELYRNAYTMVLHKHGEKLYTGLREV
VTEHLINKVREDVLNSLNNNFLQTLNQAWNDHQTAMVMIRDILMYMDRVYVQQNNVENVYNLGLIIFRDQVVRYGCIRDH
LRQTLLDMIARERKGEVVDRGAIRNACQMLMILGLEGRSVYEEDFEAPFLEMSAEFFQMESQKFLAENSASVYIKKVEAR
INEEIERVMHCLDKSTEEPIVKVVERELISKHMKTIVEMENSGLVHMLKNGKTEDLGCMYKLFSRVPNGLKTMCECMSSY
LREQGKALVSEEGEGKNPVDYIQGLLDLKSRFDRFLLESFNNDRLFKQTIAGDFEYFLNLNSRSPEYLSLFIDDKLKKGV
KGLTEQEVETILDKAMVLFRFMQEKDVFERYYKQHLARRLLTNKSVSDDSEKNMISKLKTECGCQFTSKLEGMFRDMSIS
NTTMDEFRQHLQATGVSLGGVDLTVRVLTTGYWPTQSATPKCNIPPAPRHAFEIFRRFYLAKHSGRQLTLQHHMGSADLN
ATFYGPVKKEDGSEVGVGGAQVTGSNTRKHILQVSTFQMTILMLFNNREKYTFEEIQQETDIPERELVRALQSLACGKPT
QRVLTKEPKSKEIENGHIFTVNDQFTSKLHRVKIQTVAAKQGESDPERKETRQKVDDDRKHEIEAAIVRIMKSRKKMQHN
VLVAEVTQQLKARFLPSPVVIKKRIEGLIEREYLARTPEDRKVYTYVA
;
C
3 'polypeptide(L)'
;MAAAMDVDTPSGTNSGAGKKRFEVKKWNAVALWAWDIVVDNCAICRNHIMDLCIECQANQASATSEECTVAWGVCNHAFH
FHCISRWLKTRQVCPLDNREWEFQKYGH
;
E
#
loop_
_chem_comp.id
_chem_comp.type
_chem_comp.name
_chem_comp.formula
ZN non-polymer 'ZINC ION' 'Zn 2'
#
# COMPACT_ATOMS: atom_id res chain seq x y z
N ALA A 4 -1.21 -38.96 30.79
CA ALA A 4 -0.88 -40.14 31.57
C ALA A 4 -1.30 -41.42 30.86
N SER A 5 -0.62 -42.53 31.14
CA SER A 5 -0.96 -43.83 30.49
C SER A 5 -2.37 -44.25 30.91
N TYR A 6 -2.72 -43.98 32.17
CA TYR A 6 -4.06 -44.36 32.68
C TYR A 6 -5.14 -43.61 31.88
N HIS A 7 -4.90 -42.33 31.57
CA HIS A 7 -5.85 -41.53 30.76
C HIS A 7 -6.07 -42.20 29.41
N ILE A 8 -4.99 -42.61 28.74
CA ILE A 8 -5.10 -43.30 27.42
C ILE A 8 -5.93 -44.58 27.60
N SER A 9 -5.62 -45.37 28.64
CA SER A 9 -6.42 -46.59 28.90
C SER A 9 -7.90 -46.22 28.98
N ASN A 10 -8.25 -45.23 29.81
CA ASN A 10 -9.67 -44.79 29.99
C ASN A 10 -10.29 -44.43 28.64
N LEU A 11 -9.62 -43.60 27.84
CA LEU A 11 -10.27 -43.17 26.58
C LEU A 11 -10.48 -44.39 25.66
N LEU A 12 -9.48 -45.28 25.57
CA LEU A 12 -9.64 -46.52 24.75
C LEU A 12 -10.90 -47.25 25.25
N GLU A 13 -10.98 -47.49 26.56
CA GLU A 13 -12.15 -48.19 27.15
C GLU A 13 -13.45 -47.51 26.72
N LYS A 14 -13.57 -46.19 26.88
CA LYS A 14 -14.80 -45.46 26.48
C LYS A 14 -15.11 -45.75 25.01
N MET A 15 -14.15 -45.48 24.12
CA MET A 15 -14.36 -45.70 22.67
C MET A 15 -14.91 -47.11 22.43
N THR A 16 -14.32 -48.13 23.06
CA THR A 16 -14.79 -49.54 22.91
C THR A 16 -16.24 -49.66 23.39
N SER A 17 -16.50 -49.37 24.67
CA SER A 17 -17.89 -49.35 25.22
C SER A 17 -18.86 -48.79 24.16
N SER A 18 -18.46 -47.74 23.42
CA SER A 18 -19.27 -47.25 22.26
C SER A 18 -20.25 -46.14 22.65
N ASP A 19 -20.08 -45.56 23.83
CA ASP A 19 -20.89 -44.48 24.38
C ASP A 19 -20.50 -43.20 23.62
N LYS A 20 -21.45 -42.63 22.89
CA LYS A 20 -21.15 -41.50 22.01
C LYS A 20 -20.69 -40.28 22.79
N ASP A 21 -21.31 -39.98 23.93
CA ASP A 21 -20.84 -38.90 24.78
C ASP A 21 -19.44 -39.18 25.31
N PHE A 22 -19.23 -40.39 25.83
CA PHE A 22 -17.90 -40.78 26.30
C PHE A 22 -16.89 -40.80 25.17
N ARG A 23 -17.29 -41.29 23.99
CA ARG A 23 -16.39 -41.28 22.84
C ARG A 23 -15.96 -39.86 22.48
N PHE A 24 -16.93 -38.94 22.44
CA PHE A 24 -16.63 -37.55 22.09
C PHE A 24 -15.69 -36.92 23.11
N MET A 25 -15.98 -37.10 24.40
CA MET A 25 -15.12 -36.47 25.40
C MET A 25 -13.74 -37.12 25.44
N ALA A 26 -13.66 -38.43 25.22
CA ALA A 26 -12.37 -39.09 25.16
C ALA A 26 -11.55 -38.57 23.99
N THR A 27 -12.19 -38.37 22.83
CA THR A 27 -11.48 -37.82 21.68
C THR A 27 -11.02 -36.39 21.95
N ASN A 28 -11.87 -35.59 22.61
CA ASN A 28 -11.48 -34.22 22.94
C ASN A 28 -10.29 -34.21 23.89
N ASP A 29 -10.32 -35.08 24.90
CA ASP A 29 -9.18 -35.18 25.82
C ASP A 29 -7.93 -35.65 25.10
N LEU A 30 -8.07 -36.59 24.17
CA LEU A 30 -6.92 -37.05 23.38
C LEU A 30 -6.33 -35.90 22.59
N MET A 31 -7.18 -35.09 21.94
CA MET A 31 -6.68 -33.96 21.17
C MET A 31 -5.96 -32.96 22.06
N THR A 32 -6.56 -32.64 23.21
CA THR A 32 -5.94 -31.66 24.11
C THR A 32 -4.60 -32.16 24.64
N GLU A 33 -4.52 -33.44 25.01
CA GLU A 33 -3.29 -33.95 25.60
C GLU A 33 -2.21 -34.13 24.53
N LEU A 34 -2.61 -34.43 23.29
CA LEU A 34 -1.64 -34.51 22.21
C LEU A 34 -1.14 -33.13 21.80
N GLN A 35 -1.99 -32.10 21.97
CA GLN A 35 -1.61 -30.77 21.52
C GLN A 35 -0.47 -30.18 22.34
N LYS A 36 -0.53 -30.37 23.66
CA LYS A 36 0.54 -29.87 24.57
C LYS A 36 1.86 -30.59 24.25
N ASP A 37 1.97 -31.86 24.63
CA ASP A 37 3.25 -32.60 24.44
C ASP A 37 3.01 -34.12 24.47
N SER A 38 1.92 -34.59 23.84
CA SER A 38 1.59 -36.04 23.81
C SER A 38 1.95 -36.71 25.14
N ILE A 39 1.25 -36.33 26.22
CA ILE A 39 1.57 -36.86 27.58
C ILE A 39 1.54 -38.38 27.58
N LYS A 40 2.68 -39.03 27.87
CA LYS A 40 2.76 -40.51 27.97
C LYS A 40 2.26 -41.20 26.69
N LEU A 41 3.07 -41.21 25.64
CA LEU A 41 2.69 -41.92 24.39
C LEU A 41 3.85 -42.86 23.99
N ASP A 42 3.97 -44.01 24.68
CA ASP A 42 5.09 -44.95 24.43
C ASP A 42 4.77 -45.84 23.21
N ASP A 43 5.79 -46.48 22.62
CA ASP A 43 5.59 -47.36 21.45
C ASP A 43 4.34 -48.23 21.64
N ASP A 44 4.26 -48.96 22.75
CA ASP A 44 3.11 -49.88 22.99
C ASP A 44 1.79 -49.09 22.96
N SER A 45 1.71 -47.99 23.70
CA SER A 45 0.45 -47.20 23.77
C SER A 45 0.13 -46.57 22.40
N GLU A 46 1.16 -46.32 21.58
CA GLU A 46 0.94 -45.71 20.24
C GLU A 46 0.27 -46.74 19.32
N ARG A 47 0.58 -48.03 19.50
CA ARG A 47 0.03 -49.08 18.59
C ARG A 47 -1.50 -49.14 18.72
N LYS A 48 -2.04 -48.79 19.90
CA LYS A 48 -3.51 -48.91 20.11
C LYS A 48 -4.22 -47.59 19.80
N VAL A 49 -3.56 -46.44 20.03
CA VAL A 49 -4.24 -45.17 19.82
C VAL A 49 -4.48 -44.93 18.34
N VAL A 50 -3.52 -45.30 17.49
CA VAL A 50 -3.75 -45.13 16.05
C VAL A 50 -4.80 -46.13 15.56
N LYS A 51 -4.83 -47.33 16.11
CA LYS A 51 -5.88 -48.29 15.75
C LYS A 51 -7.25 -47.71 16.09
N MET A 52 -7.40 -47.18 17.31
CA MET A 52 -8.68 -46.60 17.72
C MET A 52 -9.01 -45.35 16.91
N ILE A 53 -7.99 -44.59 16.50
CA ILE A 53 -8.23 -43.39 15.70
C ILE A 53 -8.79 -43.77 14.33
N LEU A 54 -8.18 -44.77 13.69
CA LEU A 54 -8.71 -45.23 12.41
C LEU A 54 -10.11 -45.80 12.56
N LYS A 55 -10.35 -46.59 13.61
CA LYS A 55 -11.67 -47.15 13.82
C LYS A 55 -12.71 -46.05 14.06
N LEU A 56 -12.37 -45.03 14.86
CA LEU A 56 -13.24 -43.89 15.08
C LEU A 56 -13.49 -43.13 13.79
N LEU A 57 -12.50 -43.09 12.90
CA LEU A 57 -12.72 -42.53 11.57
C LEU A 57 -13.75 -43.34 10.81
N GLU A 58 -13.73 -44.66 10.96
CA GLU A 58 -14.53 -45.49 10.05
C GLU A 58 -15.95 -45.75 10.54
N ASP A 59 -16.21 -45.73 11.84
CA ASP A 59 -17.39 -46.44 12.35
C ASP A 59 -18.72 -45.67 12.30
N LYS A 60 -18.85 -44.58 13.05
CA LYS A 60 -20.14 -44.11 13.55
C LYS A 60 -20.13 -42.58 13.61
N ASN A 61 -20.96 -41.95 14.45
CA ASN A 61 -21.41 -40.56 14.43
C ASN A 61 -20.36 -39.56 13.96
N GLY A 62 -20.81 -38.60 13.15
CA GLY A 62 -19.88 -37.67 12.53
C GLY A 62 -19.17 -36.75 13.51
N GLU A 63 -19.77 -36.57 14.70
CA GLU A 63 -19.13 -35.72 15.73
C GLU A 63 -17.83 -36.38 16.19
N VAL A 64 -17.90 -37.66 16.58
CA VAL A 64 -16.66 -38.39 16.96
C VAL A 64 -15.68 -38.31 15.78
N GLN A 65 -16.16 -38.51 14.55
CA GLN A 65 -15.27 -38.54 13.35
C GLN A 65 -14.41 -37.28 13.21
N ASN A 66 -14.98 -36.08 13.33
CA ASN A 66 -14.18 -34.85 13.09
C ASN A 66 -13.13 -34.68 14.20
N LEU A 67 -13.49 -35.03 15.44
CA LEU A 67 -12.52 -34.92 16.56
C LEU A 67 -11.42 -35.94 16.34
N ALA A 68 -11.76 -37.11 15.78
CA ALA A 68 -10.76 -38.16 15.49
C ALA A 68 -9.83 -37.67 14.38
N VAL A 69 -10.37 -36.92 13.41
CA VAL A 69 -9.53 -36.33 12.32
C VAL A 69 -8.59 -35.29 12.94
N LYS A 70 -9.11 -34.53 13.91
CA LYS A 70 -8.30 -33.47 14.59
C LYS A 70 -7.16 -34.14 15.35
N CYS A 71 -7.46 -35.16 16.16
CA CYS A 71 -6.41 -35.90 16.90
C CYS A 71 -5.33 -36.36 15.92
N LEU A 72 -5.73 -36.93 14.78
CA LEU A 72 -4.76 -37.40 13.75
C LEU A 72 -3.74 -36.30 13.47
N GLY A 73 -4.17 -35.04 13.42
CA GLY A 73 -3.23 -33.90 13.22
C GLY A 73 -2.12 -33.91 14.26
N PRO A 74 -2.32 -33.42 15.51
CA PRO A 74 -1.31 -33.52 16.56
C PRO A 74 -0.61 -34.89 16.61
N LEU A 75 -1.34 -35.98 16.39
CA LEU A 75 -0.69 -37.33 16.34
C LEU A 75 0.41 -37.30 15.29
N VAL A 76 0.06 -37.12 14.00
CA VAL A 76 1.06 -37.05 12.90
C VAL A 76 2.27 -36.21 13.34
N SER A 77 2.04 -35.04 13.95
CA SER A 77 3.15 -34.14 14.34
C SER A 77 3.94 -34.69 15.53
N LYS A 78 3.27 -35.38 16.46
CA LYS A 78 3.95 -35.85 17.70
C LYS A 78 4.05 -37.38 17.71
N VAL A 79 4.00 -38.02 16.54
CA VAL A 79 4.18 -39.49 16.47
C VAL A 79 5.47 -39.80 15.69
N LYS A 80 5.77 -41.07 15.43
CA LYS A 80 7.05 -41.42 14.79
C LYS A 80 6.89 -41.85 13.34
N GLU A 81 7.99 -42.29 12.73
CA GLU A 81 8.04 -42.49 11.28
C GLU A 81 7.17 -43.66 10.82
N TYR A 82 7.13 -44.74 11.61
CA TYR A 82 6.37 -45.95 11.20
C TYR A 82 4.86 -45.65 11.24
N GLN A 83 4.37 -45.09 12.35
CA GLN A 83 2.92 -44.86 12.52
C GLN A 83 2.38 -43.87 11.48
N VAL A 84 3.11 -42.80 11.19
CA VAL A 84 2.67 -41.86 10.12
C VAL A 84 2.45 -42.67 8.84
N GLU A 85 3.47 -43.40 8.40
CA GLU A 85 3.36 -44.22 7.15
C GLU A 85 2.12 -45.11 7.24
N THR A 86 1.94 -45.82 8.37
CA THR A 86 0.78 -46.74 8.53
C THR A 86 -0.53 -45.98 8.29
N ILE A 87 -0.77 -44.89 9.02
CA ILE A 87 -2.08 -44.18 8.89
C ILE A 87 -2.22 -43.62 7.46
N VAL A 88 -1.13 -43.18 6.83
CA VAL A 88 -1.18 -42.68 5.42
C VAL A 88 -1.71 -43.82 4.55
N ASP A 89 -1.06 -44.99 4.60
CA ASP A 89 -1.49 -46.16 3.80
C ASP A 89 -2.97 -46.45 4.08
N THR A 90 -3.38 -46.42 5.35
CA THR A 90 -4.79 -46.79 5.66
C THR A 90 -5.75 -45.78 4.99
N LEU A 91 -5.51 -44.48 5.14
CA LEU A 91 -6.36 -43.46 4.47
C LEU A 91 -6.38 -43.72 2.97
N CYS A 92 -5.22 -43.98 2.37
CA CYS A 92 -5.13 -44.24 0.91
C CYS A 92 -6.06 -45.39 0.55
N THR A 93 -5.95 -46.53 1.25
CA THR A 93 -6.79 -47.72 0.93
C THR A 93 -8.27 -47.37 1.12
N ASN A 94 -8.61 -46.64 2.19
CA ASN A 94 -10.02 -46.22 2.43
C ASN A 94 -10.55 -45.44 1.23
N MET A 95 -9.77 -44.49 0.72
CA MET A 95 -10.29 -43.64 -0.40
C MET A 95 -10.27 -44.42 -1.72
N LEU A 96 -9.40 -45.44 -1.83
CA LEU A 96 -9.27 -46.20 -3.10
C LEU A 96 -10.37 -47.27 -3.19
N SER A 97 -10.89 -47.72 -2.04
CA SER A 97 -11.91 -48.80 -2.02
C SER A 97 -13.31 -48.21 -2.18
N ASP A 98 -14.34 -48.94 -1.73
CA ASP A 98 -15.75 -48.47 -1.88
C ASP A 98 -16.18 -47.74 -0.61
N LYS A 99 -17.44 -47.90 -0.20
CA LYS A 99 -17.98 -47.24 1.03
C LYS A 99 -17.97 -45.71 0.84
N GLU A 100 -19.07 -45.13 0.36
CA GLU A 100 -19.15 -43.71 0.10
C GLU A 100 -18.42 -42.85 1.14
N GLN A 101 -18.72 -43.04 2.42
CA GLN A 101 -18.26 -42.10 3.43
C GLN A 101 -16.76 -42.18 3.66
N LEU A 102 -16.22 -43.40 3.75
CA LEU A 102 -14.78 -43.55 3.98
C LEU A 102 -13.97 -42.74 2.97
N ARG A 103 -14.43 -42.69 1.71
CA ARG A 103 -13.69 -41.95 0.69
C ARG A 103 -13.51 -40.48 1.08
N ASP A 104 -14.61 -39.79 1.41
CA ASP A 104 -14.48 -38.35 1.60
C ASP A 104 -13.85 -38.03 2.96
N ILE A 105 -14.14 -38.84 3.99
CA ILE A 105 -13.50 -38.54 5.27
C ILE A 105 -12.00 -38.81 5.19
N SER A 106 -11.59 -39.86 4.45
CA SER A 106 -10.17 -40.13 4.29
C SER A 106 -9.50 -39.07 3.43
N SER A 107 -10.21 -38.54 2.43
CA SER A 107 -9.64 -37.44 1.66
C SER A 107 -9.42 -36.21 2.53
N ILE A 108 -10.39 -35.90 3.41
CA ILE A 108 -10.22 -34.78 4.33
C ILE A 108 -9.07 -35.04 5.29
N GLY A 109 -8.97 -36.28 5.78
CA GLY A 109 -7.88 -36.63 6.67
C GLY A 109 -6.52 -36.48 6.03
N LEU A 110 -6.39 -36.99 4.79
CA LEU A 110 -5.07 -36.97 4.10
C LEU A 110 -4.63 -35.52 3.90
N LYS A 111 -5.58 -34.59 3.81
CA LYS A 111 -5.24 -33.15 3.67
C LYS A 111 -4.57 -32.68 4.97
N THR A 112 -5.12 -33.07 6.12
CA THR A 112 -4.52 -32.67 7.42
C THR A 112 -3.14 -33.33 7.59
N VAL A 113 -2.93 -34.49 6.96
CA VAL A 113 -1.60 -35.17 7.03
C VAL A 113 -0.55 -34.25 6.38
N ILE A 114 -0.76 -33.84 5.13
CA ILE A 114 0.27 -33.01 4.42
C ILE A 114 0.22 -31.57 4.94
N GLY A 115 -0.81 -31.23 5.74
CA GLY A 115 -0.88 -29.89 6.33
C GLY A 115 -0.14 -29.83 7.66
N GLU A 116 -0.13 -30.92 8.41
CA GLU A 116 0.53 -30.94 9.75
C GLU A 116 1.97 -31.44 9.60
N LEU A 117 2.29 -32.07 8.46
CA LEU A 117 3.69 -32.51 8.21
C LEU A 117 4.26 -31.75 7.02
N PRO A 118 5.24 -30.83 7.21
CA PRO A 118 5.88 -30.13 6.11
C PRO A 118 6.81 -31.07 5.33
N SER A 124 10.15 -31.99 4.62
CA SER A 124 11.41 -32.26 5.30
C SER A 124 11.83 -33.71 5.16
N ALA A 125 12.91 -34.10 5.84
CA ALA A 125 13.37 -35.48 5.80
C ALA A 125 12.36 -36.43 6.43
N LEU A 126 11.68 -36.00 7.50
CA LEU A 126 10.68 -36.84 8.14
C LEU A 126 9.51 -37.12 7.19
N ALA A 127 9.08 -36.12 6.44
CA ALA A 127 7.93 -36.24 5.56
C ALA A 127 8.29 -36.70 4.15
N ALA A 128 9.60 -36.83 3.85
CA ALA A 128 10.02 -37.21 2.51
C ALA A 128 9.56 -38.63 2.17
N ASN A 129 9.99 -39.62 2.94
CA ASN A 129 9.50 -40.98 2.75
C ASN A 129 8.00 -41.07 2.96
N VAL A 130 7.43 -40.17 3.79
CA VAL A 130 5.99 -40.15 3.98
C VAL A 130 5.28 -39.79 2.69
N CYS A 131 5.70 -38.70 2.04
CA CYS A 131 5.02 -38.27 0.82
C CYS A 131 5.35 -39.17 -0.36
N LYS A 132 6.50 -39.86 -0.30
CA LYS A 132 6.82 -40.82 -1.35
C LYS A 132 5.74 -41.90 -1.45
N LYS A 133 5.32 -42.43 -0.30
CA LYS A 133 4.29 -43.47 -0.29
C LYS A 133 2.95 -42.93 -0.76
N ILE A 134 2.61 -41.70 -0.37
CA ILE A 134 1.36 -41.10 -0.82
C ILE A 134 1.36 -40.97 -2.34
N THR A 135 2.48 -40.50 -2.90
CA THR A 135 2.60 -40.40 -4.35
C THR A 135 2.49 -41.77 -5.01
N GLY A 136 3.13 -42.78 -4.41
CA GLY A 136 3.08 -44.12 -4.93
C GLY A 136 1.67 -44.69 -5.00
N ARG A 137 0.89 -44.48 -3.95
CA ARG A 137 -0.50 -44.95 -3.97
C ARG A 137 -1.35 -44.11 -4.93
N LEU A 138 -1.12 -42.80 -4.96
CA LEU A 138 -1.93 -41.94 -5.83
C LEU A 138 -1.69 -42.22 -7.31
N THR A 139 -0.45 -42.56 -7.68
CA THR A 139 -0.16 -42.87 -9.07
C THR A 139 -0.97 -44.06 -9.55
N SER A 140 -1.07 -45.10 -8.72
CA SER A 140 -1.95 -46.22 -9.05
C SER A 140 -3.42 -45.81 -8.96
N ALA A 141 -3.73 -44.83 -8.12
CA ALA A 141 -5.12 -44.40 -7.95
C ALA A 141 -5.60 -43.61 -9.17
N ILE A 142 -4.68 -43.00 -9.91
CA ILE A 142 -5.05 -42.16 -11.04
C ILE A 142 -4.87 -42.91 -12.34
N ALA A 143 -4.96 -44.25 -12.27
CA ALA A 143 -4.85 -45.07 -13.47
C ALA A 143 -5.97 -44.74 -14.46
N LYS A 144 -5.77 -45.14 -15.71
CA LYS A 144 -6.70 -44.78 -16.77
C LYS A 144 -8.04 -45.51 -16.65
N GLN A 145 -8.15 -46.49 -15.76
CA GLN A 145 -9.41 -47.18 -15.55
C GLN A 145 -10.48 -46.24 -15.03
N GLU A 146 -11.72 -46.47 -15.44
CA GLU A 146 -12.83 -45.56 -15.16
C GLU A 146 -13.32 -45.72 -13.71
N ASP A 147 -12.89 -44.81 -12.84
CA ASP A 147 -13.28 -44.84 -11.44
C ASP A 147 -13.63 -43.41 -10.98
N VAL A 148 -14.48 -42.73 -11.76
CA VAL A 148 -14.64 -41.28 -11.79
C VAL A 148 -14.42 -40.61 -10.44
N SER A 149 -15.12 -41.09 -9.40
CA SER A 149 -14.99 -40.50 -8.07
C SER A 149 -13.58 -40.70 -7.52
N VAL A 150 -13.01 -41.89 -7.76
CA VAL A 150 -11.68 -42.20 -7.24
C VAL A 150 -10.64 -41.26 -7.83
N GLN A 151 -10.68 -41.02 -9.13
CA GLN A 151 -9.76 -40.05 -9.72
C GLN A 151 -10.08 -38.63 -9.26
N LEU A 152 -11.36 -38.31 -9.05
CA LEU A 152 -11.67 -36.98 -8.52
C LEU A 152 -10.92 -36.74 -7.22
N GLU A 153 -11.07 -37.64 -6.26
CA GLU A 153 -10.37 -37.49 -4.98
C GLU A 153 -8.87 -37.59 -5.16
N ALA A 154 -8.41 -38.48 -6.05
CA ALA A 154 -6.98 -38.73 -6.21
C ALA A 154 -6.27 -37.50 -6.77
N LEU A 155 -6.77 -36.93 -7.86
CA LEU A 155 -6.22 -35.67 -8.36
C LEU A 155 -6.39 -34.53 -7.35
N ASP A 156 -7.47 -34.53 -6.57
CA ASP A 156 -7.59 -33.52 -5.52
C ASP A 156 -6.38 -33.58 -4.58
N ILE A 157 -6.16 -34.74 -3.94
CA ILE A 157 -5.04 -34.85 -3.01
C ILE A 157 -3.70 -34.77 -3.73
N MET A 158 -3.71 -35.02 -5.05
CA MET A 158 -2.47 -35.06 -5.82
C MET A 158 -1.96 -33.64 -6.04
N ALA A 159 -2.82 -32.79 -6.60
CA ALA A 159 -2.52 -31.37 -6.70
C ALA A 159 -2.34 -30.75 -5.32
N ASP A 160 -3.01 -31.29 -4.31
CA ASP A 160 -2.79 -30.85 -2.94
C ASP A 160 -1.34 -31.07 -2.51
N MET A 161 -0.83 -32.28 -2.76
CA MET A 161 0.53 -32.62 -2.39
C MET A 161 1.53 -31.71 -3.11
N LEU A 162 1.28 -31.44 -4.39
CA LEU A 162 2.15 -30.49 -5.09
C LEU A 162 2.04 -29.08 -4.53
N SER A 163 0.82 -28.64 -4.18
CA SER A 163 0.64 -27.28 -3.70
C SER A 163 1.38 -27.05 -2.39
N ARG A 164 1.26 -27.99 -1.45
CA ARG A 164 1.89 -27.77 -0.14
C ARG A 164 3.31 -28.33 -0.08
N GLN A 165 3.60 -29.41 -0.80
CA GLN A 165 4.95 -29.96 -0.85
C GLN A 165 5.52 -29.74 -2.25
N GLY A 166 6.31 -28.68 -2.40
CA GLY A 166 6.89 -28.33 -3.67
C GLY A 166 8.41 -28.41 -3.68
N GLY A 167 9.03 -28.29 -2.52
CA GLY A 167 10.48 -28.35 -2.42
C GLY A 167 11.01 -29.77 -2.45
N LEU A 168 10.09 -30.74 -2.47
CA LEU A 168 10.45 -32.15 -2.51
C LEU A 168 9.75 -32.83 -3.67
N LEU A 169 9.78 -34.17 -3.69
CA LEU A 169 9.11 -35.00 -4.69
C LEU A 169 9.72 -34.86 -6.08
N VAL A 170 10.95 -34.37 -6.18
CA VAL A 170 11.59 -34.11 -7.47
C VAL A 170 11.86 -35.43 -8.19
N ASN A 171 12.05 -36.51 -7.43
CA ASN A 171 12.34 -37.81 -8.03
C ASN A 171 11.09 -38.45 -8.63
N PHE A 172 9.94 -38.30 -7.98
CA PHE A 172 8.71 -38.92 -8.46
C PHE A 172 8.03 -38.11 -9.56
N HIS A 173 8.57 -36.93 -9.88
CA HIS A 173 7.96 -36.06 -10.89
C HIS A 173 7.83 -36.70 -12.26
N PRO A 174 8.85 -37.37 -12.83
CA PRO A 174 8.60 -38.08 -14.10
C PRO A 174 7.51 -39.14 -14.00
N SER A 175 7.43 -39.85 -12.87
CA SER A 175 6.42 -40.88 -12.72
C SER A 175 5.02 -40.29 -12.71
N ILE A 176 4.83 -39.15 -12.05
CA ILE A 176 3.50 -38.54 -12.08
C ILE A 176 3.23 -37.92 -13.46
N LEU A 177 4.30 -37.53 -14.17
CA LEU A 177 4.12 -37.08 -15.55
C LEU A 177 3.53 -38.19 -16.43
N THR A 178 4.15 -39.37 -16.40
CA THR A 178 3.70 -40.45 -17.29
C THR A 178 2.27 -40.89 -17.01
N CYS A 179 1.75 -40.64 -15.81
CA CYS A 179 0.38 -40.99 -15.48
C CYS A 179 -0.58 -39.81 -15.48
N LEU A 180 -0.06 -38.58 -15.58
CA LEU A 180 -0.93 -37.41 -15.63
C LEU A 180 -1.19 -36.98 -17.06
N LEU A 181 -0.18 -37.06 -17.93
CA LEU A 181 -0.36 -36.65 -19.32
C LEU A 181 -1.47 -37.41 -20.05
N PRO A 182 -1.59 -38.73 -19.99
CA PRO A 182 -2.68 -39.41 -20.69
C PRO A 182 -4.05 -39.27 -20.04
N GLN A 183 -4.17 -38.51 -18.96
CA GLN A 183 -5.44 -38.34 -18.26
C GLN A 183 -6.20 -37.11 -18.72
N LEU A 184 -5.71 -36.42 -19.76
CA LEU A 184 -6.35 -35.22 -20.27
C LEU A 184 -7.34 -35.51 -21.39
N THR A 185 -7.55 -36.77 -21.73
CA THR A 185 -8.46 -37.15 -22.81
C THR A 185 -9.67 -37.93 -22.31
N SER A 186 -9.86 -37.98 -21.00
CA SER A 186 -10.97 -38.75 -20.43
C SER A 186 -12.30 -38.09 -20.78
N PRO A 187 -13.37 -38.87 -21.01
CA PRO A 187 -14.66 -38.28 -21.39
C PRO A 187 -15.25 -37.35 -20.34
N ARG A 188 -15.11 -37.67 -19.05
CA ARG A 188 -15.73 -36.88 -17.99
C ARG A 188 -15.06 -35.51 -17.92
N LEU A 189 -15.89 -34.46 -17.86
CA LEU A 189 -15.40 -33.10 -18.07
C LEU A 189 -14.74 -32.46 -16.86
N ALA A 190 -14.93 -33.01 -15.65
CA ALA A 190 -14.35 -32.38 -14.47
C ALA A 190 -12.92 -32.84 -14.22
N VAL A 191 -12.64 -34.13 -14.41
CA VAL A 191 -11.29 -34.65 -14.17
C VAL A 191 -10.27 -34.01 -15.10
N ARG A 192 -10.69 -33.57 -16.29
CA ARG A 192 -9.79 -32.83 -17.16
C ARG A 192 -9.36 -31.52 -16.50
N LYS A 193 -10.30 -30.79 -15.91
CA LYS A 193 -9.96 -29.58 -15.18
C LYS A 193 -9.05 -29.89 -13.99
N ARG A 194 -9.37 -30.95 -13.25
CA ARG A 194 -8.52 -31.32 -12.10
C ARG A 194 -7.11 -31.64 -12.56
N THR A 195 -6.97 -32.26 -13.73
CA THR A 195 -5.64 -32.55 -14.25
C THR A 195 -4.91 -31.27 -14.63
N ILE A 196 -5.62 -30.28 -15.18
CA ILE A 196 -4.96 -29.00 -15.47
C ILE A 196 -4.44 -28.36 -14.18
N ILE A 197 -5.25 -28.39 -13.12
CA ILE A 197 -4.78 -27.87 -11.83
C ILE A 197 -3.58 -28.67 -11.35
N ALA A 198 -3.59 -29.99 -11.58
CA ALA A 198 -2.47 -30.83 -11.17
C ALA A 198 -1.19 -30.44 -11.89
N LEU A 199 -1.27 -30.21 -13.20
CA LEU A 199 -0.07 -29.81 -13.92
C LEU A 199 0.40 -28.41 -13.53
N GLY A 200 -0.53 -27.50 -13.20
CA GLY A 200 -0.10 -26.21 -12.69
C GLY A 200 0.65 -26.34 -11.37
N HIS A 201 0.06 -27.07 -10.42
CA HIS A 201 0.72 -27.31 -9.14
C HIS A 201 2.01 -28.11 -9.32
N LEU A 202 2.17 -28.77 -10.46
CA LEU A 202 3.41 -29.51 -10.72
C LEU A 202 4.46 -28.59 -11.32
N VAL A 203 4.05 -27.59 -12.11
CA VAL A 203 5.01 -26.72 -12.77
C VAL A 203 5.47 -25.60 -11.84
N MET A 204 4.74 -25.35 -10.74
CA MET A 204 5.30 -24.40 -9.77
C MET A 204 6.57 -24.95 -9.13
N SER A 205 6.75 -26.27 -9.14
CA SER A 205 7.78 -26.90 -8.31
C SER A 205 9.13 -27.05 -8.98
N CYS A 206 9.61 -26.00 -9.65
CA CYS A 206 11.00 -25.83 -10.07
C CYS A 206 11.71 -27.09 -10.56
N PHE A 211 11.18 -27.74 -11.60
CA PHE A 211 11.83 -28.90 -12.21
C PHE A 211 11.94 -28.64 -13.71
N VAL A 212 13.14 -28.26 -14.17
CA VAL A 212 13.27 -27.72 -15.52
C VAL A 212 13.00 -28.78 -16.58
N ASP A 213 13.83 -29.83 -16.70
CA ASP A 213 13.65 -30.81 -17.81
C ASP A 213 12.16 -31.14 -18.01
N LEU A 214 11.43 -31.45 -16.94
CA LEU A 214 9.99 -31.83 -17.02
C LEU A 214 9.19 -30.89 -17.92
N ILE A 215 9.22 -29.59 -17.64
CA ILE A 215 8.35 -28.64 -18.42
C ILE A 215 8.74 -28.66 -19.89
N GLU A 216 10.04 -28.57 -20.21
CA GLU A 216 10.45 -28.65 -21.64
C GLU A 216 9.86 -29.93 -22.26
N HIS A 217 10.02 -31.07 -21.58
CA HIS A 217 9.45 -32.35 -22.07
C HIS A 217 7.96 -32.19 -22.39
N LEU A 218 7.13 -31.80 -21.42
CA LEU A 218 5.66 -31.75 -21.69
C LEU A 218 5.31 -30.72 -22.77
N LEU A 219 6.09 -29.64 -22.88
CA LEU A 219 5.85 -28.63 -23.93
C LEU A 219 6.10 -29.25 -25.31
N SER A 220 7.25 -29.93 -25.48
CA SER A 220 7.49 -30.65 -26.75
C SER A 220 6.36 -31.64 -27.00
N GLU A 221 5.89 -32.30 -25.93
CA GLU A 221 4.76 -33.26 -26.04
C GLU A 221 3.55 -32.57 -26.68
N LEU A 222 3.05 -31.47 -26.09
CA LEU A 222 1.81 -30.86 -26.64
C LEU A 222 2.10 -30.29 -28.04
N SER A 223 3.33 -29.88 -28.29
CA SER A 223 3.71 -29.39 -29.65
C SER A 223 3.46 -30.52 -30.66
N LYS A 224 4.05 -31.70 -30.43
CA LYS A 224 3.85 -32.85 -31.35
C LYS A 224 2.36 -33.26 -31.36
N ASN A 225 1.65 -33.03 -30.27
CA ASN A 225 0.22 -33.43 -30.15
C ASN A 225 -0.71 -32.52 -30.98
N ASP A 226 -0.34 -31.26 -31.24
CA ASP A 226 -1.21 -30.41 -32.12
C ASP A 226 -1.39 -31.02 -33.52
N SER A 227 -2.16 -32.12 -33.67
CA SER A 227 -2.22 -32.81 -34.94
C SER A 227 -3.68 -33.11 -35.31
N MET A 228 -4.54 -32.09 -35.24
CA MET A 228 -5.96 -32.20 -35.54
C MET A 228 -6.61 -33.23 -34.62
N SER A 229 -6.66 -32.90 -33.32
CA SER A 229 -7.37 -33.72 -32.35
C SER A 229 -8.52 -32.93 -31.76
N THR A 230 -9.71 -33.54 -31.74
CA THR A 230 -10.91 -32.84 -31.28
C THR A 230 -10.93 -32.75 -29.75
N THR A 231 -10.34 -31.68 -29.21
CA THR A 231 -10.30 -31.47 -27.77
C THR A 231 -10.05 -30.01 -27.44
N ARG A 232 -11.01 -29.37 -26.78
CA ARG A 232 -10.89 -27.97 -26.38
C ARG A 232 -10.34 -27.80 -24.97
N THR A 233 -10.61 -28.74 -24.07
CA THR A 233 -10.07 -28.66 -22.73
C THR A 233 -8.55 -28.74 -22.71
N TYR A 234 -7.94 -29.36 -23.72
CA TYR A 234 -6.48 -29.36 -23.77
C TYR A 234 -5.96 -28.01 -24.24
N ILE A 235 -6.73 -27.31 -25.06
CA ILE A 235 -6.40 -25.93 -25.40
C ILE A 235 -6.46 -25.05 -24.16
N GLN A 236 -7.51 -25.19 -23.34
CA GLN A 236 -7.51 -24.42 -22.11
C GLN A 236 -6.48 -24.94 -21.11
N CYS A 237 -6.05 -26.19 -21.28
CA CYS A 237 -4.96 -26.74 -20.48
C CYS A 237 -3.65 -26.04 -20.77
N ILE A 238 -3.29 -25.91 -22.04
CA ILE A 238 -2.07 -25.19 -22.38
C ILE A 238 -2.22 -23.72 -22.01
N ALA A 239 -3.45 -23.18 -22.11
CA ALA A 239 -3.70 -21.82 -21.64
C ALA A 239 -3.34 -21.67 -20.16
N ALA A 240 -3.86 -22.56 -19.32
CA ALA A 240 -3.60 -22.46 -17.89
C ALA A 240 -2.16 -22.78 -17.53
N ILE A 241 -1.51 -23.69 -18.27
CA ILE A 241 -0.11 -23.99 -17.98
C ILE A 241 0.77 -22.79 -18.34
N SER A 242 0.42 -22.08 -19.42
CA SER A 242 1.11 -20.82 -19.72
C SER A 242 0.83 -19.79 -18.65
N ARG A 243 -0.42 -19.75 -18.16
CA ARG A 243 -0.78 -18.85 -17.07
C ARG A 243 0.10 -19.08 -15.85
N GLN A 244 0.37 -20.36 -15.54
CA GLN A 244 1.07 -20.68 -14.31
C GLN A 244 2.58 -20.60 -14.49
N ALA A 245 3.06 -20.72 -15.72
CA ALA A 245 4.49 -20.65 -15.99
C ALA A 245 5.08 -19.31 -15.58
N GLY A 246 4.38 -18.22 -15.90
CA GLY A 246 4.71 -16.88 -15.47
C GLY A 246 5.69 -16.08 -16.30
N HIS A 247 7.00 -16.27 -16.10
CA HIS A 247 8.02 -15.41 -16.70
C HIS A 247 9.21 -16.23 -17.18
N ARG A 248 8.91 -17.39 -17.75
CA ARG A 248 9.97 -18.27 -18.24
C ARG A 248 9.56 -18.87 -19.57
N ILE A 249 8.34 -18.57 -20.02
CA ILE A 249 7.72 -19.28 -21.13
C ILE A 249 7.66 -18.39 -22.36
N GLY A 250 8.62 -17.48 -22.51
CA GLY A 250 8.64 -16.62 -23.68
C GLY A 250 8.90 -17.34 -24.99
N GLU A 251 9.93 -18.19 -25.05
CA GLU A 251 10.22 -18.91 -26.29
C GLU A 251 9.14 -19.92 -26.63
N TYR A 252 8.69 -20.71 -25.65
CA TYR A 252 7.58 -21.61 -25.89
C TYR A 252 6.31 -20.85 -26.27
N LEU A 253 6.15 -19.62 -25.76
CA LEU A 253 5.03 -18.79 -26.16
C LEU A 253 5.12 -18.38 -27.63
N GLU A 254 6.31 -17.97 -28.05
CA GLU A 254 6.54 -17.67 -29.46
C GLU A 254 6.24 -18.89 -30.31
N LYS A 255 6.54 -20.06 -29.76
CA LYS A 255 6.21 -21.31 -30.46
C LYS A 255 4.70 -21.49 -30.62
N ILE A 256 3.95 -21.31 -29.52
CA ILE A 256 2.52 -21.68 -29.57
C ILE A 256 1.71 -20.61 -30.28
N ILE A 257 2.26 -19.39 -30.39
CA ILE A 257 1.52 -18.26 -30.95
C ILE A 257 0.94 -18.60 -32.33
N PRO A 258 1.73 -19.13 -33.28
CA PRO A 258 1.13 -19.56 -34.56
C PRO A 258 0.06 -20.62 -34.35
N LEU A 259 0.29 -21.54 -33.41
CA LEU A 259 -0.69 -22.60 -33.17
C LEU A 259 -2.00 -22.03 -32.64
N VAL A 260 -1.93 -21.09 -31.69
CA VAL A 260 -3.18 -20.56 -31.13
C VAL A 260 -3.91 -19.71 -32.15
N VAL A 261 -3.20 -18.91 -32.95
CA VAL A 261 -3.91 -18.10 -33.94
C VAL A 261 -4.53 -19.00 -35.00
N LYS A 262 -3.83 -20.08 -35.38
CA LYS A 262 -4.40 -21.02 -36.34
C LYS A 262 -5.63 -21.72 -35.78
N PHE A 263 -5.59 -22.11 -34.49
CA PHE A 263 -6.73 -22.78 -33.89
C PHE A 263 -7.88 -21.81 -33.64
N CYS A 264 -7.59 -20.51 -33.59
CA CYS A 264 -8.65 -19.52 -33.46
C CYS A 264 -9.23 -19.17 -34.83
N ASN A 265 -8.46 -19.42 -35.89
CA ASN A 265 -8.92 -19.16 -37.25
C ASN A 265 -10.17 -19.97 -37.59
N VAL A 266 -10.19 -21.25 -37.20
CA VAL A 266 -11.36 -22.09 -37.48
C VAL A 266 -12.52 -21.64 -36.61
N ASP A 267 -13.70 -21.48 -37.23
CA ASP A 267 -14.89 -20.98 -36.55
C ASP A 267 -15.37 -22.01 -35.53
N ASP A 268 -15.36 -21.58 -34.27
CA ASP A 268 -15.82 -22.40 -33.16
C ASP A 268 -16.22 -21.49 -32.00
N ASP A 269 -17.10 -22.02 -31.13
CA ASP A 269 -17.60 -21.27 -29.99
C ASP A 269 -16.59 -21.10 -28.89
N GLU A 270 -15.43 -21.77 -28.97
CA GLU A 270 -14.39 -21.67 -27.96
C GLU A 270 -13.34 -20.62 -28.33
N LEU A 271 -13.68 -19.71 -29.24
CA LEU A 271 -12.87 -18.53 -29.44
C LEU A 271 -12.68 -17.77 -28.14
N ARG A 272 -13.65 -17.85 -27.22
CA ARG A 272 -13.46 -17.31 -25.88
C ARG A 272 -12.24 -17.94 -25.21
N GLU A 273 -12.11 -19.26 -25.29
CA GLU A 273 -10.98 -19.93 -24.63
C GLU A 273 -9.66 -19.59 -25.30
N TYR A 274 -9.62 -19.58 -26.63
CA TYR A 274 -8.35 -19.24 -27.27
C TYR A 274 -7.98 -17.77 -27.05
N CYS A 275 -8.98 -16.89 -26.90
CA CYS A 275 -8.67 -15.52 -26.52
C CYS A 275 -8.23 -15.42 -25.07
N ILE A 276 -8.73 -16.29 -24.18
CA ILE A 276 -8.16 -16.37 -22.83
C ILE A 276 -6.67 -16.72 -22.92
N GLN A 277 -6.33 -17.73 -23.72
CA GLN A 277 -4.93 -18.04 -23.95
C GLN A 277 -4.16 -16.81 -24.41
N ALA A 278 -4.69 -16.13 -25.43
CA ALA A 278 -3.98 -15.01 -26.03
C ALA A 278 -3.75 -13.89 -25.01
N PHE A 279 -4.79 -13.53 -24.25
CA PHE A 279 -4.66 -12.39 -23.35
C PHE A 279 -3.76 -12.72 -22.16
N GLU A 280 -3.89 -13.93 -21.61
CA GLU A 280 -3.03 -14.32 -20.50
C GLU A 280 -1.58 -14.39 -20.94
N SER A 281 -1.34 -15.11 -22.03
CA SER A 281 0.04 -15.25 -22.56
C SER A 281 0.67 -13.86 -22.70
N PHE A 282 -0.13 -12.87 -23.10
CA PHE A 282 0.43 -11.51 -23.33
C PHE A 282 0.52 -10.73 -22.02
N VAL A 283 -0.48 -10.87 -21.14
CA VAL A 283 -0.51 -10.05 -19.88
C VAL A 283 0.69 -10.39 -18.99
N ARG A 284 1.24 -11.60 -19.10
CA ARG A 284 2.32 -12.00 -18.15
C ARG A 284 3.69 -11.98 -18.85
N ARG A 285 3.79 -11.28 -19.98
CA ARG A 285 5.10 -11.15 -20.68
C ARG A 285 5.26 -9.72 -21.22
N CYS A 286 6.51 -9.26 -21.32
CA CYS A 286 6.77 -7.90 -21.88
C CYS A 286 7.57 -8.04 -23.17
N PRO A 287 6.93 -8.24 -24.35
CA PRO A 287 7.65 -8.47 -25.61
C PRO A 287 7.86 -7.18 -26.42
N LYS A 288 8.03 -7.33 -27.74
CA LYS A 288 8.26 -6.15 -28.62
C LYS A 288 7.54 -6.38 -29.96
N GLU A 289 6.75 -7.46 -30.07
CA GLU A 289 6.10 -7.79 -31.36
C GLU A 289 4.89 -8.72 -31.13
N VAL A 290 4.71 -9.21 -29.90
CA VAL A 290 3.62 -10.18 -29.64
C VAL A 290 2.28 -9.44 -29.56
N TYR A 291 2.28 -8.21 -29.02
CA TYR A 291 1.03 -7.43 -28.89
C TYR A 291 0.30 -7.31 -30.24
N PRO A 292 0.93 -6.88 -31.36
CA PRO A 292 0.25 -6.87 -32.66
C PRO A 292 -0.50 -8.18 -32.95
N HIS A 293 0.19 -9.32 -32.84
CA HIS A 293 -0.44 -10.63 -33.11
C HIS A 293 -1.71 -10.78 -32.26
N VAL A 294 -1.58 -10.65 -30.93
CA VAL A 294 -2.74 -10.79 -30.01
C VAL A 294 -3.84 -9.80 -30.41
N SER A 295 -3.48 -8.51 -30.59
CA SER A 295 -4.47 -7.47 -30.94
C SER A 295 -5.23 -7.86 -32.21
N THR A 296 -4.52 -8.30 -33.25
CA THR A 296 -5.17 -8.72 -34.52
C THR A 296 -6.25 -9.76 -34.21
N ILE A 297 -5.90 -10.81 -33.47
CA ILE A 297 -6.87 -11.92 -33.19
C ILE A 297 -8.14 -11.39 -32.47
N ILE A 298 -7.99 -10.54 -31.46
CA ILE A 298 -9.19 -10.13 -30.66
C ILE A 298 -9.99 -9.06 -31.38
N ASN A 299 -9.37 -8.26 -32.25
CA ASN A 299 -10.19 -7.32 -33.06
C ASN A 299 -11.14 -8.23 -33.87
N ILE A 300 -10.56 -9.28 -34.48
CA ILE A 300 -11.47 -10.23 -35.19
C ILE A 300 -12.55 -10.76 -34.23
N CYS A 301 -12.16 -11.19 -33.03
CA CYS A 301 -13.14 -11.83 -32.12
C CYS A 301 -14.23 -10.85 -31.63
N LEU A 302 -13.91 -9.56 -31.53
CA LEU A 302 -14.88 -8.52 -31.06
C LEU A 302 -15.83 -8.22 -32.22
N LYS A 303 -15.31 -8.20 -33.45
CA LYS A 303 -16.23 -8.03 -34.60
C LYS A 303 -17.12 -9.29 -34.72
N TYR A 304 -16.71 -10.40 -34.11
CA TYR A 304 -17.47 -11.69 -34.22
C TYR A 304 -18.98 -11.74 -33.89
N LEU A 305 -19.70 -10.64 -33.56
CA LEU A 305 -21.14 -10.75 -33.39
C LEU A 305 -21.88 -10.95 -34.72
N THR A 306 -22.58 -12.07 -34.84
CA THR A 306 -23.33 -12.39 -36.05
C THR A 306 -24.83 -12.41 -35.78
N TYR A 307 -25.25 -13.22 -34.81
CA TYR A 307 -26.66 -13.35 -34.47
C TYR A 307 -26.83 -13.92 -33.06
N ASP A 344 -28.13 -18.07 -27.61
CA ASP A 344 -26.82 -18.09 -28.25
C ASP A 344 -25.70 -18.20 -27.21
N MET A 345 -24.48 -18.37 -27.70
CA MET A 345 -23.34 -18.56 -26.82
C MET A 345 -22.11 -17.81 -27.33
N SER A 346 -22.33 -16.74 -28.09
CA SER A 346 -21.23 -16.01 -28.71
C SER A 346 -20.82 -14.81 -27.87
N TRP A 347 -21.45 -14.59 -26.72
CA TRP A 347 -21.15 -13.39 -25.89
C TRP A 347 -19.79 -13.54 -25.21
N LYS A 348 -19.46 -14.77 -24.78
CA LYS A 348 -18.20 -15.01 -24.03
C LYS A 348 -17.00 -14.64 -24.91
N VAL A 349 -17.08 -14.92 -26.21
CA VAL A 349 -15.98 -14.56 -27.17
C VAL A 349 -15.69 -13.05 -27.03
N ARG A 350 -16.72 -12.22 -27.21
CA ARG A 350 -16.55 -10.74 -27.12
C ARG A 350 -16.06 -10.34 -25.72
N ARG A 351 -16.58 -10.99 -24.67
CA ARG A 351 -16.09 -10.68 -23.29
C ARG A 351 -14.56 -10.88 -23.24
N ALA A 352 -14.09 -12.05 -23.65
CA ALA A 352 -12.64 -12.34 -23.65
C ALA A 352 -11.91 -11.29 -24.49
N ALA A 353 -12.43 -10.96 -25.68
CA ALA A 353 -11.76 -9.97 -26.57
C ALA A 353 -11.60 -8.62 -25.84
N ALA A 354 -12.64 -8.15 -25.17
CA ALA A 354 -12.58 -6.85 -24.44
C ALA A 354 -11.60 -6.93 -23.27
N LYS A 355 -11.61 -8.03 -22.52
CA LYS A 355 -10.62 -8.19 -21.42
C LYS A 355 -9.22 -8.08 -22.02
N CYS A 356 -9.02 -8.72 -23.18
CA CYS A 356 -7.69 -8.70 -23.83
C CYS A 356 -7.34 -7.26 -24.23
N LEU A 357 -8.26 -6.53 -24.85
CA LEU A 357 -8.00 -5.09 -25.17
C LEU A 357 -7.53 -4.38 -23.90
N ASP A 358 -8.28 -4.51 -22.80
CA ASP A 358 -7.87 -3.90 -21.51
C ASP A 358 -6.40 -4.22 -21.22
N ALA A 359 -6.08 -5.53 -21.11
CA ALA A 359 -4.69 -5.95 -20.83
C ALA A 359 -3.74 -5.21 -21.78
N VAL A 360 -3.92 -5.39 -23.10
CA VAL A 360 -3.06 -4.75 -24.14
C VAL A 360 -2.75 -3.32 -23.73
N VAL A 361 -3.79 -2.48 -23.66
CA VAL A 361 -3.53 -1.03 -23.37
C VAL A 361 -2.77 -0.91 -22.04
N SER A 362 -3.37 -1.34 -20.93
CA SER A 362 -2.74 -1.17 -19.59
C SER A 362 -1.25 -1.56 -19.59
N THR A 363 -0.85 -2.50 -20.44
CA THR A 363 0.56 -2.99 -20.42
C THR A 363 1.54 -2.32 -21.41
N ARG A 364 1.17 -2.09 -22.68
CA ARG A 364 2.27 -1.57 -23.60
C ARG A 364 2.32 -0.04 -23.75
N HIS A 365 2.66 0.67 -22.67
CA HIS A 365 2.49 2.11 -22.67
C HIS A 365 3.26 2.78 -23.81
N GLU A 366 4.42 2.22 -24.17
CA GLU A 366 5.26 2.89 -25.17
C GLU A 366 4.69 2.80 -26.58
N MET A 367 3.69 1.95 -26.79
CA MET A 367 3.14 1.72 -28.12
C MET A 367 1.80 2.43 -28.33
N LEU A 368 1.43 3.32 -27.41
CA LEU A 368 0.12 3.96 -27.34
C LEU A 368 -0.37 4.66 -28.62
N PRO A 369 0.44 5.51 -29.31
CA PRO A 369 -0.16 6.42 -30.30
C PRO A 369 -0.91 5.74 -31.44
N GLU A 370 -0.20 4.91 -32.20
CA GLU A 370 -0.77 4.32 -33.40
C GLU A 370 -1.89 3.34 -33.08
N PHE A 371 -1.68 2.50 -32.05
CA PHE A 371 -2.69 1.52 -31.66
C PHE A 371 -3.95 2.21 -31.16
N TYR A 372 -3.78 3.22 -30.31
CA TYR A 372 -4.86 4.09 -29.88
C TYR A 372 -5.66 4.52 -31.11
N LYS A 373 -4.99 5.24 -32.00
CA LYS A 373 -5.64 5.84 -33.16
C LYS A 373 -6.34 4.82 -34.05
N THR A 374 -5.77 3.62 -34.19
CA THR A 374 -6.28 2.71 -35.20
C THR A 374 -7.32 1.72 -34.66
N VAL A 375 -7.35 1.46 -33.35
CA VAL A 375 -8.32 0.49 -32.85
C VAL A 375 -9.35 1.15 -31.95
N SER A 376 -8.92 2.03 -31.03
CA SER A 376 -9.82 2.41 -29.93
C SER A 376 -11.06 3.16 -30.42
N PRO A 377 -10.95 4.23 -31.27
CA PRO A 377 -12.17 4.97 -31.64
C PRO A 377 -13.21 4.07 -32.28
N ALA A 378 -12.85 3.47 -33.41
CA ALA A 378 -13.79 2.68 -34.19
C ALA A 378 -14.37 1.55 -33.34
N LEU A 379 -13.52 0.64 -32.89
CA LEU A 379 -13.99 -0.56 -32.20
C LEU A 379 -14.78 -0.21 -30.95
N ILE A 380 -14.20 0.60 -30.07
CA ILE A 380 -14.83 0.81 -28.76
C ILE A 380 -16.08 1.66 -28.90
N SER A 381 -16.03 2.75 -29.67
CA SER A 381 -17.19 3.61 -29.80
C SER A 381 -18.32 2.92 -30.54
N ARG A 382 -18.01 2.23 -31.65
CA ARG A 382 -19.05 1.51 -32.38
C ARG A 382 -19.67 0.41 -31.54
N PHE A 383 -18.83 -0.34 -30.83
CA PHE A 383 -19.34 -1.38 -29.94
C PHE A 383 -19.49 -0.90 -28.51
N LYS A 384 -19.86 0.37 -28.30
CA LYS A 384 -20.07 0.86 -26.96
C LYS A 384 -21.46 0.50 -26.47
N GLU A 385 -21.88 -0.75 -26.70
CA GLU A 385 -23.18 -1.26 -26.29
C GLU A 385 -23.32 -2.74 -26.66
N ARG A 386 -23.95 -3.54 -25.81
CA ARG A 386 -24.48 -4.82 -26.28
C ARG A 386 -25.59 -5.29 -25.33
N GLU A 387 -25.33 -6.23 -24.42
CA GLU A 387 -26.47 -6.66 -23.62
C GLU A 387 -26.34 -6.35 -22.13
N GLU A 388 -25.39 -6.94 -21.41
CA GLU A 388 -25.08 -6.51 -20.05
C GLU A 388 -23.59 -6.45 -19.74
N ASN A 389 -22.80 -7.41 -20.25
CA ASN A 389 -21.46 -7.61 -19.70
C ASN A 389 -20.32 -7.25 -20.65
N VAL A 390 -20.41 -7.65 -21.92
CA VAL A 390 -19.32 -7.31 -22.84
C VAL A 390 -19.24 -5.80 -23.02
N LYS A 391 -20.39 -5.12 -23.02
CA LYS A 391 -20.44 -3.67 -22.94
C LYS A 391 -19.71 -3.16 -21.69
N ALA A 392 -19.95 -3.80 -20.54
CA ALA A 392 -19.38 -3.30 -19.28
C ALA A 392 -17.86 -3.42 -19.26
N ASP A 393 -17.34 -4.57 -19.68
CA ASP A 393 -15.89 -4.71 -19.64
C ASP A 393 -15.23 -4.02 -20.84
N VAL A 394 -16.01 -3.68 -21.86
CA VAL A 394 -15.50 -2.75 -22.87
C VAL A 394 -15.31 -1.36 -22.27
N PHE A 395 -16.27 -0.91 -21.46
CA PHE A 395 -16.02 0.33 -20.71
C PHE A 395 -14.81 0.19 -19.80
N HIS A 396 -14.64 -0.98 -19.18
CA HIS A 396 -13.47 -1.16 -18.33
C HIS A 396 -12.17 -1.03 -19.12
N ALA A 397 -12.14 -1.61 -20.33
CA ALA A 397 -10.98 -1.47 -21.20
C ALA A 397 -10.72 -0.01 -21.55
N TYR A 398 -11.79 0.73 -21.82
CA TYR A 398 -11.62 2.16 -22.17
C TYR A 398 -11.21 2.97 -20.94
N LEU A 399 -11.53 2.48 -19.74
CA LEU A 399 -11.12 3.18 -18.49
C LEU A 399 -9.61 3.03 -18.33
N SER A 400 -9.07 1.85 -18.64
CA SER A 400 -7.60 1.63 -18.56
C SER A 400 -6.90 2.46 -19.64
N LEU A 401 -7.53 2.63 -20.80
CA LEU A 401 -6.93 3.47 -21.88
C LEU A 401 -7.03 4.95 -21.49
N LEU A 402 -8.09 5.34 -20.79
CA LEU A 402 -8.19 6.74 -20.29
C LEU A 402 -7.03 6.98 -19.31
N LYS A 403 -6.74 6.00 -18.46
CA LYS A 403 -5.64 6.13 -17.47
C LYS A 403 -4.29 6.03 -18.18
N GLN A 404 -4.27 5.56 -19.42
CA GLN A 404 -3.00 5.51 -20.21
C GLN A 404 -2.85 6.83 -20.98
N THR A 405 -3.94 7.58 -21.16
CA THR A 405 -3.83 8.93 -21.78
C THR A 405 -3.66 9.93 -20.63
N ARG A 406 -3.19 9.45 -19.48
CA ARG A 406 -2.98 10.32 -18.29
C ARG A 406 -1.49 10.38 -17.98
N PRO A 407 -0.73 11.39 -18.44
CA PRO A 407 0.67 11.54 -18.07
C PRO A 407 0.64 12.12 -16.64
N VAL A 408 -0.49 11.94 -15.94
CA VAL A 408 -0.66 12.54 -14.58
C VAL A 408 -0.62 11.41 -13.54
N GLY A 421 4.68 15.45 -31.71
CA GLY A 421 3.67 15.32 -32.73
C GLY A 421 2.26 15.25 -32.18
N GLU A 422 1.63 14.09 -32.34
CA GLU A 422 0.27 13.87 -31.85
C GLU A 422 0.34 13.48 -30.38
N THR A 423 0.14 14.46 -29.51
CA THR A 423 0.16 14.23 -28.06
C THR A 423 -1.09 13.47 -27.63
N PRO A 424 -1.06 12.86 -26.45
CA PRO A 424 -2.27 12.18 -25.94
C PRO A 424 -3.50 13.09 -25.89
N LEU A 425 -3.30 14.39 -25.63
CA LEU A 425 -4.42 15.32 -25.57
C LEU A 425 -5.12 15.43 -26.91
N THR A 426 -4.35 15.41 -28.01
CA THR A 426 -4.95 15.52 -29.34
C THR A 426 -5.85 14.34 -29.66
N MET A 427 -5.37 13.10 -29.51
CA MET A 427 -6.22 11.95 -29.77
C MET A 427 -7.35 11.86 -28.75
N LEU A 428 -7.13 12.39 -27.54
CA LEU A 428 -8.21 12.43 -26.56
C LEU A 428 -9.35 13.33 -27.04
N GLN A 429 -9.04 14.54 -27.49
CA GLN A 429 -10.10 15.44 -27.95
C GLN A 429 -10.70 14.92 -29.26
N SER A 430 -9.92 14.13 -30.02
CA SER A 430 -10.50 13.42 -31.15
C SER A 430 -11.50 12.36 -30.70
N GLN A 431 -11.20 11.67 -29.61
CA GLN A 431 -12.10 10.66 -29.07
C GLN A 431 -13.39 11.28 -28.55
N VAL A 432 -13.28 12.48 -27.97
CA VAL A 432 -14.37 13.09 -27.21
C VAL A 432 -15.71 13.06 -27.93
N PRO A 433 -15.84 13.53 -29.20
CA PRO A 433 -17.18 13.63 -29.80
C PRO A 433 -17.93 12.31 -29.89
N ASN A 434 -17.34 11.32 -30.57
CA ASN A 434 -17.96 10.01 -30.66
C ASN A 434 -18.22 9.43 -29.29
N ILE A 435 -17.34 9.71 -28.33
CA ILE A 435 -17.54 9.23 -26.97
C ILE A 435 -18.82 9.80 -26.39
N VAL A 436 -19.05 11.11 -26.58
CA VAL A 436 -20.23 11.73 -25.96
C VAL A 436 -21.50 11.21 -26.64
N LYS A 437 -21.47 11.02 -27.96
CA LYS A 437 -22.66 10.43 -28.58
C LYS A 437 -22.92 9.03 -28.04
N ALA A 438 -21.87 8.23 -27.90
CA ALA A 438 -22.07 6.86 -27.43
C ALA A 438 -22.56 6.81 -25.98
N LEU A 439 -21.97 7.60 -25.08
CA LEU A 439 -22.44 7.60 -23.70
C LEU A 439 -23.85 8.18 -23.57
N HIS A 440 -24.21 9.17 -24.37
CA HIS A 440 -25.60 9.65 -24.34
C HIS A 440 -26.54 8.54 -24.79
N LYS A 441 -26.23 7.90 -25.92
CA LYS A 441 -27.03 6.78 -26.40
C LYS A 441 -27.18 5.72 -25.32
N GLN A 442 -26.11 5.48 -24.57
CA GLN A 442 -26.19 4.54 -23.44
C GLN A 442 -27.08 5.08 -22.34
N MET A 443 -27.08 6.40 -22.12
CA MET A 443 -27.98 7.00 -21.13
C MET A 443 -29.43 6.73 -21.49
N LYS A 444 -29.75 6.64 -22.78
CA LYS A 444 -31.12 6.27 -23.15
C LYS A 444 -31.52 4.88 -22.63
N GLU A 445 -30.55 3.99 -22.40
CA GLU A 445 -30.89 2.68 -21.83
C GLU A 445 -31.37 2.77 -20.39
N LYS A 446 -32.03 1.71 -19.92
CA LYS A 446 -32.71 1.76 -18.62
C LYS A 446 -31.91 1.06 -17.54
N SER A 447 -30.97 0.19 -17.92
CA SER A 447 -30.26 -0.62 -16.93
C SER A 447 -29.41 0.26 -16.03
N VAL A 448 -29.36 -0.10 -14.74
CA VAL A 448 -28.62 0.70 -13.77
C VAL A 448 -27.11 0.58 -14.00
N LYS A 449 -26.63 -0.64 -14.29
CA LYS A 449 -25.21 -0.84 -14.51
C LYS A 449 -24.72 -0.03 -15.71
N THR A 450 -25.53 0.07 -16.76
CA THR A 450 -25.15 0.86 -17.93
C THR A 450 -24.87 2.31 -17.53
N ARG A 451 -25.84 2.95 -16.87
CA ARG A 451 -25.68 4.34 -16.48
C ARG A 451 -24.52 4.54 -15.51
N GLN A 452 -24.35 3.61 -14.56
CA GLN A 452 -23.22 3.71 -13.64
C GLN A 452 -21.90 3.66 -14.39
N CYS A 453 -21.79 2.76 -15.37
CA CYS A 453 -20.54 2.65 -16.12
C CYS A 453 -20.28 3.91 -16.95
N CYS A 454 -21.34 4.48 -17.54
CA CYS A 454 -21.16 5.76 -18.25
C CYS A 454 -20.71 6.85 -17.29
N PHE A 455 -21.26 6.85 -16.07
CA PHE A 455 -20.85 7.87 -15.10
C PHE A 455 -19.38 7.74 -14.74
N ASN A 456 -18.90 6.51 -14.53
CA ASN A 456 -17.47 6.32 -14.28
C ASN A 456 -16.63 6.76 -15.46
N MET A 457 -17.08 6.43 -16.68
CA MET A 457 -16.34 6.87 -17.87
C MET A 457 -16.26 8.39 -17.93
N LEU A 458 -17.37 9.07 -17.66
CA LEU A 458 -17.35 10.53 -17.67
C LEU A 458 -16.41 11.08 -16.61
N THR A 459 -16.43 10.51 -15.40
CA THR A 459 -15.57 11.01 -14.34
C THR A 459 -14.10 10.91 -14.74
N GLU A 460 -13.69 9.73 -15.24
CA GLU A 460 -12.30 9.59 -15.66
C GLU A 460 -11.97 10.49 -16.84
N LEU A 461 -12.93 10.68 -17.75
CA LEU A 461 -12.67 11.49 -18.97
C LEU A 461 -12.26 12.91 -18.60
N VAL A 462 -12.97 13.54 -17.66
CA VAL A 462 -12.68 14.96 -17.30
C VAL A 462 -11.45 14.99 -16.37
N ASN A 463 -11.07 13.84 -15.82
CA ASN A 463 -9.87 13.77 -14.94
C ASN A 463 -8.60 13.71 -15.81
N VAL A 464 -8.73 13.27 -17.06
CA VAL A 464 -7.55 13.18 -17.98
C VAL A 464 -7.61 14.34 -18.99
N LEU A 465 -8.73 15.05 -19.06
CA LEU A 465 -8.86 16.21 -19.98
C LEU A 465 -9.69 17.31 -19.30
N PRO A 466 -9.08 18.47 -18.93
CA PRO A 466 -9.81 19.53 -18.24
C PRO A 466 -11.05 20.02 -19.01
N GLY A 467 -10.88 20.38 -20.29
CA GLY A 467 -12.02 20.83 -21.12
C GLY A 467 -12.89 19.67 -21.53
N ALA A 468 -12.30 18.54 -21.92
CA ALA A 468 -13.05 17.32 -22.30
C ALA A 468 -14.30 17.66 -23.12
N LEU A 469 -15.49 17.60 -22.50
CA LEU A 469 -16.76 17.80 -23.25
C LEU A 469 -17.33 19.20 -22.99
N THR A 470 -16.55 20.26 -23.26
CA THR A 470 -17.02 21.65 -23.04
C THR A 470 -18.21 21.95 -23.96
N GLN A 471 -18.11 21.60 -25.25
CA GLN A 471 -19.20 21.79 -26.18
C GLN A 471 -20.33 20.79 -26.01
N HIS A 472 -20.11 19.71 -25.25
CA HIS A 472 -21.10 18.66 -25.08
C HIS A 472 -21.87 18.77 -23.77
N ILE A 473 -21.62 19.80 -22.97
CA ILE A 473 -22.37 20.03 -21.74
C ILE A 473 -23.86 20.15 -22.07
N PRO A 474 -24.28 20.91 -23.10
CA PRO A 474 -25.71 20.92 -23.46
C PRO A 474 -26.23 19.53 -23.81
N VAL A 475 -25.36 18.68 -24.35
CA VAL A 475 -25.75 17.33 -24.77
C VAL A 475 -25.99 16.45 -23.54
N LEU A 476 -25.09 16.50 -22.57
CA LEU A 476 -25.15 15.52 -21.48
C LEU A 476 -25.80 16.04 -20.21
N VAL A 477 -26.10 17.33 -20.10
CA VAL A 477 -26.81 17.84 -18.93
C VAL A 477 -28.19 17.19 -18.83
N PRO A 478 -28.99 17.13 -19.91
CA PRO A 478 -30.29 16.44 -19.81
C PRO A 478 -30.18 14.99 -19.34
N GLY A 479 -29.14 14.27 -19.75
CA GLY A 479 -28.94 12.92 -19.28
C GLY A 479 -28.76 12.89 -17.77
N ILE A 480 -28.00 13.85 -17.25
CA ILE A 480 -27.83 14.00 -15.80
C ILE A 480 -29.14 14.30 -15.09
N ILE A 481 -29.95 15.21 -15.64
CA ILE A 481 -31.27 15.46 -15.04
C ILE A 481 -32.11 14.17 -15.04
N PHE A 482 -32.10 13.45 -16.15
CA PHE A 482 -32.91 12.24 -16.28
C PHE A 482 -32.47 11.19 -15.26
N SER A 483 -31.16 11.04 -15.06
CA SER A 483 -30.67 10.03 -14.14
C SER A 483 -30.88 10.44 -12.69
N LEU A 484 -31.28 11.69 -12.47
CA LEU A 484 -31.49 12.20 -11.12
C LEU A 484 -32.97 12.31 -10.80
N ASN A 485 -33.76 11.33 -11.25
CA ASN A 485 -35.20 11.35 -11.07
C ASN A 485 -35.74 9.97 -10.69
N ASP A 486 -37.05 9.78 -10.87
CA ASP A 486 -37.77 8.60 -10.41
C ASP A 486 -37.48 7.39 -11.28
N LYS A 487 -38.33 6.35 -11.17
CA LYS A 487 -38.11 5.02 -11.73
C LYS A 487 -37.01 4.27 -10.99
N SER A 488 -36.93 4.50 -9.68
CA SER A 488 -35.99 3.82 -8.79
C SER A 488 -34.56 3.91 -9.30
N SER A 489 -33.88 2.77 -9.36
CA SER A 489 -32.48 2.68 -9.80
C SER A 489 -31.61 3.71 -9.12
N SER A 490 -31.70 3.80 -7.78
CA SER A 490 -30.88 4.74 -7.04
C SER A 490 -29.60 4.04 -6.66
N SER A 491 -29.64 2.98 -5.86
CA SER A 491 -28.49 2.15 -5.48
C SER A 491 -27.19 2.94 -5.39
N ASN A 492 -26.24 2.63 -6.27
CA ASN A 492 -25.05 3.44 -6.47
C ASN A 492 -25.15 4.34 -7.69
N LEU A 493 -26.24 4.24 -8.45
CA LEU A 493 -26.42 5.08 -9.63
C LEU A 493 -26.52 6.55 -9.24
N LYS A 494 -27.23 6.84 -8.15
CA LYS A 494 -27.33 8.21 -7.68
C LYS A 494 -25.95 8.75 -7.27
N ILE A 495 -25.17 7.93 -6.56
CA ILE A 495 -23.83 8.35 -6.15
C ILE A 495 -22.96 8.63 -7.36
N ASP A 496 -22.99 7.73 -8.35
CA ASP A 496 -22.20 7.92 -9.56
C ASP A 496 -22.63 9.15 -10.34
N ALA A 497 -23.94 9.37 -10.50
CA ALA A 497 -24.44 10.54 -11.21
C ALA A 497 -24.02 11.83 -10.51
N LEU A 498 -24.15 11.87 -9.17
CA LEU A 498 -23.78 13.08 -8.45
C LEU A 498 -22.28 13.32 -8.50
N SER A 499 -21.47 12.27 -8.40
CA SER A 499 -20.02 12.44 -8.53
C SER A 499 -19.63 12.94 -9.91
N CYS A 500 -20.26 12.39 -10.96
CA CYS A 500 -19.99 12.85 -12.31
C CYS A 500 -20.40 14.31 -12.49
N LEU A 501 -21.55 14.69 -11.94
CA LEU A 501 -21.99 16.07 -12.00
C LEU A 501 -21.01 16.99 -11.28
N TYR A 502 -20.53 16.58 -10.11
CA TYR A 502 -19.58 17.39 -9.35
C TYR A 502 -18.29 17.59 -10.13
N VAL A 503 -17.77 16.50 -10.72
CA VAL A 503 -16.53 16.59 -11.48
C VAL A 503 -16.71 17.51 -12.69
N ILE A 504 -17.83 17.34 -13.41
CA ILE A 504 -18.09 18.15 -14.60
C ILE A 504 -18.21 19.62 -14.22
N LEU A 505 -18.90 19.91 -13.12
CA LEU A 505 -19.09 21.28 -12.66
C LEU A 505 -17.76 21.91 -12.27
N CYS A 506 -16.93 21.17 -11.53
CA CYS A 506 -15.72 21.76 -10.98
C CYS A 506 -14.65 21.97 -12.05
N ASN A 507 -14.50 20.99 -12.95
CA ASN A 507 -13.37 21.04 -13.87
C ASN A 507 -13.51 22.08 -14.97
N HIS A 508 -14.69 22.24 -15.57
CA HIS A 508 -14.84 23.24 -16.62
C HIS A 508 -15.27 24.59 -16.07
N SER A 509 -15.60 25.52 -16.97
CA SER A 509 -15.92 26.90 -16.62
C SER A 509 -17.42 27.11 -16.58
N PRO A 510 -17.92 27.99 -15.71
CA PRO A 510 -19.37 28.21 -15.59
C PRO A 510 -20.01 28.81 -16.83
N GLN A 511 -19.18 29.37 -17.71
CA GLN A 511 -19.63 30.12 -18.89
C GLN A 511 -20.65 29.32 -19.70
N VAL A 512 -20.42 28.02 -19.86
CA VAL A 512 -21.38 27.18 -20.55
C VAL A 512 -22.35 26.56 -19.56
N PHE A 513 -22.23 26.92 -18.29
CA PHE A 513 -22.97 26.21 -17.24
C PHE A 513 -24.22 26.96 -16.82
N HIS A 514 -24.15 28.30 -16.72
CA HIS A 514 -25.27 29.01 -16.10
C HIS A 514 -26.64 28.67 -16.71
N PRO A 515 -26.78 28.58 -18.04
CA PRO A 515 -28.06 28.08 -18.59
C PRO A 515 -28.42 26.69 -18.07
N HIS A 516 -27.54 25.72 -18.28
CA HIS A 516 -27.85 24.35 -17.90
C HIS A 516 -27.68 24.10 -16.41
N VAL A 517 -27.30 25.12 -15.63
CA VAL A 517 -27.34 25.04 -14.17
C VAL A 517 -28.70 25.57 -13.74
N GLN A 518 -29.17 26.64 -14.37
CA GLN A 518 -30.51 27.14 -14.10
C GLN A 518 -31.57 26.10 -14.50
N ALA A 519 -31.22 25.21 -15.42
CA ALA A 519 -32.12 24.12 -15.78
C ALA A 519 -31.85 22.87 -14.96
N LEU A 520 -31.01 22.99 -13.93
CA LEU A 520 -30.49 21.81 -13.22
C LEU A 520 -30.94 21.76 -11.76
N VAL A 521 -31.35 22.88 -11.19
CA VAL A 521 -31.47 23.00 -9.73
C VAL A 521 -32.47 22.04 -9.10
N PRO A 522 -33.73 21.93 -9.55
CA PRO A 522 -34.74 21.17 -8.77
C PRO A 522 -34.32 19.74 -8.48
N PRO A 523 -33.76 18.99 -9.45
CA PRO A 523 -33.36 17.61 -9.13
C PRO A 523 -32.34 17.50 -8.02
N VAL A 524 -31.35 18.40 -7.95
CA VAL A 524 -30.37 18.28 -6.87
C VAL A 524 -31.00 18.63 -5.53
N VAL A 525 -31.99 19.53 -5.50
CA VAL A 525 -32.79 19.72 -4.30
C VAL A 525 -33.48 18.42 -3.89
N ALA A 526 -34.01 17.70 -4.88
CA ALA A 526 -34.65 16.42 -4.59
C ALA A 526 -33.66 15.42 -3.99
N CYS A 527 -32.45 15.35 -4.55
CA CYS A 527 -31.44 14.44 -4.00
C CYS A 527 -31.00 14.86 -2.61
N VAL A 528 -30.98 16.17 -2.34
CA VAL A 528 -30.68 16.64 -0.99
C VAL A 528 -31.77 16.19 -0.03
N GLY A 529 -33.03 16.26 -0.47
CA GLY A 529 -34.14 15.86 0.37
C GLY A 529 -34.31 14.35 0.48
N ASP A 530 -33.49 13.61 -0.27
CA ASP A 530 -33.55 12.14 -0.27
C ASP A 530 -33.15 11.60 1.10
N PRO A 531 -33.92 10.66 1.66
CA PRO A 531 -33.61 10.13 2.99
C PRO A 531 -32.21 9.54 3.13
N PHE A 532 -31.70 8.90 2.08
CA PHE A 532 -30.38 8.28 2.15
C PHE A 532 -29.31 9.36 2.34
N TYR A 533 -28.29 9.05 3.15
CA TYR A 533 -27.35 10.08 3.57
C TYR A 533 -26.14 10.17 2.64
N LYS A 534 -25.77 9.06 1.98
CA LYS A 534 -24.68 9.12 1.01
C LYS A 534 -25.07 9.97 -0.19
N ILE A 535 -26.27 9.72 -0.73
CA ILE A 535 -26.79 10.54 -1.82
C ILE A 535 -26.95 11.99 -1.35
N THR A 536 -27.34 12.17 -0.08
CA THR A 536 -27.46 13.51 0.46
C THR A 536 -26.13 14.25 0.47
N SER A 537 -25.06 13.56 0.89
CA SER A 537 -23.74 14.18 0.93
C SER A 537 -23.23 14.51 -0.46
N GLU A 538 -23.41 13.58 -1.41
CA GLU A 538 -23.01 13.86 -2.78
C GLU A 538 -23.79 15.02 -3.37
N ALA A 539 -25.10 15.08 -3.09
CA ALA A 539 -25.90 16.21 -3.57
C ALA A 539 -25.48 17.51 -2.91
N LEU A 540 -25.07 17.45 -1.64
CA LEU A 540 -24.57 18.66 -0.97
C LEU A 540 -23.30 19.17 -1.64
N LEU A 541 -22.38 18.26 -1.99
CA LEU A 541 -21.19 18.66 -2.73
C LEU A 541 -21.58 19.26 -4.08
N VAL A 542 -22.55 18.65 -4.75
CA VAL A 542 -23.00 19.17 -6.05
C VAL A 542 -23.59 20.57 -5.92
N THR A 543 -24.40 20.80 -4.89
CA THR A 543 -24.95 22.14 -4.66
C THR A 543 -23.85 23.14 -4.33
N GLN A 544 -22.85 22.73 -3.56
CA GLN A 544 -21.73 23.63 -3.28
C GLN A 544 -21.03 24.05 -4.57
N GLN A 545 -20.76 23.07 -5.44
CA GLN A 545 -20.11 23.41 -6.71
C GLN A 545 -21.02 24.26 -7.59
N LEU A 546 -22.32 23.96 -7.64
CA LEU A 546 -23.25 24.76 -8.41
C LEU A 546 -23.29 26.20 -7.93
N VAL A 547 -23.27 26.41 -6.62
CA VAL A 547 -23.27 27.76 -6.07
C VAL A 547 -21.96 28.47 -6.38
N LYS A 548 -20.85 27.74 -6.33
CA LYS A 548 -19.60 28.30 -6.83
C LYS A 548 -19.68 28.63 -8.31
N VAL A 549 -20.63 28.01 -9.02
CA VAL A 549 -20.71 28.19 -10.48
C VAL A 549 -21.67 29.31 -10.84
N ILE A 550 -22.66 29.59 -10.00
CA ILE A 550 -23.63 30.65 -10.30
C ILE A 550 -23.12 32.00 -9.82
N ARG A 551 -22.25 31.99 -8.81
CA ARG A 551 -21.76 33.23 -8.22
C ARG A 551 -20.62 33.90 -9.00
N PRO A 552 -19.60 33.16 -9.49
CA PRO A 552 -18.28 33.77 -9.73
C PRO A 552 -17.97 35.04 -8.96
N LEU A 553 -17.43 34.87 -7.75
CA LEU A 553 -16.97 35.99 -6.93
C LEU A 553 -15.61 36.50 -7.37
N ASP A 554 -14.97 35.82 -8.32
CA ASP A 554 -13.66 36.23 -8.81
C ASP A 554 -13.79 36.84 -10.21
N GLN A 555 -14.43 36.11 -11.12
CA GLN A 555 -14.64 36.63 -12.46
C GLN A 555 -16.03 37.27 -12.57
N PRO A 556 -16.22 38.21 -13.48
CA PRO A 556 -17.52 38.89 -13.59
C PRO A 556 -18.64 37.91 -13.93
N SER A 557 -19.81 38.20 -13.34
CA SER A 557 -21.02 37.41 -13.55
C SER A 557 -22.20 38.34 -13.76
N SER A 558 -23.22 37.84 -14.45
CA SER A 558 -24.41 38.63 -14.74
C SER A 558 -25.67 37.84 -14.47
N PHE A 559 -25.53 36.55 -14.17
CA PHE A 559 -26.66 35.65 -14.01
C PHE A 559 -27.37 35.89 -12.68
N ASP A 560 -28.69 36.05 -12.75
CA ASP A 560 -29.50 36.19 -11.55
C ASP A 560 -29.83 34.81 -10.96
N ALA A 561 -29.93 34.75 -9.63
CA ALA A 561 -30.02 33.47 -8.96
C ALA A 561 -30.99 33.40 -7.78
N THR A 562 -31.82 34.42 -7.56
CA THR A 562 -32.60 34.51 -6.32
C THR A 562 -33.45 33.27 -6.02
N PRO A 563 -34.22 32.70 -6.95
CA PRO A 563 -35.01 31.51 -6.56
C PRO A 563 -34.14 30.30 -6.26
N TYR A 564 -33.02 30.16 -6.96
CA TYR A 564 -32.12 29.05 -6.69
C TYR A 564 -31.45 29.19 -5.32
N ILE A 565 -31.07 30.41 -4.95
CA ILE A 565 -30.57 30.62 -3.59
C ILE A 565 -31.66 30.26 -2.60
N LYS A 566 -32.90 30.67 -2.87
CA LYS A 566 -34.00 30.34 -1.97
C LYS A 566 -34.11 28.83 -1.74
N ASP A 567 -34.18 28.08 -2.84
CA ASP A 567 -34.40 26.63 -2.74
C ASP A 567 -33.21 25.92 -2.12
N LEU A 568 -31.99 26.26 -2.58
CA LEU A 568 -30.80 25.60 -2.06
C LEU A 568 -30.60 25.89 -0.57
N PHE A 569 -30.84 27.15 -0.18
CA PHE A 569 -30.73 27.50 1.24
C PHE A 569 -31.77 26.73 2.04
N THR A 570 -32.99 26.59 1.51
CA THR A 570 -34.03 25.85 2.20
C THR A 570 -33.64 24.39 2.44
N CYS A 571 -33.15 23.70 1.41
CA CYS A 571 -32.79 22.31 1.61
C CYS A 571 -31.59 22.18 2.54
N THR A 572 -30.65 23.14 2.46
CA THR A 572 -29.49 23.06 3.33
C THR A 572 -29.86 23.28 4.79
N ILE A 573 -30.81 24.17 5.08
CA ILE A 573 -31.22 24.32 6.49
C ILE A 573 -31.99 23.08 6.93
N LYS A 574 -32.81 22.52 6.04
CA LYS A 574 -33.57 21.33 6.39
C LYS A 574 -32.63 20.17 6.76
N ARG A 575 -31.54 20.02 6.00
CA ARG A 575 -30.60 18.94 6.29
C ARG A 575 -29.70 19.27 7.47
N LEU A 576 -29.36 20.55 7.64
CA LEU A 576 -28.35 20.93 8.63
C LEU A 576 -28.83 20.74 10.05
N LYS A 577 -30.03 21.23 10.36
CA LYS A 577 -30.54 21.18 11.73
C LYS A 577 -31.17 19.82 12.03
N ALA A 578 -30.36 18.76 11.94
CA ALA A 578 -30.84 17.41 12.22
C ALA A 578 -30.29 16.88 13.54
N ALA A 579 -28.97 16.92 13.72
CA ALA A 579 -28.31 16.41 14.92
C ALA A 579 -28.62 14.94 15.17
N ASP A 580 -28.98 14.22 14.11
CA ASP A 580 -29.30 12.81 14.23
C ASP A 580 -28.76 11.96 13.09
N ILE A 581 -27.88 12.49 12.24
CA ILE A 581 -27.39 11.78 11.07
C ILE A 581 -25.89 11.51 11.23
N ASP A 582 -25.31 10.83 10.24
CA ASP A 582 -23.91 10.42 10.28
C ASP A 582 -22.99 11.63 10.20
N GLN A 583 -21.70 11.39 10.41
CA GLN A 583 -20.75 12.49 10.47
C GLN A 583 -20.41 13.02 9.08
N GLU A 584 -20.39 12.13 8.08
CA GLU A 584 -20.04 12.56 6.73
C GLU A 584 -21.07 13.54 6.17
N VAL A 585 -22.35 13.21 6.29
CA VAL A 585 -23.41 14.10 5.80
C VAL A 585 -23.42 15.40 6.60
N LYS A 586 -23.11 15.31 7.90
CA LYS A 586 -23.05 16.52 8.72
C LYS A 586 -21.95 17.46 8.24
N GLU A 587 -20.75 16.91 7.98
CA GLU A 587 -19.66 17.73 7.50
C GLU A 587 -19.99 18.33 6.13
N ARG A 588 -20.56 17.52 5.24
CA ARG A 588 -20.91 18.01 3.91
C ARG A 588 -21.94 19.13 3.99
N ALA A 589 -22.95 18.97 4.85
CA ALA A 589 -23.98 20.00 5.01
C ALA A 589 -23.39 21.26 5.60
N ILE A 590 -22.49 21.14 6.58
CA ILE A 590 -21.88 22.32 7.19
C ILE A 590 -21.07 23.09 6.16
N SER A 591 -20.26 22.37 5.38
CA SER A 591 -19.45 23.04 4.35
C SER A 591 -20.34 23.67 3.28
N CYS A 592 -21.41 22.96 2.88
CA CYS A 592 -22.30 23.48 1.86
C CYS A 592 -23.01 24.74 2.34
N MET A 593 -23.48 24.76 3.58
CA MET A 593 -24.15 25.95 4.10
C MET A 593 -23.17 27.11 4.28
N GLY A 594 -21.94 26.81 4.70
CA GLY A 594 -20.93 27.85 4.76
C GLY A 594 -20.67 28.49 3.42
N GLN A 595 -20.53 27.66 2.38
CA GLN A 595 -20.38 28.18 1.02
C GLN A 595 -21.63 28.94 0.58
N ILE A 596 -22.81 28.45 0.97
CA ILE A 596 -24.07 29.12 0.64
C ILE A 596 -24.04 30.56 1.15
N ILE A 597 -23.70 30.71 2.43
CA ILE A 597 -23.68 32.02 3.07
C ILE A 597 -22.61 32.88 2.43
N CYS A 598 -21.41 32.33 2.24
CA CYS A 598 -20.28 33.08 1.72
C CYS A 598 -20.55 33.62 0.32
N ASN A 599 -21.19 32.81 -0.53
CA ASN A 599 -21.38 33.22 -1.91
C ASN A 599 -22.64 34.04 -2.10
N LEU A 600 -23.78 33.54 -1.62
CA LEU A 600 -25.07 34.15 -1.93
C LEU A 600 -25.75 34.81 -0.74
N GLY A 601 -25.00 35.49 0.12
CA GLY A 601 -25.58 36.07 1.32
C GLY A 601 -26.13 37.47 1.17
N ASP A 602 -26.02 38.06 -0.03
CA ASP A 602 -26.44 39.44 -0.21
C ASP A 602 -27.93 39.52 -0.55
N ASN A 603 -28.45 38.52 -1.28
CA ASN A 603 -29.88 38.43 -1.55
C ASN A 603 -30.62 37.67 -0.46
N LEU A 604 -29.89 37.20 0.55
CA LEU A 604 -30.49 36.35 1.58
C LEU A 604 -31.37 37.15 2.51
N GLY A 605 -32.42 36.49 3.00
CA GLY A 605 -33.35 37.09 3.93
C GLY A 605 -32.85 37.06 5.37
N SER A 606 -33.81 37.07 6.28
CA SER A 606 -33.53 37.18 7.71
C SER A 606 -33.08 35.88 8.36
N ASP A 607 -32.84 34.81 7.59
CA ASP A 607 -32.39 33.55 8.15
C ASP A 607 -30.89 33.51 8.41
N LEU A 608 -30.17 34.57 8.05
CA LEU A 608 -28.72 34.60 8.27
C LEU A 608 -28.35 34.50 9.74
N PRO A 609 -28.90 35.31 10.65
CA PRO A 609 -28.54 35.15 12.07
C PRO A 609 -28.92 33.78 12.64
N ASN A 610 -30.05 33.23 12.21
CA ASN A 610 -30.46 31.92 12.70
C ASN A 610 -29.49 30.83 12.26
N THR A 611 -29.15 30.80 10.98
CA THR A 611 -28.15 29.85 10.49
C THR A 611 -26.79 30.08 11.11
N LEU A 612 -26.46 31.33 11.44
CA LEU A 612 -25.16 31.62 12.01
C LEU A 612 -25.07 31.09 13.44
N GLN A 613 -26.13 31.29 14.22
CA GLN A 613 -26.21 30.68 15.55
C GLN A 613 -26.23 29.15 15.45
N ILE A 614 -26.84 28.62 14.39
CA ILE A 614 -26.80 27.17 14.17
C ILE A 614 -25.36 26.71 13.94
N PHE A 615 -24.58 27.51 13.22
CA PHE A 615 -23.17 27.21 13.03
C PHE A 615 -22.43 27.20 14.37
N LEU A 616 -22.70 28.20 15.22
CA LEU A 616 -22.13 28.18 16.57
C LEU A 616 -22.50 26.90 17.30
N GLU A 617 -23.78 26.51 17.25
CA GLU A 617 -24.24 25.34 17.99
C GLU A 617 -23.60 24.05 17.48
N ARG A 618 -23.46 23.93 16.17
CA ARG A 618 -22.92 22.71 15.58
C ARG A 618 -21.40 22.68 15.66
N LEU A 619 -20.78 23.82 15.94
CA LEU A 619 -19.33 23.89 16.02
C LEU A 619 -18.80 23.07 17.19
N LYS A 620 -19.50 23.09 18.32
CA LYS A 620 -19.02 22.43 19.53
C LYS A 620 -19.18 20.91 19.45
N ASN A 621 -18.45 20.28 18.55
CA ASN A 621 -18.49 18.82 18.40
C ASN A 621 -17.05 18.32 18.40
N GLU A 622 -16.88 17.02 18.13
CA GLU A 622 -15.56 16.39 18.07
C GLU A 622 -15.21 16.03 16.64
N ILE A 623 -16.20 16.02 15.75
CA ILE A 623 -16.00 15.66 14.36
C ILE A 623 -16.29 16.86 13.47
N THR A 624 -17.28 17.66 13.86
CA THR A 624 -17.70 18.79 13.04
C THR A 624 -16.78 20.00 13.24
N ARG A 625 -15.82 19.89 14.17
CA ARG A 625 -15.00 21.05 14.52
C ARG A 625 -14.18 21.54 13.32
N LEU A 626 -13.50 20.62 12.63
CA LEU A 626 -12.64 21.01 11.53
C LEU A 626 -13.44 21.60 10.38
N THR A 627 -14.57 20.97 10.04
CA THR A 627 -15.39 21.48 8.95
C THR A 627 -15.98 22.84 9.29
N THR A 628 -16.42 23.03 10.53
CA THR A 628 -16.94 24.33 10.95
C THR A 628 -15.85 25.40 10.92
N VAL A 629 -14.63 25.05 11.33
CA VAL A 629 -13.53 26.01 11.27
C VAL A 629 -13.23 26.39 9.82
N LYS A 630 -13.22 25.40 8.93
CA LYS A 630 -13.00 25.69 7.51
C LYS A 630 -14.11 26.58 6.94
N ALA A 631 -15.37 26.30 7.30
CA ALA A 631 -16.47 27.14 6.85
C ALA A 631 -16.36 28.55 7.41
N LEU A 632 -15.85 28.69 8.64
CA LEU A 632 -15.65 30.01 9.21
C LEU A 632 -14.53 30.77 8.51
N THR A 633 -13.48 30.06 8.07
CA THR A 633 -12.47 30.71 7.24
C THR A 633 -13.07 31.15 5.91
N LEU A 634 -13.92 30.30 5.34
CA LEU A 634 -14.54 30.59 4.01
C LEU A 634 -15.52 31.76 4.14
N ILE A 635 -16.33 31.78 5.21
CA ILE A 635 -17.38 32.84 5.36
C ILE A 635 -16.71 34.20 5.55
N ALA A 636 -15.46 34.24 6.03
CA ALA A 636 -14.76 35.51 6.27
C ALA A 636 -13.91 35.88 5.03
N GLY A 637 -13.57 37.16 4.88
CA GLY A 637 -12.80 37.60 3.69
C GLY A 637 -13.58 37.37 2.42
N SER A 638 -14.89 37.63 2.44
CA SER A 638 -15.74 37.39 1.24
C SER A 638 -16.16 38.72 0.61
N PRO A 639 -16.16 38.85 -0.74
CA PRO A 639 -16.63 40.08 -1.39
C PRO A 639 -17.98 40.48 -0.77
N LEU A 640 -18.90 39.53 -0.66
CA LEU A 640 -20.21 39.81 -0.01
C LEU A 640 -20.00 39.68 1.51
N LYS A 641 -19.65 40.78 2.19
CA LYS A 641 -19.34 40.73 3.64
C LYS A 641 -20.57 40.25 4.42
N ILE A 642 -20.36 39.39 5.42
CA ILE A 642 -21.49 38.83 6.22
C ILE A 642 -21.35 39.31 7.66
N ASP A 643 -22.44 39.83 8.25
CA ASP A 643 -22.42 40.27 9.67
C ASP A 643 -21.96 39.09 10.55
N LEU A 644 -20.77 39.19 11.15
CA LEU A 644 -20.24 38.05 11.95
C LEU A 644 -19.90 38.52 13.37
N ARG A 645 -20.62 39.53 13.88
CA ARG A 645 -20.37 40.04 15.26
C ARG A 645 -20.78 38.98 16.30
N PRO A 646 -22.00 38.39 16.33
CA PRO A 646 -22.30 37.38 17.36
C PRO A 646 -21.30 36.21 17.31
N VAL A 647 -20.98 35.73 16.10
CA VAL A 647 -20.00 34.61 15.95
C VAL A 647 -18.69 35.02 16.62
N LEU A 648 -18.11 36.15 16.22
CA LEU A 648 -16.85 36.65 16.83
C LEU A 648 -16.98 36.61 18.35
N GLY A 649 -18.03 37.23 18.90
CA GLY A 649 -18.19 37.30 20.37
C GLY A 649 -18.22 35.95 21.04
N GLU A 650 -18.70 34.90 20.34
CA GLU A 650 -18.84 33.61 20.99
C GLU A 650 -17.87 32.58 20.43
N GLY A 651 -17.05 32.96 19.44
CA GLY A 651 -16.21 31.98 18.79
C GLY A 651 -14.74 32.19 19.05
N VAL A 652 -14.32 33.44 19.25
CA VAL A 652 -12.91 33.69 19.53
C VAL A 652 -12.51 32.96 20.82
N PRO A 653 -13.29 33.02 21.91
CA PRO A 653 -12.96 32.16 23.07
C PRO A 653 -13.02 30.68 22.76
N ILE A 654 -14.02 30.23 21.99
CA ILE A 654 -14.11 28.81 21.70
C ILE A 654 -13.00 28.38 20.74
N LEU A 655 -12.57 29.25 19.83
CA LEU A 655 -11.41 28.94 19.00
C LEU A 655 -10.12 28.90 19.82
N ALA A 656 -10.00 29.79 20.81
CA ALA A 656 -8.86 29.74 21.71
C ALA A 656 -8.83 28.42 22.47
N SER A 657 -9.98 27.95 22.94
CA SER A 657 -10.06 26.63 23.55
C SER A 657 -9.74 25.53 22.53
N PHE A 658 -10.14 25.74 21.28
CA PHE A 658 -9.84 24.81 20.21
C PHE A 658 -8.34 24.68 19.98
N LEU A 659 -7.60 25.74 20.28
CA LEU A 659 -6.16 25.77 20.09
C LEU A 659 -5.46 24.69 20.91
N ARG A 660 -5.97 24.40 22.10
CA ARG A 660 -5.32 23.47 23.01
C ARG A 660 -5.79 22.03 22.81
N LYS A 661 -5.79 21.55 21.56
CA LYS A 661 -6.15 20.17 21.27
C LYS A 661 -5.01 19.37 20.65
N ASN A 662 -3.83 19.96 20.50
CA ASN A 662 -2.62 19.32 19.99
C ASN A 662 -2.83 18.70 18.60
N GLN A 663 -3.88 19.17 17.92
CA GLN A 663 -4.22 18.69 16.58
C GLN A 663 -3.72 19.73 15.58
N ARG A 664 -2.70 19.36 14.81
CA ARG A 664 -2.00 20.25 13.90
C ARG A 664 -2.96 20.92 12.91
N ALA A 665 -3.82 20.13 12.27
CA ALA A 665 -4.78 20.68 11.32
C ALA A 665 -5.73 21.65 12.01
N LEU A 666 -6.20 21.28 13.20
CA LEU A 666 -7.07 22.17 13.97
C LEU A 666 -6.35 23.45 14.36
N LYS A 667 -5.09 23.33 14.79
CA LYS A 667 -4.32 24.51 15.16
C LYS A 667 -4.22 25.47 13.99
N LEU A 668 -3.83 24.96 12.81
CA LEU A 668 -3.71 25.81 11.64
C LEU A 668 -5.05 26.43 11.25
N GLY A 669 -6.12 25.64 11.28
CA GLY A 669 -7.42 26.15 10.87
C GLY A 669 -7.91 27.26 11.78
N THR A 670 -7.83 27.06 13.09
CA THR A 670 -8.30 28.10 14.01
C THR A 670 -7.38 29.32 13.97
N LEU A 671 -6.07 29.12 13.78
CA LEU A 671 -5.19 30.27 13.64
C LEU A 671 -5.57 31.11 12.43
N SER A 672 -5.79 30.45 11.28
CA SER A 672 -6.18 31.19 10.08
C SER A 672 -7.53 31.86 10.25
N ALA A 673 -8.50 31.18 10.90
CA ALA A 673 -9.81 31.78 11.11
C ALA A 673 -9.71 33.03 11.98
N LEU A 674 -8.95 32.95 13.07
CA LEU A 674 -8.79 34.11 13.94
C LEU A 674 -8.10 35.25 13.21
N ASP A 675 -7.05 34.93 12.44
CA ASP A 675 -6.33 35.94 11.68
C ASP A 675 -7.26 36.65 10.70
N ILE A 676 -8.00 35.86 9.92
CA ILE A 676 -8.87 36.47 8.86
C ILE A 676 -10.00 37.30 9.49
N LEU A 677 -10.57 36.85 10.61
CA LEU A 677 -11.62 37.64 11.30
C LEU A 677 -11.02 38.98 11.72
N ILE A 678 -9.91 38.94 12.47
CA ILE A 678 -9.24 40.19 12.96
C ILE A 678 -8.79 41.04 11.77
N LYS A 679 -8.57 40.42 10.60
CA LYS A 679 -8.08 41.17 9.42
C LYS A 679 -9.20 42.00 8.79
N ASN A 680 -10.23 41.35 8.24
CA ASN A 680 -11.29 42.11 7.51
C ASN A 680 -12.27 42.74 8.50
N TYR A 681 -13.00 41.94 9.28
CA TYR A 681 -14.04 42.48 10.18
C TYR A 681 -13.45 43.54 11.12
N SER A 682 -12.45 43.17 11.94
CA SER A 682 -11.77 44.13 12.85
C SER A 682 -12.75 45.19 13.37
N ASP A 683 -13.79 44.78 14.09
CA ASP A 683 -14.81 45.76 14.56
C ASP A 683 -15.39 45.32 15.92
N SER A 684 -15.63 44.01 16.09
CA SER A 684 -16.28 43.54 17.34
C SER A 684 -15.25 42.93 18.30
N LEU A 685 -14.03 43.48 18.34
CA LEU A 685 -13.05 42.99 19.30
C LEU A 685 -13.13 43.76 20.61
N THR A 686 -13.21 43.03 21.72
CA THR A 686 -13.08 43.60 23.06
C THR A 686 -11.94 42.89 23.78
N ALA A 687 -11.74 43.26 25.04
CA ALA A 687 -10.53 42.85 25.76
C ALA A 687 -10.54 41.36 26.11
N ALA A 688 -11.72 40.81 26.42
CA ALA A 688 -11.79 39.49 27.03
C ALA A 688 -11.26 38.39 26.10
N MET A 689 -11.84 38.27 24.91
CA MET A 689 -11.48 37.16 24.04
C MET A 689 -10.09 37.34 23.44
N ILE A 690 -9.69 38.58 23.18
CA ILE A 690 -8.34 38.81 22.68
C ILE A 690 -7.32 38.45 23.75
N ASP A 691 -7.61 38.78 25.02
CA ASP A 691 -6.73 38.36 26.10
C ASP A 691 -6.68 36.84 26.20
N ALA A 692 -7.83 36.18 26.02
CA ALA A 692 -7.85 34.72 26.07
C ALA A 692 -6.97 34.10 24.99
N VAL A 693 -7.11 34.57 23.75
CA VAL A 693 -6.35 33.97 22.65
C VAL A 693 -4.86 34.29 22.81
N LEU A 694 -4.55 35.51 23.27
CA LEU A 694 -3.15 35.87 23.47
C LEU A 694 -2.52 35.08 24.61
N ASP A 695 -3.33 34.64 25.56
CA ASP A 695 -2.84 33.71 26.57
C ASP A 695 -2.70 32.31 25.98
N GLU A 696 -3.50 32.02 24.95
CA GLU A 696 -3.46 30.68 24.33
C GLU A 696 -2.25 30.49 23.44
N LEU A 697 -1.78 31.54 22.76
CA LEU A 697 -0.65 31.38 21.84
C LEU A 697 0.63 30.85 22.49
N PRO A 698 1.08 31.34 23.65
CA PRO A 698 2.43 30.98 24.15
C PRO A 698 2.62 29.48 24.29
N PRO A 699 1.61 28.69 24.75
CA PRO A 699 1.77 27.23 24.65
C PRO A 699 1.89 26.75 23.21
N LEU A 700 1.20 27.43 22.28
CA LEU A 700 1.17 26.97 20.90
C LEU A 700 2.50 27.18 20.19
N ILE A 701 3.09 28.37 20.32
CA ILE A 701 4.29 28.69 19.55
C ILE A 701 5.47 27.98 20.19
N SER A 702 6.20 27.20 19.38
CA SER A 702 7.31 26.41 19.91
C SER A 702 8.22 26.03 18.76
N GLU A 703 9.40 25.54 19.12
CA GLU A 703 10.39 25.10 18.15
C GLU A 703 9.95 23.86 17.37
N SER A 704 9.09 23.02 17.95
CA SER A 704 8.69 21.78 17.31
C SER A 704 7.83 21.97 16.06
N ASP A 705 7.25 23.14 15.86
CA ASP A 705 6.37 23.36 14.71
C ASP A 705 6.59 24.79 14.20
N MET A 706 7.41 24.93 13.17
CA MET A 706 7.71 26.24 12.61
C MET A 706 6.59 26.79 11.73
N HIS A 707 5.80 25.92 11.08
CA HIS A 707 4.68 26.41 10.29
C HIS A 707 3.54 26.93 11.15
N VAL A 708 3.18 26.18 12.21
CA VAL A 708 2.19 26.69 13.16
C VAL A 708 2.72 27.95 13.82
N SER A 709 4.02 27.99 14.12
CA SER A 709 4.62 29.21 14.65
C SER A 709 4.49 30.36 13.68
N GLN A 710 4.70 30.11 12.39
CA GLN A 710 4.57 31.15 11.38
C GLN A 710 3.13 31.68 11.31
N MET A 711 2.17 30.77 11.35
CA MET A 711 0.77 31.19 11.33
C MET A 711 0.42 32.04 12.54
N ALA A 712 0.89 31.61 13.73
CA ALA A 712 0.64 32.38 14.93
C ALA A 712 1.33 33.75 14.87
N ILE A 713 2.55 33.80 14.34
CA ILE A 713 3.23 35.07 14.19
C ILE A 713 2.45 35.99 13.26
N SER A 714 1.93 35.47 12.15
CA SER A 714 1.14 36.28 11.24
C SER A 714 -0.14 36.80 11.89
N PHE A 715 -0.80 35.95 12.68
CA PHE A 715 -1.93 36.42 13.48
C PHE A 715 -1.51 37.57 14.39
N LEU A 716 -0.33 37.44 15.01
CA LEU A 716 0.17 38.53 15.84
C LEU A 716 0.40 39.79 15.02
N THR A 717 0.95 39.64 13.81
CA THR A 717 1.18 40.82 12.96
C THR A 717 -0.11 41.55 12.66
N THR A 718 -1.13 40.83 12.19
CA THR A 718 -2.37 41.51 11.83
C THR A 718 -3.04 42.13 13.06
N LEU A 719 -3.08 41.37 14.16
CA LEU A 719 -3.70 41.87 15.42
C LEU A 719 -2.95 43.11 15.91
N ALA A 720 -1.66 43.23 15.57
CA ALA A 720 -0.84 44.38 16.02
C ALA A 720 -1.44 45.69 15.47
N LYS A 721 -1.95 45.66 14.24
CA LYS A 721 -2.54 46.88 13.62
C LYS A 721 -4.07 46.87 13.82
N VAL A 722 -4.55 46.20 14.87
CA VAL A 722 -6.02 46.11 15.12
C VAL A 722 -6.32 46.53 16.56
N TYR A 723 -5.71 45.88 17.55
CA TYR A 723 -6.04 46.18 18.97
C TYR A 723 -4.82 46.78 19.68
N PRO A 724 -4.93 48.01 20.24
CA PRO A 724 -3.84 48.64 20.99
C PRO A 724 -3.45 47.88 22.26
N SER A 725 -4.43 47.43 23.04
CA SER A 725 -4.16 46.71 24.30
C SER A 725 -3.53 45.34 23.99
N SER A 726 -4.01 44.67 22.94
CA SER A 726 -3.43 43.36 22.52
C SER A 726 -1.93 43.52 22.32
N LEU A 727 -1.49 44.65 21.78
CA LEU A 727 -0.07 44.89 21.54
C LEU A 727 0.74 44.76 22.83
N SER A 728 0.24 45.30 23.94
CA SER A 728 0.95 45.20 25.22
C SER A 728 0.92 43.77 25.76
N LYS A 729 -0.24 43.11 25.61
CA LYS A 729 -0.34 41.72 26.03
C LYS A 729 0.65 40.84 25.27
N ILE A 730 0.72 41.03 23.95
CA ILE A 730 1.69 40.39 23.08
C ILE A 730 3.09 40.74 23.54
N SER A 731 3.33 42.03 23.78
CA SER A 731 4.61 42.52 24.25
C SER A 731 5.10 41.60 25.35
N GLY A 732 4.39 41.56 26.46
CA GLY A 732 4.81 40.69 27.54
C GLY A 732 5.00 39.24 27.13
N SER A 733 3.89 38.55 26.86
CA SER A 733 3.98 37.09 26.77
C SER A 733 4.67 36.63 25.49
N ILE A 734 4.23 37.15 24.35
CA ILE A 734 4.79 36.76 23.07
C ILE A 734 6.24 37.22 22.96
N LEU A 735 6.61 38.39 23.51
CA LEU A 735 8.01 38.78 23.46
C LEU A 735 8.88 37.82 24.25
N ASN A 736 8.43 37.39 25.43
CA ASN A 736 9.19 36.37 26.15
C ASN A 736 9.35 35.10 25.29
N GLU A 737 8.23 34.60 24.76
CA GLU A 737 8.29 33.34 24.03
C GLU A 737 9.14 33.46 22.75
N LEU A 738 8.98 34.53 21.99
CA LEU A 738 9.73 34.73 20.76
C LEU A 738 11.19 35.06 21.01
N ILE A 739 11.53 35.65 22.16
CA ILE A 739 12.93 35.78 22.52
C ILE A 739 13.52 34.41 22.78
N GLY A 740 12.76 33.53 23.42
CA GLY A 740 13.19 32.15 23.52
C GLY A 740 13.35 31.49 22.16
N LEU A 741 12.46 31.85 21.22
CA LEU A 741 12.42 31.19 19.92
C LEU A 741 13.53 31.67 18.97
N VAL A 742 13.92 32.94 19.07
CA VAL A 742 14.82 33.51 18.07
C VAL A 742 16.18 32.83 18.10
N ARG A 743 16.65 32.47 19.29
CA ARG A 743 17.97 31.87 19.46
C ARG A 743 18.04 30.51 18.79
N SER A 744 16.85 29.90 18.44
CA SER A 744 16.81 28.64 17.72
C SER A 744 17.38 28.81 16.31
N PRO A 745 18.10 27.81 15.80
CA PRO A 745 18.84 27.94 14.55
C PRO A 745 18.04 27.55 13.31
N LEU A 746 16.74 27.30 13.48
CA LEU A 746 15.91 26.87 12.36
C LEU A 746 15.00 27.98 11.85
N LEU A 747 15.18 29.20 12.33
CA LEU A 747 14.44 30.32 11.80
C LEU A 747 14.88 30.60 10.37
N GLN A 748 13.95 30.46 9.42
CA GLN A 748 14.31 30.55 8.01
C GLN A 748 13.12 30.97 7.16
N GLY A 749 13.46 31.50 5.99
CA GLY A 749 12.43 31.88 5.00
C GLY A 749 11.08 32.17 5.59
N GLY A 750 10.20 31.18 5.64
CA GLY A 750 8.83 31.50 6.06
C GLY A 750 8.80 32.19 7.40
N ALA A 751 9.19 31.46 8.42
CA ALA A 751 9.09 32.06 9.76
C ALA A 751 9.98 33.28 9.84
N LEU A 752 11.06 33.34 9.09
CA LEU A 752 11.96 34.50 9.30
C LEU A 752 11.21 35.73 8.85
N SER A 753 10.64 35.68 7.65
CA SER A 753 9.90 36.83 7.12
C SER A 753 8.78 37.15 8.10
N ALA A 754 8.16 36.10 8.63
CA ALA A 754 7.02 36.39 9.51
C ALA A 754 7.47 37.16 10.74
N MET A 755 8.53 36.71 11.39
CA MET A 755 8.98 37.34 12.64
C MET A 755 9.46 38.75 12.30
N LEU A 756 9.97 38.92 11.11
CA LEU A 756 10.52 40.24 10.75
C LEU A 756 9.32 41.18 10.69
N ASP A 757 8.25 40.74 10.04
CA ASP A 757 7.05 41.61 10.04
C ASP A 757 6.58 41.85 11.48
N PHE A 758 6.56 40.80 12.29
CA PHE A 758 6.03 40.96 13.67
C PHE A 758 6.76 42.13 14.34
N PHE A 759 8.09 42.09 14.38
CA PHE A 759 8.86 43.14 15.08
C PHE A 759 8.62 44.50 14.42
N GLN A 760 8.67 44.56 13.09
CA GLN A 760 8.41 45.82 12.36
C GLN A 760 7.12 46.48 12.89
N ALA A 761 5.98 45.77 12.78
CA ALA A 761 4.69 46.34 13.21
C ALA A 761 4.70 46.66 14.71
N LEU A 762 5.12 45.70 15.54
CA LEU A 762 5.11 45.88 17.02
C LEU A 762 5.86 47.17 17.41
N VAL A 763 7.05 47.40 16.84
CA VAL A 763 7.88 48.56 17.22
C VAL A 763 7.26 49.85 16.66
N VAL A 764 6.75 49.79 15.42
CA VAL A 764 6.19 51.02 14.76
C VAL A 764 4.92 51.46 15.50
N THR A 765 4.26 50.56 16.23
CA THR A 765 3.03 50.90 16.99
C THR A 765 3.37 51.09 18.48
N GLY A 766 2.40 51.52 19.29
CA GLY A 766 2.63 51.73 20.73
C GLY A 766 2.63 50.41 21.48
N THR A 767 3.69 50.16 22.26
CA THR A 767 3.79 48.90 23.05
C THR A 767 4.22 49.20 24.49
N ASN A 768 3.89 48.32 25.43
CA ASN A 768 4.20 48.57 26.87
C ASN A 768 5.71 48.68 27.06
N ASN A 769 6.23 49.90 27.28
CA ASN A 769 7.69 50.13 27.49
C ASN A 769 8.49 49.28 26.51
N LEU A 770 8.15 49.32 25.22
CA LEU A 770 8.83 48.48 24.20
C LEU A 770 8.93 49.29 22.91
N GLY A 771 10.14 49.46 22.38
CA GLY A 771 10.32 50.20 21.12
C GLY A 771 11.68 49.94 20.50
N TYR A 772 12.43 51.02 20.27
CA TYR A 772 13.80 50.94 19.72
C TYR A 772 14.69 50.78 20.93
N MET A 773 14.96 51.89 21.63
CA MET A 773 15.81 51.88 22.85
C MET A 773 15.58 50.58 23.62
N ASP A 774 14.42 50.42 24.27
CA ASP A 774 14.15 49.23 25.12
C ASP A 774 14.49 47.92 24.40
N LEU A 775 13.82 47.61 23.29
CA LEU A 775 14.02 46.30 22.61
C LEU A 775 15.48 46.09 22.19
N LEU A 776 16.17 47.14 21.74
CA LEU A 776 17.57 46.99 21.24
C LEU A 776 18.45 46.50 22.39
N ARG A 777 18.25 47.03 23.60
CA ARG A 777 19.05 46.60 24.78
C ARG A 777 18.64 45.17 25.17
N MET A 778 17.39 44.79 24.92
CA MET A 778 16.89 43.43 25.27
C MET A 778 17.22 42.45 24.14
N LEU A 779 17.89 42.92 23.08
CA LEU A 779 18.29 42.03 21.96
C LEU A 779 19.81 41.79 22.03
N THR A 780 20.58 42.86 22.21
CA THR A 780 22.06 42.73 22.30
C THR A 780 22.44 42.15 23.66
N GLY A 781 21.82 42.63 24.74
CA GLY A 781 22.11 42.15 26.11
C GLY A 781 22.32 40.64 26.18
N PRO A 782 21.30 39.80 25.88
CA PRO A 782 21.47 38.34 25.87
C PRO A 782 22.79 37.85 25.25
N VAL A 783 23.06 38.22 23.99
CA VAL A 783 24.28 37.73 23.29
C VAL A 783 25.54 38.29 23.95
N TYR A 784 25.46 39.50 24.51
CA TYR A 784 26.63 40.14 25.16
C TYR A 784 26.97 39.36 26.43
N SER A 785 25.96 38.99 27.21
CA SER A 785 26.18 38.20 28.45
C SER A 785 26.54 36.75 28.09
N GLN A 786 26.07 36.28 26.93
CA GLN A 786 26.40 34.90 26.46
C GLN A 786 27.92 34.80 26.33
N SER A 787 28.58 35.84 25.82
CA SER A 787 30.06 35.86 25.67
C SER A 787 30.51 34.64 24.83
N THR A 788 31.04 33.61 25.50
CA THR A 788 31.43 32.37 24.77
C THR A 788 30.22 31.84 24.00
N ALA A 789 30.35 31.64 22.69
CA ALA A 789 29.21 31.19 21.85
C ALA A 789 28.50 30.00 22.52
N LEU A 790 27.31 30.24 23.08
CA LEU A 790 26.52 29.14 23.71
C LEU A 790 25.58 28.55 22.65
N THR A 791 25.42 29.24 21.53
CA THR A 791 24.55 28.74 20.43
C THR A 791 25.43 28.00 19.41
N HIS A 792 25.05 28.00 18.13
CA HIS A 792 25.81 27.23 17.16
C HIS A 792 26.25 28.12 16.02
N LYS A 793 25.36 28.55 15.12
CA LYS A 793 25.78 29.54 14.13
C LYS A 793 24.67 30.52 13.73
N GLN A 794 23.42 30.08 13.81
CA GLN A 794 22.35 30.79 13.11
C GLN A 794 21.69 31.87 13.96
N SER A 795 21.89 31.83 15.28
CA SER A 795 21.32 32.84 16.15
C SER A 795 21.84 34.23 15.78
N TYR A 796 23.12 34.31 15.41
CA TYR A 796 23.72 35.59 15.05
C TYR A 796 23.04 36.17 13.80
N TYR A 797 22.84 35.33 12.78
CA TYR A 797 22.19 35.80 11.56
C TYR A 797 20.75 36.22 11.84
N SER A 798 20.02 35.40 12.62
CA SER A 798 18.63 35.73 12.92
C SER A 798 18.53 37.03 13.70
N ILE A 799 19.39 37.22 14.69
CA ILE A 799 19.38 38.44 15.50
C ILE A 799 19.75 39.64 14.64
N ALA A 800 20.74 39.48 13.75
CA ALA A 800 21.13 40.59 12.88
C ALA A 800 19.99 41.01 11.97
N LYS A 801 19.29 40.03 11.38
CA LYS A 801 18.18 40.36 10.50
C LYS A 801 17.03 40.98 11.28
N CYS A 802 16.77 40.50 12.50
CA CYS A 802 15.74 41.11 13.33
C CYS A 802 16.09 42.55 13.68
N VAL A 803 17.36 42.81 13.99
CA VAL A 803 17.80 44.17 14.29
C VAL A 803 17.67 45.06 13.07
N ALA A 804 17.99 44.52 11.89
CA ALA A 804 17.84 45.30 10.66
C ALA A 804 16.38 45.66 10.40
N ALA A 805 15.48 44.70 10.57
CA ALA A 805 14.06 44.96 10.39
C ALA A 805 13.56 45.98 11.40
N LEU A 806 14.03 45.87 12.64
CA LEU A 806 13.63 46.82 13.68
C LEU A 806 14.12 48.22 13.36
N THR A 807 15.37 48.33 12.87
CA THR A 807 15.93 49.62 12.51
C THR A 807 15.15 50.25 11.37
N ARG A 808 14.84 49.47 10.33
CA ARG A 808 14.09 50.01 9.21
C ARG A 808 12.62 50.24 9.56
N ALA A 809 12.15 49.69 10.67
CA ALA A 809 10.77 49.95 11.11
C ALA A 809 10.56 51.41 11.44
N CYS A 810 11.43 51.98 12.28
CA CYS A 810 11.36 53.40 12.63
C CYS A 810 12.71 54.05 12.34
N PRO A 811 12.78 54.97 11.38
CA PRO A 811 14.07 55.50 10.94
C PRO A 811 14.61 56.62 11.84
N LYS A 812 14.60 56.42 13.16
CA LYS A 812 15.27 57.34 14.07
C LYS A 812 16.66 56.79 14.33
N GLU A 813 17.37 56.52 13.24
CA GLU A 813 18.66 55.84 13.28
C GLU A 813 19.78 56.84 13.51
N GLY A 814 20.91 56.33 14.02
CA GLY A 814 22.07 57.14 14.33
C GLY A 814 22.60 56.86 15.72
N PRO A 815 21.70 56.72 16.70
CA PRO A 815 22.14 56.18 18.00
C PRO A 815 22.61 54.74 17.90
N ALA A 816 21.78 53.87 17.30
CA ALA A 816 22.10 52.45 17.24
C ALA A 816 23.31 52.19 16.35
N VAL A 817 23.42 52.92 15.23
CA VAL A 817 24.59 52.75 14.36
C VAL A 817 25.87 53.15 15.09
N VAL A 818 25.83 54.26 15.83
CA VAL A 818 27.01 54.67 16.59
C VAL A 818 27.33 53.67 17.69
N GLY A 819 26.31 53.11 18.32
CA GLY A 819 26.53 52.08 19.33
C GLY A 819 27.20 50.85 18.76
N GLN A 820 26.72 50.38 17.59
CA GLN A 820 27.36 49.24 16.95
C GLN A 820 28.77 49.58 16.50
N PHE A 821 29.00 50.82 16.06
CA PHE A 821 30.34 51.29 15.77
C PHE A 821 31.26 51.15 16.97
N ILE A 822 30.80 51.62 18.14
CA ILE A 822 31.60 51.50 19.36
C ILE A 822 31.87 50.04 19.66
N GLN A 823 30.82 49.22 19.62
CA GLN A 823 30.95 47.79 19.92
C GLN A 823 31.98 47.11 19.01
N ASP A 824 32.01 47.50 17.74
CA ASP A 824 32.97 46.93 16.80
C ASP A 824 34.36 47.49 17.01
N VAL A 825 34.46 48.72 17.52
CA VAL A 825 35.77 49.36 17.68
C VAL A 825 36.26 49.31 19.11
N LYS A 826 35.36 49.09 20.08
CA LYS A 826 35.77 49.00 21.48
C LYS A 826 36.43 47.65 21.68
N ASN A 827 37.72 47.56 21.35
CA ASN A 827 38.44 46.29 21.33
C ASN A 827 38.61 45.72 22.74
N SER A 828 38.53 46.56 23.76
CA SER A 828 38.77 46.11 25.13
C SER A 828 37.60 45.29 25.66
N ARG A 829 37.86 44.02 25.98
CA ARG A 829 36.87 43.12 26.57
C ARG A 829 35.61 42.99 25.72
N SER A 830 35.78 42.96 24.39
CA SER A 830 34.67 42.73 23.49
C SER A 830 34.81 41.33 22.90
N THR A 831 33.85 40.45 23.21
CA THR A 831 33.91 39.07 22.74
C THR A 831 33.74 39.01 21.23
N ASP A 832 34.33 37.97 20.65
CA ASP A 832 34.22 37.78 19.18
C ASP A 832 32.74 37.64 18.85
N SER A 833 31.95 37.07 19.76
CA SER A 833 30.48 36.99 19.55
C SER A 833 29.95 38.42 19.35
N ILE A 834 30.27 39.32 20.29
CA ILE A 834 29.85 40.74 20.18
C ILE A 834 30.27 41.25 18.80
N ARG A 835 31.54 41.07 18.42
CA ARG A 835 32.04 41.62 17.12
C ARG A 835 31.15 41.10 15.99
N LEU A 836 30.98 39.78 15.89
CA LEU A 836 30.11 39.17 14.86
C LEU A 836 28.78 39.91 14.83
N LEU A 837 28.05 39.85 15.95
CA LEU A 837 26.71 40.52 16.01
C LEU A 837 26.81 41.91 15.41
N ALA A 838 27.67 42.77 15.98
CA ALA A 838 27.83 44.17 15.50
C ALA A 838 27.97 44.18 13.98
N LEU A 839 29.07 43.63 13.45
CA LEU A 839 29.31 43.67 11.97
C LEU A 839 28.05 43.24 11.21
N LEU A 840 27.50 42.07 11.53
CA LEU A 840 26.33 41.53 10.78
C LEU A 840 25.19 42.57 10.79
N SER A 841 24.73 43.00 11.97
CA SER A 841 23.57 43.93 12.03
C SER A 841 23.92 45.22 11.27
N LEU A 842 25.15 45.71 11.40
CA LEU A 842 25.61 46.93 10.69
C LEU A 842 25.38 46.76 9.19
N GLY A 843 25.97 45.71 8.61
CA GLY A 843 25.77 45.44 7.17
C GLY A 843 24.30 45.33 6.82
N GLU A 844 23.52 44.61 7.63
CA GLU A 844 22.08 44.38 7.34
C GLU A 844 21.33 45.72 7.29
N VAL A 845 21.65 46.66 8.17
CA VAL A 845 20.92 47.96 8.21
C VAL A 845 21.44 48.86 7.09
N GLY A 846 22.74 48.76 6.77
CA GLY A 846 23.31 49.55 5.66
C GLY A 846 22.69 49.10 4.35
N HIS A 847 22.27 47.83 4.30
CA HIS A 847 21.66 47.30 3.05
C HIS A 847 20.55 48.22 2.58
N HIS A 848 19.57 48.50 3.41
CA HIS A 848 18.44 49.32 2.88
C HIS A 848 18.67 50.76 3.30
N ILE A 849 18.70 51.02 4.60
CA ILE A 849 19.00 52.38 5.11
C ILE A 849 20.44 52.72 4.78
N ASP A 850 20.68 53.41 3.66
CA ASP A 850 22.05 53.85 3.31
C ASP A 850 22.74 54.39 4.56
N LEU A 851 23.69 53.65 5.12
CA LEU A 851 24.44 54.13 6.31
C LEU A 851 25.15 55.45 5.96
N SER A 852 25.49 55.65 4.68
CA SER A 852 26.12 56.92 4.23
C SER A 852 27.25 57.37 5.16
N GLY A 853 27.19 58.63 5.62
CA GLY A 853 28.26 59.17 6.49
C GLY A 853 28.33 58.44 7.82
N GLN A 854 27.44 58.79 8.77
CA GLN A 854 27.40 58.14 10.11
C GLN A 854 28.81 57.86 10.62
N LEU A 855 29.53 58.90 11.06
CA LEU A 855 30.92 58.74 11.59
C LEU A 855 31.82 58.10 10.54
N GLU A 856 32.56 57.05 10.90
CA GLU A 856 33.52 56.43 9.96
C GLU A 856 32.99 55.06 9.51
N LEU A 857 32.46 54.92 8.30
CA LEU A 857 32.12 53.53 7.88
C LEU A 857 33.44 52.80 7.57
N LYS A 858 34.23 53.34 6.64
CA LYS A 858 35.53 52.74 6.22
C LYS A 858 36.36 52.23 7.41
N SER A 859 36.70 53.13 8.34
CA SER A 859 37.58 52.74 9.48
C SER A 859 37.02 51.49 10.17
N VAL A 860 35.80 51.57 10.69
CA VAL A 860 35.19 50.41 11.42
C VAL A 860 35.32 49.16 10.54
N ILE A 861 34.87 49.27 9.28
CA ILE A 861 34.92 48.09 8.35
C ILE A 861 36.32 47.46 8.33
N LEU A 862 37.36 48.21 7.95
CA LEU A 862 38.73 47.61 7.81
C LEU A 862 39.25 47.10 9.16
N GLU A 863 38.94 47.82 10.24
CA GLU A 863 39.38 47.37 11.60
C GLU A 863 38.82 45.97 11.82
N ALA A 864 37.50 45.80 11.66
CA ALA A 864 36.89 44.47 11.91
C ALA A 864 37.46 43.45 10.93
N PHE A 865 37.74 43.87 9.69
CA PHE A 865 38.33 42.99 8.66
C PHE A 865 39.64 42.37 9.15
N SER A 866 40.57 43.17 9.72
CA SER A 866 41.88 42.53 10.08
C SER A 866 41.78 41.62 11.31
N SER A 867 40.79 40.73 11.39
CA SER A 867 40.53 40.02 12.64
C SER A 867 41.26 38.68 12.66
N PRO A 868 41.71 38.24 13.84
CA PRO A 868 42.37 36.93 13.94
C PRO A 868 41.42 35.75 13.81
N SER A 869 40.11 35.95 13.85
CA SER A 869 39.13 34.89 13.71
C SER A 869 38.53 34.96 12.31
N GLU A 870 38.49 33.82 11.62
CA GLU A 870 38.03 33.80 10.24
C GLU A 870 36.55 34.17 10.13
N GLU A 871 35.75 33.86 11.15
CA GLU A 871 34.34 34.18 11.10
C GLU A 871 34.12 35.69 11.18
N VAL A 872 34.94 36.39 11.96
CA VAL A 872 34.84 37.85 12.03
C VAL A 872 35.20 38.46 10.69
N LYS A 873 36.23 37.93 10.02
CA LYS A 873 36.58 38.41 8.69
C LYS A 873 35.45 38.17 7.69
N SER A 874 34.82 36.98 7.74
CA SER A 874 33.69 36.72 6.85
C SER A 874 32.54 37.66 7.13
N ALA A 875 32.26 37.94 8.41
CA ALA A 875 31.21 38.88 8.76
C ALA A 875 31.52 40.28 8.24
N ALA A 876 32.78 40.70 8.36
CA ALA A 876 33.17 42.00 7.85
C ALA A 876 33.00 42.09 6.34
N SER A 877 33.40 41.03 5.62
CA SER A 877 33.22 41.01 4.17
C SER A 877 31.75 41.08 3.80
N TYR A 878 30.91 40.30 4.48
CA TYR A 878 29.48 40.33 4.21
C TYR A 878 28.88 41.69 4.53
N ALA A 879 29.34 42.31 5.62
CA ALA A 879 28.83 43.63 5.99
C ALA A 879 29.19 44.67 4.95
N LEU A 880 30.43 44.65 4.46
CA LEU A 880 30.82 45.58 3.40
C LEU A 880 30.01 45.33 2.12
N GLY A 881 29.82 44.05 1.78
CA GLY A 881 29.03 43.74 0.60
C GLY A 881 27.61 44.24 0.69
N SER A 882 27.00 44.08 1.86
CA SER A 882 25.64 44.59 2.07
C SER A 882 25.61 46.12 2.10
N ILE A 883 26.65 46.74 2.65
CA ILE A 883 26.71 48.20 2.69
C ILE A 883 26.76 48.78 1.28
N SER A 884 27.57 48.17 0.40
CA SER A 884 27.76 48.75 -0.93
C SER A 884 26.46 48.84 -1.71
N VAL A 885 25.56 47.87 -1.52
CA VAL A 885 24.28 47.94 -2.22
C VAL A 885 23.34 48.88 -1.45
N GLY A 886 22.94 49.96 -2.11
CA GLY A 886 22.15 51.00 -1.47
C GLY A 886 22.81 52.35 -1.63
N ASN A 887 24.14 52.37 -1.54
CA ASN A 887 24.95 53.57 -1.76
C ASN A 887 26.13 53.22 -2.67
N LEU A 888 25.83 52.52 -3.76
CA LEU A 888 26.85 52.00 -4.67
C LEU A 888 27.82 53.07 -5.18
N PRO A 889 27.37 54.26 -5.65
CA PRO A 889 28.33 55.23 -6.19
C PRO A 889 29.41 55.65 -5.20
N GLU A 890 29.13 55.55 -3.90
CA GLU A 890 30.09 55.95 -2.89
C GLU A 890 30.96 54.78 -2.44
N TYR A 891 30.35 53.61 -2.24
CA TYR A 891 31.06 52.52 -1.58
C TYR A 891 31.74 51.58 -2.58
N LEU A 892 31.32 51.60 -3.85
CA LEU A 892 31.89 50.67 -4.82
C LEU A 892 33.26 51.12 -5.30
N PRO A 893 33.49 52.41 -5.62
CA PRO A 893 34.87 52.84 -5.90
C PRO A 893 35.83 52.52 -4.78
N PHE A 894 35.37 52.59 -3.52
CA PHE A 894 36.16 52.12 -2.39
C PHE A 894 36.63 50.68 -2.64
N VAL A 895 35.69 49.83 -3.05
CA VAL A 895 35.98 48.41 -3.25
C VAL A 895 37.03 48.23 -4.33
N LEU A 896 36.84 48.91 -5.46
CA LEU A 896 37.85 48.81 -6.54
C LEU A 896 39.22 49.28 -6.07
N GLN A 897 39.27 50.44 -5.41
CA GLN A 897 40.55 51.03 -5.02
C GLN A 897 41.28 50.16 -4.02
N GLU A 898 40.55 49.56 -3.07
CA GLU A 898 41.22 48.74 -2.06
C GLU A 898 41.59 47.37 -2.61
N ILE A 899 40.78 46.84 -3.54
CA ILE A 899 41.14 45.56 -4.15
C ILE A 899 42.42 45.71 -4.96
N THR A 900 42.55 46.83 -5.69
CA THR A 900 43.77 47.02 -6.47
C THR A 900 44.92 47.51 -5.59
N SER A 901 44.66 47.81 -4.32
CA SER A 901 45.70 48.33 -3.44
C SER A 901 46.37 47.25 -2.61
N GLN A 902 45.62 46.54 -1.78
CA GLN A 902 46.22 45.57 -0.87
C GLN A 902 46.06 44.16 -1.38
N PRO A 903 47.01 43.24 -1.11
CA PRO A 903 46.93 41.88 -1.67
C PRO A 903 46.16 40.88 -0.82
N LYS A 904 46.00 41.14 0.47
CA LYS A 904 45.13 40.28 1.29
C LYS A 904 43.69 40.76 1.21
N ARG A 905 43.50 42.07 1.33
CA ARG A 905 42.20 42.67 1.11
C ARG A 905 41.77 42.40 -0.33
N GLN A 906 42.72 42.13 -1.22
CA GLN A 906 42.40 41.66 -2.55
C GLN A 906 41.43 40.48 -2.47
N TYR A 907 41.86 39.38 -1.85
CA TYR A 907 41.00 38.20 -1.72
C TYR A 907 39.77 38.49 -0.88
N LEU A 908 39.93 39.17 0.25
CA LEU A 908 38.81 39.31 1.18
C LEU A 908 37.71 40.20 0.60
N LEU A 909 38.07 41.36 0.06
CA LEU A 909 37.08 42.17 -0.65
C LEU A 909 36.70 41.59 -1.99
N LEU A 910 37.42 40.62 -2.54
CA LEU A 910 36.86 39.87 -3.66
C LEU A 910 35.68 39.03 -3.21
N HIS A 911 35.79 38.39 -2.05
CA HIS A 911 34.63 37.73 -1.45
C HIS A 911 33.50 38.73 -1.20
N SER A 912 33.85 39.89 -0.66
CA SER A 912 32.86 40.94 -0.42
C SER A 912 32.21 41.39 -1.72
N LEU A 913 32.99 41.44 -2.81
CA LEU A 913 32.46 41.82 -4.12
C LEU A 913 31.53 40.75 -4.68
N LYS A 914 31.84 39.47 -4.44
CA LYS A 914 30.92 38.41 -4.79
C LYS A 914 29.59 38.61 -4.08
N GLU A 915 29.66 38.91 -2.79
CA GLU A 915 28.46 39.22 -2.02
C GLU A 915 27.72 40.42 -2.62
N ILE A 916 28.49 41.44 -3.01
CA ILE A 916 27.98 42.69 -3.58
C ILE A 916 27.16 42.38 -4.82
N ILE A 917 27.74 41.61 -5.74
CA ILE A 917 27.09 41.31 -7.00
C ILE A 917 25.88 40.41 -6.77
N SER A 918 26.01 39.47 -5.84
CA SER A 918 24.89 38.56 -5.55
C SER A 918 23.68 39.31 -5.01
N SER A 919 23.89 40.29 -4.13
CA SER A 919 22.79 40.96 -3.47
C SER A 919 22.59 42.41 -3.92
N ALA A 920 23.06 42.79 -5.10
CA ALA A 920 22.89 44.16 -5.56
C ALA A 920 21.55 44.33 -6.29
N SER A 921 21.32 45.53 -6.82
CA SER A 921 20.15 45.79 -7.64
C SER A 921 20.39 45.31 -9.06
N VAL A 922 19.53 45.69 -10.00
CA VAL A 922 19.65 45.21 -11.37
C VAL A 922 19.63 46.39 -12.35
N VAL A 923 19.46 47.60 -11.83
CA VAL A 923 19.36 48.77 -12.69
C VAL A 923 20.56 49.70 -12.52
N GLY A 924 21.01 49.90 -11.28
CA GLY A 924 22.10 50.82 -11.01
C GLY A 924 23.46 50.18 -10.91
N LEU A 925 23.85 49.37 -11.90
CA LEU A 925 25.09 48.62 -11.81
C LEU A 925 25.94 48.71 -13.09
N LYS A 926 25.33 49.07 -14.22
CA LYS A 926 25.92 48.84 -15.54
C LYS A 926 27.33 49.42 -15.71
N PRO A 927 27.57 50.73 -15.44
CA PRO A 927 28.94 51.24 -15.58
C PRO A 927 29.83 50.68 -14.48
N TYR A 928 29.26 50.56 -13.29
CA TYR A 928 29.95 49.90 -12.19
C TYR A 928 30.25 48.46 -12.52
N VAL A 929 29.34 47.77 -13.21
CA VAL A 929 29.58 46.39 -13.62
C VAL A 929 30.73 46.32 -14.62
N GLU A 930 30.77 47.28 -15.56
CA GLU A 930 31.87 47.32 -16.51
C GLU A 930 33.21 47.51 -15.81
N ASN A 931 33.26 48.44 -14.85
CA ASN A 931 34.50 48.65 -14.09
C ASN A 931 34.86 47.40 -13.29
N ILE A 932 33.86 46.74 -12.69
CA ILE A 932 34.10 45.55 -11.90
C ILE A 932 34.73 44.47 -12.77
N TRP A 933 34.19 44.27 -13.98
CA TRP A 933 34.69 43.21 -14.84
C TRP A 933 36.08 43.59 -15.39
N ALA A 934 36.31 44.88 -15.63
CA ALA A 934 37.65 45.31 -16.01
C ALA A 934 38.67 44.94 -14.95
N LEU A 935 38.36 45.26 -13.69
CA LEU A 935 39.26 44.90 -12.59
C LEU A 935 39.39 43.38 -12.47
N LEU A 936 38.28 42.67 -12.63
CA LEU A 936 38.28 41.22 -12.49
C LEU A 936 39.21 40.57 -13.51
N LEU A 937 39.15 41.05 -14.76
CA LEU A 937 40.08 40.58 -15.78
C LEU A 937 41.50 40.97 -15.42
N LYS A 938 41.70 42.19 -14.91
CA LYS A 938 43.04 42.62 -14.52
C LYS A 938 43.53 41.86 -13.29
N HIS A 939 42.61 41.40 -12.45
CA HIS A 939 42.99 40.78 -11.18
C HIS A 939 42.97 39.25 -11.27
N CYS A 940 43.37 38.71 -12.43
CA CYS A 940 43.49 37.28 -12.62
C CYS A 940 44.79 36.71 -12.05
N GLU A 941 45.48 37.46 -11.18
CA GLU A 941 46.74 37.04 -10.61
C GLU A 941 46.61 35.74 -9.83
N CYS A 942 47.64 34.90 -9.88
CA CYS A 942 47.65 33.56 -9.32
C CYS A 942 48.28 33.48 -7.94
N ALA A 943 48.19 34.49 -7.07
CA ALA A 943 48.76 34.42 -5.73
C ALA A 943 48.22 33.22 -4.98
N GLU A 944 46.90 33.07 -4.92
CA GLU A 944 46.26 31.90 -4.33
C GLU A 944 45.19 31.42 -5.28
N GLU A 945 44.96 30.11 -5.30
CA GLU A 945 43.88 29.57 -6.12
C GLU A 945 42.51 29.96 -5.61
N GLY A 946 42.38 30.27 -4.31
CA GLY A 946 41.13 30.77 -3.80
C GLY A 946 40.73 32.11 -4.41
N THR A 947 41.72 32.98 -4.65
CA THR A 947 41.46 34.22 -5.36
C THR A 947 40.93 33.95 -6.76
N ARG A 948 41.51 32.96 -7.44
CA ARG A 948 41.00 32.56 -8.74
C ARG A 948 39.56 32.09 -8.65
N ASN A 949 39.25 31.30 -7.63
CA ASN A 949 37.90 30.81 -7.46
C ASN A 949 36.91 31.95 -7.25
N VAL A 950 37.24 32.89 -6.34
CA VAL A 950 36.27 33.94 -6.02
C VAL A 950 36.12 34.89 -7.20
N VAL A 951 37.21 35.17 -7.91
CA VAL A 951 37.11 36.04 -9.08
C VAL A 951 36.29 35.36 -10.17
N ALA A 952 36.40 34.04 -10.29
CA ALA A 952 35.56 33.31 -11.23
C ALA A 952 34.09 33.38 -10.83
N GLU A 953 33.80 33.28 -9.52
CA GLU A 953 32.42 33.41 -9.07
C GLU A 953 31.88 34.80 -9.38
N CYS A 954 32.70 35.83 -9.17
CA CYS A 954 32.29 37.20 -9.47
C CYS A 954 32.02 37.37 -10.96
N LEU A 955 32.89 36.79 -11.80
CA LEU A 955 32.68 36.86 -13.24
C LEU A 955 31.38 36.18 -13.64
N GLY A 956 31.10 35.02 -13.04
CA GLY A 956 29.85 34.34 -13.34
C GLY A 956 28.63 35.15 -12.94
N LYS A 957 28.66 35.69 -11.72
CA LYS A 957 27.52 36.49 -11.25
C LYS A 957 27.34 37.73 -12.11
N LEU A 958 28.43 38.33 -12.60
CA LEU A 958 28.32 39.42 -13.56
C LEU A 958 27.72 38.94 -14.87
N THR A 959 28.07 37.74 -15.30
CA THR A 959 27.52 37.20 -16.54
C THR A 959 26.01 36.98 -16.42
N LEU A 960 25.54 36.65 -15.21
CA LEU A 960 24.11 36.45 -15.00
C LEU A 960 23.28 37.67 -15.42
N ILE A 961 23.85 38.88 -15.29
CA ILE A 961 23.12 40.08 -15.67
C ILE A 961 23.67 40.63 -16.98
N ASP A 962 22.77 40.91 -17.94
CA ASP A 962 23.09 41.36 -19.29
C ASP A 962 24.12 40.45 -19.96
N PRO A 963 23.85 39.15 -20.09
CA PRO A 963 24.87 38.23 -20.65
C PRO A 963 25.19 38.49 -22.10
N GLU A 964 24.24 39.09 -22.83
CA GLU A 964 24.30 39.20 -24.29
C GLU A 964 25.60 39.83 -24.80
N THR A 965 26.03 40.92 -24.18
CA THR A 965 27.20 41.63 -24.65
C THR A 965 28.47 41.18 -23.94
N LEU A 966 28.35 40.79 -22.67
CA LEU A 966 29.54 40.46 -21.89
C LEU A 966 30.09 39.08 -22.24
N LEU A 967 29.20 38.14 -22.56
CA LEU A 967 29.64 36.76 -22.82
C LEU A 967 30.62 36.63 -23.99
N PRO A 968 30.40 37.27 -25.16
CA PRO A 968 31.38 37.10 -26.25
C PRO A 968 32.78 37.54 -25.89
N ARG A 969 32.92 38.59 -25.07
CA ARG A 969 34.25 38.98 -24.59
C ARG A 969 34.86 37.88 -23.75
N LEU A 970 34.03 37.22 -22.94
CA LEU A 970 34.51 36.11 -22.11
C LEU A 970 35.01 34.95 -22.99
N LYS A 971 34.27 34.63 -24.05
CA LYS A 971 34.72 33.57 -24.96
C LYS A 971 36.00 33.98 -25.68
N GLY A 972 36.11 35.25 -26.09
CA GLY A 972 37.32 35.71 -26.73
C GLY A 972 38.52 35.64 -25.80
N TYR A 973 38.32 35.95 -24.52
CA TYR A 973 39.39 35.85 -23.55
C TYR A 973 39.75 34.39 -23.27
N LEU A 974 38.77 33.49 -23.41
CA LEU A 974 39.10 32.07 -23.38
C LEU A 974 40.05 31.76 -24.52
N ILE A 975 39.69 32.22 -25.73
CA ILE A 975 40.42 31.86 -26.95
C ILE A 975 41.85 32.41 -26.89
N SER A 976 42.01 33.66 -26.46
CA SER A 976 43.30 34.33 -26.53
C SER A 976 44.02 34.46 -25.20
N GLY A 977 43.43 33.99 -24.10
CA GLY A 977 44.02 34.11 -22.79
C GLY A 977 45.08 33.05 -22.51
N SER A 978 45.71 33.19 -21.35
CA SER A 978 46.71 32.21 -20.91
C SER A 978 46.03 31.04 -20.21
N SER A 979 46.86 30.12 -19.70
CA SER A 979 46.33 28.93 -19.03
C SER A 979 45.52 29.32 -17.79
N TYR A 980 46.05 30.23 -16.98
CA TYR A 980 45.30 30.71 -15.83
C TYR A 980 44.05 31.47 -16.28
N ALA A 981 44.14 32.22 -17.38
CA ALA A 981 42.97 32.87 -17.94
C ALA A 981 41.91 31.86 -18.38
N ARG A 982 42.32 30.77 -19.05
CA ARG A 982 41.37 29.75 -19.42
C ARG A 982 40.73 29.12 -18.19
N SER A 983 41.53 28.87 -17.14
CA SER A 983 40.97 28.34 -15.91
C SER A 983 39.93 29.28 -15.33
N SER A 984 40.23 30.58 -15.34
CA SER A 984 39.29 31.56 -14.78
C SER A 984 37.99 31.59 -15.57
N VAL A 985 38.07 31.62 -16.90
CA VAL A 985 36.84 31.70 -17.69
C VAL A 985 36.02 30.42 -17.56
N VAL A 986 36.69 29.26 -17.56
CA VAL A 986 35.92 28.02 -17.47
C VAL A 986 35.31 27.85 -16.08
N THR A 987 35.98 28.31 -15.02
CA THR A 987 35.35 28.27 -13.70
C THR A 987 34.20 29.27 -13.59
N ALA A 988 34.32 30.43 -14.23
CA ALA A 988 33.22 31.39 -14.25
C ALA A 988 32.00 30.79 -14.94
N VAL A 989 32.21 30.12 -16.07
CA VAL A 989 31.08 29.50 -16.76
C VAL A 989 30.62 28.25 -16.02
N LYS A 990 31.48 27.69 -15.17
CA LYS A 990 31.09 26.60 -14.29
C LYS A 990 30.06 27.08 -13.27
N PHE A 991 30.33 28.22 -12.63
CA PHE A 991 29.41 28.68 -11.59
C PHE A 991 28.33 29.58 -12.17
N THR A 992 28.37 29.82 -13.48
CA THR A 992 27.22 30.43 -14.16
C THR A 992 26.05 29.45 -14.20
N ILE A 993 26.33 28.18 -13.94
CA ILE A 993 25.30 27.15 -13.89
C ILE A 993 24.41 27.37 -12.68
N SER A 994 23.11 27.40 -12.89
CA SER A 994 22.14 27.57 -11.81
C SER A 994 21.75 26.22 -11.23
N ASP A 995 20.69 26.21 -10.43
CA ASP A 995 20.12 24.95 -9.95
C ASP A 995 18.71 24.77 -10.49
N HIS A 996 18.09 25.87 -10.92
CA HIS A 996 16.73 25.86 -11.45
C HIS A 996 16.71 26.65 -12.74
N PRO A 997 15.70 26.44 -13.59
CA PRO A 997 15.67 27.12 -14.88
C PRO A 997 15.73 28.64 -14.76
N GLN A 998 16.45 29.24 -15.70
CA GLN A 998 16.67 30.69 -15.74
C GLN A 998 16.56 31.13 -17.19
N PRO A 999 16.33 32.41 -17.45
CA PRO A 999 16.22 32.89 -18.83
C PRO A 999 17.56 32.99 -19.54
N ILE A 1000 18.62 32.39 -18.99
CA ILE A 1000 19.94 32.36 -19.61
C ILE A 1000 20.17 31.09 -20.42
N ASP A 1001 19.20 30.17 -20.42
CA ASP A 1001 19.42 28.80 -20.88
C ASP A 1001 19.98 28.66 -22.29
N PRO A 1002 19.42 29.31 -23.34
CA PRO A 1002 19.88 28.98 -24.71
C PRO A 1002 21.29 29.44 -24.99
N LEU A 1003 21.54 30.73 -24.72
CA LEU A 1003 22.86 31.30 -24.94
C LEU A 1003 23.90 30.59 -24.08
N LEU A 1004 23.59 30.38 -22.81
CA LEU A 1004 24.51 29.69 -21.92
C LEU A 1004 24.73 28.26 -22.39
N LYS A 1005 23.65 27.59 -22.82
CA LYS A 1005 23.77 26.24 -23.37
C LYS A 1005 24.82 26.20 -24.48
N ASN A 1006 24.60 26.98 -25.53
CA ASN A 1006 25.49 26.92 -26.70
C ASN A 1006 26.90 27.33 -26.34
N CYS A 1007 27.05 28.39 -25.53
CA CYS A 1007 28.37 28.91 -25.26
C CYS A 1007 29.16 28.04 -24.28
N ILE A 1008 28.52 27.49 -23.25
CA ILE A 1008 29.23 26.54 -22.39
C ILE A 1008 29.54 25.26 -23.16
N GLY A 1009 28.72 24.91 -24.14
CA GLY A 1009 29.08 23.80 -25.00
C GLY A 1009 30.35 24.08 -25.78
N ASP A 1010 30.46 25.29 -26.34
CA ASP A 1010 31.70 25.70 -27.00
C ASP A 1010 32.87 25.69 -26.02
N PHE A 1011 32.65 26.22 -24.82
CA PHE A 1011 33.68 26.26 -23.79
C PHE A 1011 34.21 24.87 -23.49
N LEU A 1012 33.31 23.91 -23.30
CA LEU A 1012 33.71 22.58 -22.90
C LEU A 1012 34.35 21.82 -24.06
N LYS A 1013 33.82 22.01 -25.28
CA LYS A 1013 34.37 21.28 -26.42
C LYS A 1013 35.71 21.87 -26.86
N THR A 1014 36.00 23.11 -26.49
CA THR A 1014 37.29 23.70 -26.83
C THR A 1014 38.30 23.49 -25.71
N LEU A 1015 37.84 23.43 -24.47
CA LEU A 1015 38.72 23.34 -23.31
C LEU A 1015 38.78 21.95 -22.69
N GLU A 1016 38.50 20.89 -23.43
CA GLU A 1016 38.66 19.56 -22.87
C GLU A 1016 39.89 18.83 -23.39
N ASP A 1017 40.66 19.48 -24.27
CA ASP A 1017 41.93 18.87 -24.73
C ASP A 1017 43.05 19.95 -24.74
N PRO A 1018 43.36 20.62 -23.60
CA PRO A 1018 44.41 21.63 -23.53
C PRO A 1018 45.61 21.11 -22.73
N ASP A 1019 46.05 21.86 -21.72
CA ASP A 1019 47.14 21.40 -20.83
C ASP A 1019 46.52 20.65 -19.65
N LEU A 1020 47.29 19.78 -18.99
CA LEU A 1020 46.77 18.97 -17.85
C LEU A 1020 46.21 19.90 -16.76
N ASN A 1021 46.86 21.04 -16.53
CA ASN A 1021 46.41 22.01 -15.49
C ASN A 1021 44.98 22.46 -15.80
N VAL A 1022 44.74 22.95 -17.03
CA VAL A 1022 43.40 23.49 -17.39
C VAL A 1022 42.43 22.33 -17.63
N ARG A 1023 42.96 21.14 -17.91
CA ARG A 1023 42.08 19.97 -18.23
C ARG A 1023 41.18 19.66 -17.03
N ARG A 1024 41.76 19.33 -15.87
CA ARG A 1024 40.94 18.93 -14.72
C ARG A 1024 39.97 20.04 -14.35
N VAL A 1025 40.34 21.30 -14.59
CA VAL A 1025 39.40 22.38 -14.28
C VAL A 1025 38.15 22.26 -15.14
N ALA A 1026 38.31 22.13 -16.47
CA ALA A 1026 37.16 21.95 -17.32
C ALA A 1026 36.42 20.66 -17.03
N LEU A 1027 37.13 19.62 -16.60
CA LEU A 1027 36.44 18.40 -16.19
C LEU A 1027 35.52 18.63 -15.00
N VAL A 1028 35.96 19.36 -13.98
CA VAL A 1028 35.07 19.57 -12.83
C VAL A 1028 33.90 20.47 -13.23
N THR A 1029 34.14 21.43 -14.14
CA THR A 1029 33.01 22.21 -14.65
C THR A 1029 32.01 21.33 -15.40
N PHE A 1030 32.49 20.40 -16.21
CA PHE A 1030 31.57 19.53 -16.94
C PHE A 1030 30.83 18.60 -15.99
N ASN A 1031 31.50 18.17 -14.92
CA ASN A 1031 30.85 17.37 -13.89
C ASN A 1031 29.68 18.16 -13.28
N SER A 1032 29.93 19.42 -12.92
CA SER A 1032 28.88 20.25 -12.34
C SER A 1032 27.73 20.43 -13.31
N ALA A 1033 28.05 20.70 -14.58
CA ALA A 1033 27.02 20.92 -15.60
C ALA A 1033 26.17 19.66 -15.78
N ALA A 1034 26.83 18.50 -15.86
CA ALA A 1034 26.14 17.23 -16.05
C ALA A 1034 25.22 16.93 -14.88
N HIS A 1035 25.67 17.19 -13.65
CA HIS A 1035 24.82 16.93 -12.50
C HIS A 1035 23.64 17.89 -12.46
N ASN A 1036 23.86 19.16 -12.78
CA ASN A 1036 22.82 20.16 -12.61
C ASN A 1036 21.82 20.17 -13.77
N LYS A 1037 22.27 20.49 -14.98
CA LYS A 1037 21.34 20.58 -16.11
C LYS A 1037 21.67 19.59 -17.22
N PRO A 1038 20.94 18.47 -17.31
CA PRO A 1038 21.10 17.61 -18.49
C PRO A 1038 20.63 18.28 -19.78
N SER A 1039 19.91 19.40 -19.68
CA SER A 1039 19.23 19.99 -20.83
C SER A 1039 20.07 21.03 -21.56
N LEU A 1040 21.33 21.20 -21.17
CA LEU A 1040 22.20 22.12 -21.91
C LEU A 1040 23.39 21.38 -22.51
N ILE A 1041 23.51 20.09 -22.19
CA ILE A 1041 24.56 19.27 -22.77
C ILE A 1041 24.06 18.65 -24.06
N ARG A 1042 23.05 17.78 -23.96
CA ARG A 1042 22.43 17.15 -25.15
C ARG A 1042 23.49 16.60 -26.11
N ASP A 1043 23.66 17.23 -27.28
CA ASP A 1043 24.61 16.73 -28.31
C ASP A 1043 26.06 16.76 -27.81
N LEU A 1044 26.37 17.64 -26.86
CA LEU A 1044 27.77 17.80 -26.39
C LEU A 1044 28.28 16.46 -25.82
N LEU A 1045 27.39 15.65 -25.25
CA LEU A 1045 27.78 14.34 -24.67
C LEU A 1045 28.65 13.56 -25.66
N ASP A 1046 28.23 13.49 -26.92
CA ASP A 1046 28.97 12.70 -27.94
C ASP A 1046 30.35 13.32 -28.19
N THR A 1047 30.44 14.66 -28.19
CA THR A 1047 31.73 15.36 -28.44
C THR A 1047 32.61 15.30 -27.19
N VAL A 1048 32.00 15.13 -26.01
CA VAL A 1048 32.76 15.09 -24.73
C VAL A 1048 33.45 13.74 -24.61
N LEU A 1049 32.75 12.64 -24.94
CA LEU A 1049 33.32 11.27 -24.79
C LEU A 1049 34.78 11.20 -25.22
N PRO A 1050 35.18 11.47 -26.49
CA PRO A 1050 36.59 11.32 -26.91
C PRO A 1050 37.56 12.11 -26.02
N HIS A 1051 37.30 13.41 -25.84
CA HIS A 1051 38.19 14.28 -25.02
C HIS A 1051 38.31 13.71 -23.61
N LEU A 1052 37.19 13.30 -23.02
CA LEU A 1052 37.20 12.75 -21.64
C LEU A 1052 37.99 11.44 -21.61
N TYR A 1053 37.82 10.58 -22.62
CA TYR A 1053 38.51 9.26 -22.63
C TYR A 1053 40.01 9.42 -22.88
N ASN A 1054 40.41 10.53 -23.52
CA ASN A 1054 41.85 10.79 -23.78
C ASN A 1054 42.61 10.82 -22.45
N GLU A 1055 42.02 11.46 -21.42
CA GLU A 1055 42.69 11.58 -20.10
C GLU A 1055 42.15 10.52 -19.15
N THR A 1056 41.04 9.87 -19.52
CA THR A 1056 40.48 8.78 -18.68
C THR A 1056 41.55 7.70 -18.50
N LYS A 1057 42.30 7.39 -19.58
CA LYS A 1057 43.33 6.37 -19.48
C LYS A 1057 44.58 6.94 -18.82
N VAL A 1058 45.48 6.04 -18.44
CA VAL A 1058 46.73 6.42 -17.78
C VAL A 1058 47.65 7.11 -18.79
N ARG A 1059 48.40 8.11 -18.33
CA ARG A 1059 49.34 8.85 -19.17
C ARG A 1059 50.75 8.48 -18.71
N LYS A 1060 51.49 7.81 -19.60
CA LYS A 1060 52.85 7.37 -19.27
C LYS A 1060 53.88 8.43 -19.65
N GLU A 1061 53.65 9.67 -19.23
CA GLU A 1061 54.62 10.74 -19.46
C GLU A 1061 54.72 11.58 -18.19
N LEU A 1062 53.73 11.46 -17.31
CA LEU A 1062 53.64 12.30 -16.13
C LEU A 1062 53.99 11.57 -14.83
N ILE A 1063 54.15 10.24 -14.87
CA ILE A 1063 54.58 9.51 -13.68
C ILE A 1063 55.98 9.93 -13.27
N ARG A 1064 56.87 10.11 -14.24
CA ARG A 1064 58.19 10.72 -14.07
C ARG A 1064 59.16 9.82 -13.32
N GLU A 1065 58.66 8.73 -12.72
CA GLU A 1065 59.44 7.75 -11.97
C GLU A 1065 60.58 8.38 -11.19
N VAL A 1066 60.29 9.47 -10.46
CA VAL A 1066 61.34 10.33 -9.92
C VAL A 1066 61.07 10.69 -8.46
N GLU A 1067 61.93 11.55 -7.90
CA GLU A 1067 61.97 12.04 -6.51
C GLU A 1067 62.43 10.96 -5.55
N MET A 1068 62.49 9.71 -6.01
CA MET A 1068 63.18 8.60 -5.35
C MET A 1068 63.60 7.58 -6.39
N GLY A 1069 64.85 7.73 -6.84
CA GLY A 1069 65.40 6.86 -7.85
C GLY A 1069 65.53 5.41 -7.37
N PRO A 1070 66.43 5.18 -6.42
CA PRO A 1070 66.57 3.81 -5.87
C PRO A 1070 65.30 3.33 -5.17
N PHE A 1071 64.57 4.23 -4.53
CA PHE A 1071 63.47 3.85 -3.65
C PHE A 1071 62.12 3.80 -4.35
N LYS A 1072 62.05 4.22 -5.61
CA LYS A 1072 60.90 3.94 -6.47
C LYS A 1072 59.56 4.47 -5.97
N HIS A 1073 59.41 5.80 -5.92
CA HIS A 1073 58.10 6.43 -5.77
C HIS A 1073 57.50 6.64 -7.15
N THR A 1074 56.17 6.53 -7.23
CA THR A 1074 55.44 6.84 -8.47
C THR A 1074 54.47 7.98 -8.16
N VAL A 1075 54.99 9.20 -8.24
CA VAL A 1075 54.14 10.40 -8.16
C VAL A 1075 53.47 10.54 -9.51
N ASP A 1076 52.16 10.80 -9.51
CA ASP A 1076 51.40 10.65 -10.75
C ASP A 1076 51.23 11.98 -11.46
N ASP A 1077 50.83 13.02 -10.72
CA ASP A 1077 50.54 14.36 -11.25
C ASP A 1077 49.44 14.36 -12.29
N GLY A 1078 48.78 13.22 -12.51
CA GLY A 1078 47.67 13.14 -13.43
C GLY A 1078 46.48 12.50 -12.76
N LEU A 1079 46.64 12.14 -11.48
CA LEU A 1079 45.54 11.49 -10.72
C LEU A 1079 44.44 12.51 -10.46
N ASP A 1080 44.81 13.79 -10.36
CA ASP A 1080 43.81 14.87 -10.15
C ASP A 1080 42.80 14.83 -11.30
N ILE A 1081 43.30 14.88 -12.55
CA ILE A 1081 42.40 14.85 -13.74
C ILE A 1081 41.68 13.51 -13.80
N ARG A 1082 42.38 12.41 -13.49
CA ARG A 1082 41.77 11.06 -13.55
C ARG A 1082 40.57 11.00 -12.59
N LYS A 1083 40.76 11.46 -11.35
CA LYS A 1083 39.66 11.44 -10.34
C LYS A 1083 38.50 12.29 -10.87
N ALA A 1084 38.79 13.49 -11.38
CA ALA A 1084 37.73 14.38 -11.92
C ALA A 1084 37.03 13.71 -13.09
N ALA A 1085 37.78 13.04 -13.97
CA ALA A 1085 37.19 12.37 -15.15
C ALA A 1085 36.23 11.27 -14.70
N PHE A 1086 36.63 10.49 -13.70
CA PHE A 1086 35.78 9.36 -13.23
C PHE A 1086 34.59 9.90 -12.43
N GLU A 1087 34.75 11.09 -11.84
CA GLU A 1087 33.61 11.73 -11.12
C GLU A 1087 32.59 12.16 -12.19
N CYS A 1088 33.07 12.61 -13.35
CA CYS A 1088 32.15 12.99 -14.46
C CYS A 1088 31.42 11.73 -14.94
N MET A 1089 32.13 10.59 -14.99
CA MET A 1089 31.51 9.30 -15.44
C MET A 1089 30.39 8.92 -14.45
N TYR A 1090 30.61 9.15 -13.15
CA TYR A 1090 29.56 8.85 -12.14
C TYR A 1090 28.32 9.70 -12.45
N THR A 1091 28.51 11.02 -12.59
CA THR A 1091 27.35 11.92 -12.84
C THR A 1091 26.75 11.64 -14.23
N LEU A 1092 27.55 11.09 -15.14
CA LEU A 1092 27.02 10.72 -16.49
C LEU A 1092 25.91 9.69 -16.31
N LEU A 1093 26.21 8.52 -15.74
CA LEU A 1093 25.17 7.47 -15.60
C LEU A 1093 24.09 7.93 -14.61
N ASP A 1094 24.41 8.90 -13.74
CA ASP A 1094 23.44 9.39 -12.74
C ASP A 1094 22.38 10.25 -13.43
N SER A 1095 22.77 11.07 -14.42
CA SER A 1095 21.81 11.99 -15.06
C SER A 1095 21.42 11.51 -16.46
N CYS A 1096 22.39 11.32 -17.35
CA CYS A 1096 22.06 10.96 -18.73
C CYS A 1096 22.51 9.54 -19.06
N LEU A 1097 21.57 8.60 -19.11
CA LEU A 1097 21.91 7.21 -19.35
C LEU A 1097 21.37 6.69 -20.68
N ASP A 1098 20.19 7.14 -21.09
CA ASP A 1098 19.50 6.56 -22.25
C ASP A 1098 20.30 6.70 -23.54
N ARG A 1099 20.89 7.87 -23.77
CA ARG A 1099 21.67 8.09 -25.00
C ARG A 1099 23.17 7.97 -24.78
N LEU A 1100 23.61 7.57 -23.59
CA LEU A 1100 25.03 7.37 -23.34
C LEU A 1100 25.53 6.10 -24.02
N ASP A 1101 26.71 6.17 -24.59
CA ASP A 1101 27.33 4.99 -25.21
C ASP A 1101 27.89 4.07 -24.14
N ILE A 1102 27.51 2.80 -24.21
CA ILE A 1102 27.73 1.86 -23.13
C ILE A 1102 29.07 1.13 -23.26
N PHE A 1103 29.41 0.70 -24.47
CA PHE A 1103 30.54 -0.22 -24.64
C PHE A 1103 31.85 0.43 -24.21
N GLU A 1104 32.14 1.64 -24.69
CA GLU A 1104 33.36 2.33 -24.29
C GLU A 1104 33.36 2.64 -22.80
N PHE A 1105 32.19 3.03 -22.27
CA PHE A 1105 32.06 3.23 -20.83
C PHE A 1105 32.56 2.01 -20.07
N LEU A 1106 32.13 0.82 -20.49
CA LEU A 1106 32.52 -0.39 -19.77
C LEU A 1106 33.98 -0.75 -20.00
N ASN A 1107 34.50 -0.52 -21.20
CA ASN A 1107 35.92 -0.77 -21.45
C ASN A 1107 36.79 0.09 -20.54
N HIS A 1108 36.47 1.37 -20.40
CA HIS A 1108 37.31 2.20 -19.55
C HIS A 1108 36.95 2.17 -18.07
N VAL A 1109 35.81 1.60 -17.66
CA VAL A 1109 35.72 1.28 -16.24
C VAL A 1109 36.54 0.02 -15.95
N GLU A 1110 36.73 -0.84 -16.95
CA GLU A 1110 37.76 -1.87 -16.82
C GLU A 1110 39.15 -1.26 -16.65
N ASP A 1111 39.52 -0.34 -17.54
CA ASP A 1111 40.84 0.30 -17.39
C ASP A 1111 40.96 1.04 -16.07
N GLY A 1112 39.86 1.58 -15.54
CA GLY A 1112 39.85 2.12 -14.20
C GLY A 1112 40.04 1.05 -13.14
N LEU A 1113 39.47 -0.14 -13.36
CA LEU A 1113 39.74 -1.27 -12.48
C LEU A 1113 41.21 -1.66 -12.55
N LYS A 1114 41.90 -1.22 -13.58
CA LYS A 1114 43.35 -1.44 -13.65
C LYS A 1114 44.11 -0.24 -13.07
N ASP A 1115 43.38 0.78 -12.59
CA ASP A 1115 44.01 2.00 -12.09
C ASP A 1115 44.29 1.94 -10.60
N HIS A 1116 44.61 3.09 -10.00
CA HIS A 1116 45.05 3.17 -8.62
C HIS A 1116 43.86 3.15 -7.65
N TYR A 1117 44.18 3.22 -6.36
CA TYR A 1117 43.26 2.82 -5.30
C TYR A 1117 41.97 3.63 -5.34
N ASP A 1118 42.07 4.97 -5.36
CA ASP A 1118 40.87 5.80 -5.37
C ASP A 1118 40.03 5.54 -6.62
N ILE A 1119 40.69 5.43 -7.77
CA ILE A 1119 40.00 5.08 -9.00
C ILE A 1119 39.44 3.66 -8.92
N LYS A 1120 40.13 2.77 -8.21
CA LYS A 1120 39.59 1.42 -8.00
C LYS A 1120 38.25 1.47 -7.27
N MET A 1121 38.18 2.26 -6.19
CA MET A 1121 36.94 2.31 -5.41
C MET A 1121 35.84 3.03 -6.19
N LEU A 1122 36.21 4.10 -6.91
CA LEU A 1122 35.24 4.79 -7.75
C LEU A 1122 34.69 3.89 -8.83
N THR A 1123 35.55 3.07 -9.45
CA THR A 1123 35.09 2.12 -10.45
C THR A 1123 34.25 1.01 -9.84
N PHE A 1124 34.54 0.59 -8.61
CA PHE A 1124 33.67 -0.36 -7.93
C PHE A 1124 32.25 0.21 -7.80
N LEU A 1125 32.14 1.45 -7.33
CA LEU A 1125 30.82 2.06 -7.21
C LEU A 1125 30.17 2.26 -8.57
N MET A 1126 30.96 2.67 -9.57
CA MET A 1126 30.47 2.81 -10.93
C MET A 1126 29.88 1.51 -11.44
N LEU A 1127 30.60 0.41 -11.22
CA LEU A 1127 30.17 -0.91 -11.64
C LEU A 1127 28.87 -1.30 -10.95
N VAL A 1128 28.78 -1.04 -9.65
CA VAL A 1128 27.58 -1.38 -8.88
C VAL A 1128 26.38 -0.67 -9.49
N ARG A 1129 26.50 0.64 -9.67
CA ARG A 1129 25.38 1.44 -10.16
C ARG A 1129 25.02 1.03 -11.59
N LEU A 1130 26.03 0.85 -12.45
CA LEU A 1130 25.77 0.58 -13.85
C LEU A 1130 25.16 -0.80 -14.04
N SER A 1131 25.61 -1.78 -13.24
CA SER A 1131 25.01 -3.11 -13.24
C SER A 1131 23.56 -3.01 -12.78
N THR A 1132 23.29 -2.10 -11.85
CA THR A 1132 21.90 -1.90 -11.37
C THR A 1132 21.07 -1.18 -12.45
N LEU A 1133 21.57 -0.05 -12.95
CA LEU A 1133 20.84 0.75 -13.98
C LEU A 1133 20.56 -0.14 -15.20
N CYS A 1134 21.62 -0.64 -15.84
CA CYS A 1134 21.43 -1.46 -17.08
C CYS A 1134 22.04 -2.85 -16.87
N PRO A 1135 21.25 -3.86 -16.45
CA PRO A 1135 21.75 -5.21 -16.20
C PRO A 1135 22.25 -5.90 -17.48
N SER A 1136 21.43 -5.88 -18.54
CA SER A 1136 21.80 -6.56 -19.82
C SER A 1136 23.02 -5.86 -20.44
N ALA A 1137 23.16 -4.55 -20.22
CA ALA A 1137 24.29 -3.78 -20.80
C ALA A 1137 25.53 -3.94 -19.91
N VAL A 1138 25.45 -4.78 -18.89
CA VAL A 1138 26.63 -5.05 -18.03
C VAL A 1138 26.96 -6.55 -18.15
N LEU A 1139 25.97 -7.35 -18.55
CA LEU A 1139 26.17 -8.82 -18.71
C LEU A 1139 27.16 -9.06 -19.85
N GLN A 1140 27.12 -8.24 -20.89
CA GLN A 1140 28.02 -8.40 -22.06
C GLN A 1140 29.48 -8.38 -21.60
N ARG A 1141 29.81 -7.54 -20.62
CA ARG A 1141 31.21 -7.41 -20.15
C ARG A 1141 31.33 -7.82 -18.68
N LEU A 1142 30.38 -8.61 -18.18
CA LEU A 1142 30.45 -9.10 -16.78
C LEU A 1142 31.73 -9.93 -16.61
N ASP A 1143 31.96 -10.88 -17.52
CA ASP A 1143 33.18 -11.74 -17.46
C ASP A 1143 34.42 -10.86 -17.66
N ARG A 1144 34.34 -9.88 -18.56
CA ARG A 1144 35.51 -9.01 -18.85
C ARG A 1144 35.85 -8.19 -17.59
N LEU A 1145 34.84 -7.68 -16.88
CA LEU A 1145 35.08 -6.92 -15.63
C LEU A 1145 35.50 -7.89 -14.53
N VAL A 1146 35.09 -9.16 -14.62
CA VAL A 1146 35.40 -10.16 -13.57
C VAL A 1146 36.93 -10.37 -13.49
N GLU A 1147 37.63 -10.32 -14.64
CA GLU A 1147 39.08 -10.58 -14.65
C GLU A 1147 39.82 -9.60 -13.72
N PRO A 1148 39.73 -8.25 -13.89
CA PRO A 1148 40.35 -7.30 -12.96
C PRO A 1148 40.04 -7.55 -11.47
N LEU A 1149 38.77 -7.66 -11.09
CA LEU A 1149 38.43 -7.80 -9.64
C LEU A 1149 38.86 -9.17 -9.13
N ARG A 1150 39.01 -10.16 -10.01
CA ARG A 1150 39.52 -11.49 -9.57
C ARG A 1150 41.01 -11.33 -9.27
N ALA A 1151 41.74 -10.59 -10.11
CA ALA A 1151 43.17 -10.32 -9.85
C ALA A 1151 43.29 -9.44 -8.60
N THR A 1152 42.28 -8.61 -8.35
CA THR A 1152 42.28 -7.74 -7.14
C THR A 1152 42.12 -8.60 -5.89
N CYS A 1153 41.25 -9.62 -5.95
CA CYS A 1153 40.97 -10.47 -4.75
C CYS A 1153 41.97 -11.64 -4.68
N THR A 1154 43.19 -11.45 -5.20
CA THR A 1154 44.24 -12.51 -5.08
C THR A 1154 45.57 -11.85 -4.71
N THR A 1155 45.72 -10.55 -4.98
CA THR A 1155 46.99 -9.83 -4.68
C THR A 1155 47.25 -9.86 -3.18
N LYS A 1156 48.42 -10.35 -2.77
CA LYS A 1156 48.75 -10.42 -1.35
C LYS A 1156 49.79 -9.35 -1.02
N VAL A 1157 50.01 -9.14 0.28
CA VAL A 1157 50.94 -8.14 0.77
C VAL A 1157 51.99 -8.83 1.63
N LYS A 1158 53.24 -8.44 1.45
CA LYS A 1158 54.34 -9.03 2.20
C LYS A 1158 54.21 -8.68 3.68
N ALA A 1159 54.76 -9.55 4.53
CA ALA A 1159 54.67 -9.37 5.98
C ALA A 1159 55.52 -8.20 6.44
N ASN A 1160 56.39 -7.69 5.56
CA ASN A 1160 57.21 -6.52 5.84
C ASN A 1160 56.39 -5.27 6.14
N SER A 1161 55.16 -5.20 5.65
CA SER A 1161 54.32 -4.03 5.85
C SER A 1161 53.77 -4.00 7.28
N VAL A 1162 52.87 -3.05 7.51
CA VAL A 1162 52.30 -2.81 8.84
C VAL A 1162 50.78 -2.97 8.74
N LYS A 1163 50.17 -3.32 9.87
CA LYS A 1163 48.76 -3.76 9.91
C LYS A 1163 47.81 -2.72 9.34
N GLN A 1164 48.15 -1.43 9.41
CA GLN A 1164 47.31 -0.42 8.77
C GLN A 1164 47.20 -0.61 7.27
N GLU A 1165 48.29 -0.92 6.59
CA GLU A 1165 48.19 -1.27 5.17
C GLU A 1165 47.34 -2.53 4.98
N PHE A 1166 47.36 -3.43 5.96
CA PHE A 1166 46.49 -4.60 5.88
C PHE A 1166 45.02 -4.20 5.95
N GLU A 1167 44.66 -3.26 6.84
CA GLU A 1167 43.29 -2.79 6.87
C GLU A 1167 42.92 -2.08 5.57
N LYS A 1168 43.88 -1.35 4.99
CA LYS A 1168 43.64 -0.71 3.71
C LYS A 1168 43.32 -1.74 2.63
N GLN A 1169 44.11 -2.81 2.56
CA GLN A 1169 43.88 -3.84 1.55
C GLN A 1169 42.60 -4.61 1.84
N ASP A 1170 42.25 -4.77 3.12
CA ASP A 1170 40.98 -5.40 3.46
C ASP A 1170 39.80 -4.55 3.03
N GLU A 1171 39.93 -3.22 3.17
CA GLU A 1171 38.91 -2.32 2.66
C GLU A 1171 38.77 -2.46 1.16
N LEU A 1172 39.90 -2.52 0.45
CA LEU A 1172 39.87 -2.70 -1.00
C LEU A 1172 39.18 -4.02 -1.36
N LYS A 1173 39.52 -5.09 -0.65
CA LYS A 1173 38.95 -6.40 -0.95
C LYS A 1173 37.47 -6.45 -0.62
N ARG A 1174 37.05 -5.77 0.45
CA ARG A 1174 35.64 -5.73 0.80
C ARG A 1174 34.84 -4.95 -0.24
N SER A 1175 35.41 -3.85 -0.74
CA SER A 1175 34.76 -3.13 -1.83
C SER A 1175 34.67 -3.99 -3.09
N ALA A 1176 35.73 -4.76 -3.38
CA ALA A 1176 35.68 -5.67 -4.52
C ALA A 1176 34.62 -6.75 -4.34
N MET A 1177 34.48 -7.28 -3.13
CA MET A 1177 33.46 -8.29 -2.87
C MET A 1177 32.06 -7.71 -2.95
N ARG A 1178 31.88 -6.46 -2.52
CA ARG A 1178 30.60 -5.80 -2.72
C ARG A 1178 30.30 -5.59 -4.20
N ALA A 1179 31.33 -5.27 -4.99
CA ALA A 1179 31.17 -5.19 -6.44
C ALA A 1179 30.75 -6.52 -7.02
N VAL A 1180 31.36 -7.61 -6.55
CA VAL A 1180 30.98 -8.95 -7.00
C VAL A 1180 29.53 -9.25 -6.63
N ALA A 1181 29.12 -8.88 -5.42
CA ALA A 1181 27.73 -9.10 -5.00
C ALA A 1181 26.76 -8.30 -5.89
N ALA A 1182 27.13 -7.06 -6.21
CA ALA A 1182 26.30 -6.27 -7.12
C ALA A 1182 26.23 -6.88 -8.51
N LEU A 1183 27.35 -7.42 -9.01
CA LEU A 1183 27.34 -8.11 -10.29
C LEU A 1183 26.50 -9.39 -10.22
N LEU A 1184 26.39 -9.97 -9.02
CA LEU A 1184 25.54 -11.15 -8.86
C LEU A 1184 24.08 -10.76 -8.69
N THR A 1185 23.82 -9.50 -8.36
CA THR A 1185 22.46 -9.02 -8.12
C THR A 1185 21.66 -8.96 -9.42
N ILE A 1186 22.34 -9.09 -10.56
CA ILE A 1186 21.68 -9.20 -11.86
C ILE A 1186 20.85 -10.48 -11.79
N PRO A 1187 19.66 -10.54 -12.41
CA PRO A 1187 18.77 -11.70 -12.18
C PRO A 1187 19.31 -13.02 -12.73
N GLU A 1188 20.46 -13.43 -12.19
CA GLU A 1188 21.01 -14.78 -12.38
C GLU A 1188 21.08 -15.16 -13.85
N ALA A 1189 21.69 -14.29 -14.65
CA ALA A 1189 21.72 -14.47 -16.09
C ALA A 1189 23.07 -14.95 -16.62
N GLU A 1190 24.07 -15.14 -15.76
CA GLU A 1190 25.38 -15.60 -16.21
C GLU A 1190 25.72 -16.98 -15.66
N LYS A 1191 25.79 -17.16 -14.35
CA LYS A 1191 26.21 -18.41 -13.71
C LYS A 1191 27.36 -19.06 -14.49
N SER A 1192 28.45 -18.29 -14.64
CA SER A 1192 29.42 -18.65 -15.67
C SER A 1192 30.87 -18.61 -15.22
N PRO A 1193 31.45 -17.43 -14.92
CA PRO A 1193 32.90 -17.26 -15.10
C PRO A 1193 33.78 -18.21 -14.30
N LEU A 1194 33.72 -18.15 -12.97
CA LEU A 1194 34.52 -19.08 -12.17
C LEU A 1194 33.78 -19.58 -10.94
N MET A 1195 32.69 -18.92 -10.53
CA MET A 1195 31.82 -19.36 -9.44
C MET A 1195 32.49 -19.44 -8.06
N SER A 1196 33.27 -18.43 -7.70
CA SER A 1196 33.54 -18.09 -6.30
C SER A 1196 34.12 -19.25 -5.49
N GLU A 1197 35.36 -19.63 -5.83
CA GLU A 1197 36.12 -20.65 -5.09
C GLU A 1197 36.03 -20.36 -3.58
N PHE A 1198 35.98 -21.43 -2.79
CA PHE A 1198 36.08 -21.29 -1.34
C PHE A 1198 37.51 -21.49 -0.87
N GLN A 1199 38.08 -20.45 -0.25
CA GLN A 1199 39.41 -20.51 0.33
C GLN A 1199 39.36 -20.03 1.78
N SER A 1200 40.47 -20.24 2.49
CA SER A 1200 40.54 -19.88 3.91
C SER A 1200 40.52 -18.38 4.16
N GLN A 1201 40.88 -17.56 3.17
CA GLN A 1201 41.03 -16.12 3.37
C GLN A 1201 39.89 -15.31 2.76
N ILE A 1202 39.57 -15.57 1.49
CA ILE A 1202 38.56 -14.79 0.79
C ILE A 1202 37.17 -15.06 1.37
N SER A 1203 36.90 -16.30 1.78
CA SER A 1203 35.55 -16.69 2.19
C SER A 1203 35.05 -15.88 3.38
N SER A 1204 35.96 -15.27 4.12
CA SER A 1204 35.58 -14.39 5.21
C SER A 1204 34.93 -13.11 4.67
N ASN A 1205 35.35 -12.67 3.48
CA ASN A 1205 34.87 -11.42 2.91
C ASN A 1205 33.36 -11.43 2.66
N PRO A 1206 32.78 -12.43 1.98
CA PRO A 1206 31.32 -12.45 1.84
C PRO A 1206 30.59 -12.76 3.14
N GLU A 1207 31.21 -13.50 4.06
CA GLU A 1207 30.60 -13.78 5.34
C GLU A 1207 30.41 -12.49 6.15
N LEU A 1208 31.42 -11.62 6.13
CA LEU A 1208 31.34 -10.34 6.83
C LEU A 1208 30.59 -9.28 6.03
N ALA A 1209 30.38 -9.49 4.73
CA ALA A 1209 29.66 -8.52 3.90
C ALA A 1209 28.18 -8.82 3.80
N ALA A 1210 27.71 -9.91 4.38
CA ALA A 1210 26.30 -10.28 4.31
C ALA A 1210 25.61 -10.08 5.66
N MET B 25 81.07 0.56 21.64
CA MET B 25 82.36 1.20 21.39
C MET B 25 82.39 2.59 21.98
N ASP B 26 83.23 3.46 21.40
CA ASP B 26 83.36 4.82 21.88
C ASP B 26 82.10 5.63 21.52
N GLU B 27 81.93 6.74 22.23
CA GLU B 27 80.77 7.60 21.98
C GLU B 27 80.87 8.31 20.64
N LYS B 28 82.09 8.52 20.14
CA LYS B 28 82.25 9.20 18.85
C LYS B 28 81.65 8.38 17.72
N TYR B 29 81.90 7.06 17.70
CA TYR B 29 81.37 6.22 16.63
C TYR B 29 79.85 6.23 16.64
N VAL B 30 79.24 6.04 17.81
CA VAL B 30 77.78 5.98 17.88
C VAL B 30 77.16 7.33 17.57
N ASN B 31 77.78 8.43 18.02
CA ASN B 31 77.21 9.74 17.72
C ASN B 31 77.32 10.08 16.24
N SER B 32 78.43 9.69 15.60
CA SER B 32 78.54 9.87 14.16
C SER B 32 77.52 9.02 13.42
N ILE B 33 77.30 7.79 13.88
CA ILE B 33 76.28 6.92 13.27
C ILE B 33 74.91 7.57 13.37
N TRP B 34 74.57 8.09 14.56
CA TRP B 34 73.27 8.73 14.74
C TRP B 34 73.15 10.00 13.90
N ASP B 35 74.24 10.77 13.80
CA ASP B 35 74.20 12.00 13.01
C ASP B 35 73.95 11.70 11.54
N LEU B 36 74.68 10.71 11.00
CA LEU B 36 74.48 10.40 9.59
C LEU B 36 73.14 9.74 9.34
N LEU B 37 72.63 8.97 10.32
CA LEU B 37 71.28 8.42 10.19
C LEU B 37 70.23 9.52 10.19
N LYS B 38 70.40 10.54 11.04
CA LYS B 38 69.47 11.67 11.05
C LYS B 38 69.53 12.43 9.73
N ASN B 39 70.74 12.64 9.19
CA ASN B 39 70.87 13.29 7.90
C ASN B 39 70.18 12.46 6.82
N ALA B 40 70.35 11.14 6.87
CA ALA B 40 69.74 10.28 5.86
C ALA B 40 68.22 10.30 5.94
N ILE B 41 67.65 10.27 7.14
CA ILE B 41 66.19 10.30 7.26
C ILE B 41 65.65 11.67 6.87
N GLN B 42 66.41 12.73 7.15
CA GLN B 42 66.02 14.06 6.68
C GLN B 42 65.99 14.11 5.16
N GLU B 43 66.99 13.51 4.51
CA GLU B 43 66.98 13.43 3.05
C GLU B 43 65.82 12.56 2.55
N ILE B 44 65.51 11.49 3.28
CA ILE B 44 64.38 10.65 2.93
C ILE B 44 63.09 11.45 2.94
N GLN B 45 62.90 12.27 3.96
CA GLN B 45 61.65 12.99 4.14
C GLN B 45 61.57 14.23 3.25
N ARG B 46 62.70 14.68 2.72
CA ARG B 46 62.77 15.90 1.93
C ARG B 46 62.47 15.65 0.44
N LYS B 47 62.09 14.42 0.09
CA LYS B 47 61.79 14.06 -1.30
C LYS B 47 62.99 14.27 -2.20
N ASN B 48 64.19 14.10 -1.64
CA ASN B 48 65.45 14.26 -2.37
C ASN B 48 66.43 13.16 -1.98
N ASN B 49 65.88 12.00 -1.64
CA ASN B 49 66.68 10.85 -1.21
C ASN B 49 67.10 9.94 -2.36
N SER B 50 67.16 10.47 -3.59
CA SER B 50 67.66 9.68 -4.70
C SER B 50 69.14 9.32 -4.50
N GLY B 51 69.94 10.31 -4.10
CA GLY B 51 71.34 10.05 -3.80
C GLY B 51 71.55 9.53 -2.39
N LEU B 52 71.04 8.34 -2.11
CA LEU B 52 71.09 7.77 -0.77
C LEU B 52 71.06 6.26 -0.87
N SER B 53 71.64 5.59 0.13
CA SER B 53 71.70 4.14 0.16
C SER B 53 70.94 3.59 1.35
N PHE B 54 70.37 2.39 1.21
CA PHE B 54 69.54 1.81 2.30
C PHE B 54 70.37 0.82 3.13
N GLU B 55 71.28 0.08 2.48
CA GLU B 55 72.11 -0.92 3.21
C GLU B 55 72.88 -0.23 4.32
N GLU B 56 73.45 0.95 4.03
CA GLU B 56 74.24 1.69 5.04
C GLU B 56 73.36 2.04 6.24
N LEU B 57 72.12 2.46 5.98
CA LEU B 57 71.20 2.86 7.09
C LEU B 57 70.79 1.62 7.89
N TYR B 58 70.62 0.49 7.22
CA TYR B 58 70.27 -0.78 7.93
C TYR B 58 71.45 -1.20 8.81
N ARG B 59 72.68 -0.93 8.35
CA ARG B 59 73.88 -1.24 9.17
C ARG B 59 73.89 -0.29 10.37
N ASN B 60 73.55 0.99 10.14
CA ASN B 60 73.51 1.99 11.24
C ASN B 60 72.55 1.50 12.31
N ALA B 61 71.42 0.92 11.91
CA ALA B 61 70.41 0.46 12.84
C ALA B 61 70.90 -0.77 13.61
N TYR B 62 71.58 -1.69 12.93
CA TYR B 62 72.12 -2.88 13.58
C TYR B 62 73.11 -2.50 14.67
N THR B 63 74.08 -1.64 14.34
CA THR B 63 75.09 -1.24 15.31
C THR B 63 74.55 -0.31 16.39
N MET B 64 73.41 0.34 16.15
CA MET B 64 72.79 1.17 17.19
C MET B 64 71.96 0.32 18.13
N VAL B 65 71.37 -0.77 17.63
CA VAL B 65 70.50 -1.59 18.46
C VAL B 65 71.27 -2.67 19.20
N LEU B 66 72.44 -3.08 18.71
CA LEU B 66 73.21 -4.10 19.43
C LEU B 66 73.83 -3.54 20.70
N HIS B 67 73.90 -2.21 20.82
CA HIS B 67 74.54 -1.55 21.96
C HIS B 67 73.57 -1.25 23.09
N LYS B 68 72.30 -1.66 22.97
CA LYS B 68 71.29 -1.44 24.01
C LYS B 68 71.13 0.05 24.32
N HIS B 69 71.10 0.86 23.25
CA HIS B 69 70.88 2.30 23.36
C HIS B 69 69.67 2.71 22.53
N GLY B 70 68.60 1.93 22.61
CA GLY B 70 67.41 2.23 21.83
C GLY B 70 66.60 3.38 22.37
N GLU B 71 66.77 3.71 23.66
CA GLU B 71 66.00 4.78 24.26
C GLU B 71 66.35 6.13 23.63
N LYS B 72 67.65 6.41 23.50
CA LYS B 72 68.05 7.68 22.89
C LYS B 72 67.68 7.74 21.42
N LEU B 73 67.73 6.60 20.72
CA LEU B 73 67.34 6.57 19.32
C LEU B 73 65.85 6.85 19.16
N TYR B 74 65.02 6.26 20.03
CA TYR B 74 63.58 6.53 19.98
C TYR B 74 63.28 7.98 20.33
N THR B 75 63.99 8.53 21.32
CA THR B 75 63.79 9.94 21.67
C THR B 75 64.17 10.85 20.51
N GLY B 76 65.29 10.55 19.84
CA GLY B 76 65.68 11.34 18.68
C GLY B 76 64.69 11.21 17.54
N LEU B 77 64.16 10.01 17.33
CA LEU B 77 63.10 9.80 16.35
C LEU B 77 61.92 10.71 16.64
N ARG B 78 61.42 10.69 17.87
CA ARG B 78 60.28 11.53 18.24
C ARG B 78 60.60 13.00 18.03
N GLU B 79 61.78 13.43 18.48
CA GLU B 79 62.15 14.84 18.39
C GLU B 79 62.22 15.30 16.93
N VAL B 80 62.88 14.52 16.07
CA VAL B 80 63.04 14.94 14.69
C VAL B 80 61.70 14.93 13.96
N VAL B 81 60.86 13.94 14.25
CA VAL B 81 59.56 13.88 13.58
C VAL B 81 58.69 15.06 14.00
N THR B 82 58.66 15.37 15.30
CA THR B 82 57.81 16.47 15.75
C THR B 82 58.34 17.82 15.29
N GLU B 83 59.67 18.00 15.24
CA GLU B 83 60.19 19.28 14.76
C GLU B 83 59.93 19.44 13.27
N HIS B 84 60.05 18.35 12.51
CA HIS B 84 59.65 18.41 11.11
C HIS B 84 58.20 18.81 10.96
N LEU B 85 57.31 18.16 11.73
CA LEU B 85 55.89 18.45 11.60
C LEU B 85 55.61 19.91 11.88
N ILE B 86 56.09 20.41 13.02
CA ILE B 86 55.84 21.79 13.41
C ILE B 86 56.43 22.77 12.40
N ASN B 87 57.65 22.52 11.93
CA ASN B 87 58.29 23.46 11.01
C ASN B 87 57.62 23.47 9.64
N LYS B 88 57.35 22.30 9.07
CA LYS B 88 56.89 22.22 7.69
C LYS B 88 55.37 22.13 7.58
N VAL B 89 54.77 21.10 8.16
CA VAL B 89 53.35 20.85 7.90
C VAL B 89 52.47 21.89 8.58
N ARG B 90 52.79 22.25 9.83
CA ARG B 90 52.00 23.24 10.54
C ARG B 90 52.07 24.60 9.85
N GLU B 91 53.21 24.93 9.25
CA GLU B 91 53.31 26.18 8.51
C GLU B 91 52.58 26.11 7.17
N ASP B 92 52.70 24.98 6.46
CA ASP B 92 52.13 24.88 5.13
C ASP B 92 50.61 24.82 5.17
N VAL B 93 50.04 24.01 6.05
CA VAL B 93 48.59 23.88 6.13
C VAL B 93 47.96 25.20 6.59
N LEU B 94 48.60 25.87 7.55
CA LEU B 94 48.11 27.16 8.01
C LEU B 94 48.26 28.24 6.95
N ASN B 95 49.34 28.23 6.16
CA ASN B 95 49.55 29.24 5.13
C ASN B 95 48.52 29.16 4.01
N SER B 96 48.08 27.95 3.66
CA SER B 96 47.12 27.78 2.57
C SER B 96 45.78 27.28 3.11
N LEU B 97 45.33 27.86 4.22
CA LEU B 97 44.07 27.46 4.84
C LEU B 97 42.85 27.79 3.98
N ASN B 98 42.96 28.77 3.08
CA ASN B 98 41.84 29.18 2.24
C ASN B 98 41.93 28.72 0.80
N ASN B 99 43.07 28.19 0.36
CA ASN B 99 43.25 27.73 -1.02
C ASN B 99 43.69 26.27 -1.00
N ASN B 100 42.83 25.39 -1.51
CA ASN B 100 43.11 23.96 -1.59
C ASN B 100 43.50 23.38 -0.23
N PHE B 101 42.78 23.84 0.80
CA PHE B 101 43.05 23.41 2.18
C PHE B 101 43.01 21.89 2.29
N LEU B 102 41.93 21.27 1.81
CA LEU B 102 41.87 19.82 1.79
C LEU B 102 42.95 19.23 0.89
N GLN B 103 43.27 19.90 -0.21
CA GLN B 103 44.28 19.37 -1.13
C GLN B 103 45.66 19.38 -0.50
N THR B 104 46.04 20.48 0.17
CA THR B 104 47.36 20.52 0.80
C THR B 104 47.41 19.60 2.00
N LEU B 105 46.30 19.44 2.71
CA LEU B 105 46.24 18.46 3.79
C LEU B 105 46.45 17.05 3.25
N ASN B 106 45.81 16.74 2.11
CA ASN B 106 45.97 15.44 1.48
C ASN B 106 47.41 15.21 1.03
N GLN B 107 48.03 16.25 0.46
CA GLN B 107 49.42 16.15 0.04
C GLN B 107 50.34 15.94 1.24
N ALA B 108 50.08 16.62 2.34
CA ALA B 108 50.87 16.42 3.56
C ALA B 108 50.71 15.00 4.07
N TRP B 109 49.47 14.48 4.06
CA TRP B 109 49.25 13.08 4.43
C TRP B 109 50.05 12.13 3.54
N ASN B 110 50.00 12.33 2.22
CA ASN B 110 50.68 11.42 1.31
C ASN B 110 52.19 11.48 1.50
N ASP B 111 52.75 12.68 1.65
CA ASP B 111 54.18 12.82 1.87
C ASP B 111 54.59 12.19 3.19
N HIS B 112 53.81 12.42 4.25
CA HIS B 112 54.12 11.85 5.54
C HIS B 112 54.10 10.32 5.48
N GLN B 113 53.09 9.75 4.81
CA GLN B 113 53.01 8.30 4.69
C GLN B 113 54.15 7.72 3.85
N THR B 114 54.50 8.41 2.75
CA THR B 114 55.55 7.88 1.88
C THR B 114 56.95 8.07 2.45
N ALA B 115 57.11 8.96 3.42
CA ALA B 115 58.33 8.92 4.22
C ALA B 115 58.25 7.85 5.31
N MET B 116 57.07 7.73 5.92
CA MET B 116 56.83 6.79 7.01
C MET B 116 57.00 5.35 6.59
N VAL B 117 56.82 5.01 5.31
CA VAL B 117 56.99 3.61 4.90
C VAL B 117 58.44 3.18 5.09
N MET B 118 59.38 4.01 4.62
CA MET B 118 60.80 3.67 4.74
C MET B 118 61.30 3.85 6.16
N ILE B 119 60.88 4.95 6.81
CA ILE B 119 61.11 5.10 8.24
C ILE B 119 60.60 3.88 8.99
N ARG B 120 59.49 3.32 8.51
CA ARG B 120 58.88 2.16 9.13
C ARG B 120 59.72 0.91 8.94
N ASP B 121 60.22 0.66 7.73
CA ASP B 121 61.06 -0.52 7.55
C ASP B 121 62.27 -0.47 8.49
N ILE B 122 62.95 0.68 8.55
CA ILE B 122 64.16 0.76 9.38
C ILE B 122 63.80 0.66 10.86
N LEU B 123 62.99 1.61 11.34
CA LEU B 123 62.68 1.64 12.76
C LEU B 123 61.74 0.52 13.18
N MET B 124 61.21 -0.28 12.25
CA MET B 124 60.49 -1.49 12.57
C MET B 124 61.44 -2.68 12.67
N TYR B 125 62.50 -2.69 11.85
CA TYR B 125 63.59 -3.60 12.12
C TYR B 125 64.08 -3.46 13.55
N MET B 126 64.19 -2.22 14.04
CA MET B 126 64.59 -2.08 15.45
C MET B 126 63.39 -2.23 16.38
N ASP B 127 62.19 -1.93 15.90
CA ASP B 127 61.01 -1.98 16.75
C ASP B 127 60.59 -3.41 17.05
N ARG B 128 61.08 -4.38 16.28
CA ARG B 128 60.88 -5.78 16.64
C ARG B 128 61.34 -6.02 18.07
N VAL B 129 62.63 -5.81 18.31
CA VAL B 129 63.19 -6.01 19.65
C VAL B 129 62.64 -4.96 20.61
N TYR B 130 62.41 -3.73 20.13
CA TYR B 130 61.90 -2.69 21.01
C TYR B 130 60.53 -3.06 21.60
N VAL B 131 59.62 -3.55 20.75
CA VAL B 131 58.28 -3.92 21.21
C VAL B 131 58.27 -5.27 21.89
N GLN B 132 59.25 -6.14 21.61
CA GLN B 132 59.35 -7.37 22.38
C GLN B 132 60.03 -7.16 23.72
N GLN B 133 60.61 -5.99 23.97
CA GLN B 133 61.23 -5.69 25.25
C GLN B 133 60.61 -4.51 25.98
N ASN B 134 60.39 -3.39 25.29
CA ASN B 134 59.94 -2.17 25.96
C ASN B 134 58.42 -1.98 25.93
N ASN B 135 57.69 -2.86 25.25
CA ASN B 135 56.23 -2.84 25.17
C ASN B 135 55.68 -1.43 24.90
N VAL B 136 56.26 -0.78 23.90
CA VAL B 136 55.85 0.56 23.48
C VAL B 136 55.22 0.46 22.10
N GLU B 137 54.70 1.58 21.63
CA GLU B 137 54.07 1.63 20.31
C GLU B 137 55.13 1.60 19.22
N ASN B 138 54.75 1.08 18.06
CA ASN B 138 55.68 0.97 16.94
C ASN B 138 55.91 2.35 16.31
N VAL B 139 56.90 2.40 15.41
CA VAL B 139 57.29 3.68 14.81
C VAL B 139 56.17 4.25 13.95
N TYR B 140 55.48 3.41 13.18
CA TYR B 140 54.36 3.90 12.37
C TYR B 140 53.25 4.44 13.25
N ASN B 141 52.92 3.72 14.33
CA ASN B 141 51.92 4.20 15.28
C ASN B 141 52.37 5.49 15.95
N LEU B 142 53.66 5.60 16.27
CA LEU B 142 54.17 6.82 16.88
C LEU B 142 54.04 8.01 15.94
N GLY B 143 54.37 7.81 14.67
CA GLY B 143 54.20 8.88 13.70
C GLY B 143 52.75 9.27 13.53
N LEU B 144 51.86 8.28 13.48
CA LEU B 144 50.43 8.56 13.40
C LEU B 144 49.97 9.40 14.58
N ILE B 145 50.36 9.00 15.79
CA ILE B 145 49.93 9.70 17.00
C ILE B 145 50.49 11.11 17.03
N ILE B 146 51.76 11.29 16.67
CA ILE B 146 52.35 12.63 16.73
C ILE B 146 51.73 13.54 15.67
N PHE B 147 51.43 13.02 14.48
CA PHE B 147 50.74 13.85 13.49
C PHE B 147 49.35 14.23 13.97
N ARG B 148 48.63 13.29 14.58
CA ARG B 148 47.32 13.60 15.14
C ARG B 148 47.43 14.70 16.19
N ASP B 149 48.41 14.62 17.07
CA ASP B 149 48.56 15.59 18.13
C ASP B 149 49.02 16.95 17.63
N GLN B 150 49.78 16.98 16.53
CA GLN B 150 50.39 18.24 16.09
C GLN B 150 49.64 18.94 14.97
N VAL B 151 48.81 18.25 14.19
CA VAL B 151 48.16 18.92 13.06
C VAL B 151 46.65 18.75 13.13
N VAL B 152 46.17 17.51 13.13
CA VAL B 152 44.73 17.27 13.08
C VAL B 152 44.06 17.76 14.36
N ARG B 153 44.70 17.53 15.50
CA ARG B 153 44.22 18.04 16.78
C ARG B 153 44.79 19.42 17.14
N TYR B 154 45.24 20.19 16.16
CA TYR B 154 45.79 21.50 16.46
C TYR B 154 44.71 22.46 16.94
N GLY B 155 45.11 23.46 17.71
CA GLY B 155 44.16 24.37 18.33
C GLY B 155 43.44 25.25 17.33
N CYS B 156 44.00 25.42 16.15
CA CYS B 156 43.39 26.23 15.10
C CYS B 156 42.93 25.42 13.90
N ILE B 157 43.65 24.36 13.55
CA ILE B 157 43.30 23.58 12.37
C ILE B 157 42.02 22.78 12.59
N ARG B 158 41.77 22.33 13.82
CA ARG B 158 40.55 21.59 14.12
C ARG B 158 39.30 22.36 13.69
N ASP B 159 39.19 23.61 14.12
CA ASP B 159 37.97 24.37 13.85
C ASP B 159 37.83 24.68 12.37
N HIS B 160 38.92 25.04 11.70
CA HIS B 160 38.85 25.36 10.28
C HIS B 160 38.48 24.12 9.47
N LEU B 161 39.09 22.97 9.78
CA LEU B 161 38.75 21.74 9.07
C LEU B 161 37.30 21.35 9.29
N ARG B 162 36.83 21.45 10.55
CA ARG B 162 35.44 21.16 10.84
C ARG B 162 34.51 22.08 10.06
N GLN B 163 34.82 23.37 10.05
CA GLN B 163 33.96 24.35 9.40
C GLN B 163 33.90 24.09 7.90
N THR B 164 35.05 23.85 7.27
CA THR B 164 35.05 23.64 5.83
C THR B 164 34.36 22.33 5.46
N LEU B 165 34.55 21.28 6.26
CA LEU B 165 33.84 20.03 5.99
C LEU B 165 32.33 20.21 6.11
N LEU B 166 31.87 20.86 7.17
CA LEU B 166 30.44 21.06 7.36
C LEU B 166 29.86 21.93 6.23
N ASP B 167 30.56 23.00 5.87
CA ASP B 167 30.07 23.90 4.83
C ASP B 167 30.01 23.18 3.48
N MET B 168 31.04 22.40 3.15
CA MET B 168 31.03 21.68 1.88
C MET B 168 29.94 20.63 1.84
N ILE B 169 29.73 19.91 2.96
CA ILE B 169 28.68 18.91 3.00
C ILE B 169 27.31 19.57 2.86
N ALA B 170 27.08 20.69 3.55
CA ALA B 170 25.79 21.39 3.45
C ALA B 170 25.56 21.90 2.03
N ARG B 171 26.59 22.48 1.41
CA ARG B 171 26.43 22.99 0.05
C ARG B 171 26.26 21.86 -0.97
N GLU B 172 26.79 20.67 -0.66
CA GLU B 172 26.49 19.51 -1.48
C GLU B 172 25.05 19.08 -1.32
N ARG B 173 24.55 19.06 -0.08
CA ARG B 173 23.15 18.73 0.17
C ARG B 173 22.19 19.73 -0.47
N LYS B 174 22.60 20.99 -0.61
CA LYS B 174 21.77 21.98 -1.29
C LYS B 174 21.55 21.64 -2.75
N GLY B 175 22.50 20.97 -3.39
CA GLY B 175 22.34 20.56 -4.78
C GLY B 175 23.54 20.84 -5.65
N GLU B 176 24.56 21.48 -5.08
CA GLU B 176 25.76 21.84 -5.82
C GLU B 176 26.72 20.64 -5.81
N VAL B 177 27.77 20.70 -6.63
CA VAL B 177 28.74 19.61 -6.76
C VAL B 177 30.03 20.02 -6.09
N VAL B 178 30.53 19.19 -5.18
CA VAL B 178 31.81 19.37 -4.53
C VAL B 178 32.71 18.18 -4.89
N ASP B 179 33.96 18.25 -4.45
CA ASP B 179 34.93 17.19 -4.72
C ASP B 179 34.67 16.08 -3.71
N ARG B 180 33.74 15.19 -4.05
CA ARG B 180 33.35 14.11 -3.16
C ARG B 180 34.51 13.16 -2.90
N GLY B 181 35.41 13.00 -3.87
CA GLY B 181 36.60 12.20 -3.65
C GLY B 181 37.51 12.74 -2.57
N ALA B 182 37.59 14.06 -2.45
CA ALA B 182 38.38 14.65 -1.38
C ALA B 182 37.81 14.29 -0.01
N ILE B 183 36.48 14.30 0.12
CA ILE B 183 35.86 13.91 1.38
C ILE B 183 36.08 12.42 1.64
N ARG B 184 36.00 11.60 0.58
CA ARG B 184 36.35 10.19 0.71
C ARG B 184 37.74 10.02 1.29
N ASN B 185 38.72 10.71 0.70
CA ASN B 185 40.11 10.57 1.14
C ASN B 185 40.29 11.08 2.56
N ALA B 186 39.60 12.18 2.91
CA ALA B 186 39.70 12.70 4.27
C ALA B 186 39.13 11.73 5.29
N CYS B 187 37.98 11.11 4.98
CA CYS B 187 37.40 10.13 5.88
C CYS B 187 38.31 8.92 6.03
N GLN B 188 38.90 8.46 4.93
CA GLN B 188 39.85 7.35 5.00
C GLN B 188 41.07 7.73 5.82
N MET B 189 41.55 8.97 5.65
CA MET B 189 42.68 9.46 6.44
C MET B 189 42.37 9.44 7.92
N LEU B 190 41.18 9.90 8.30
CA LEU B 190 40.82 9.86 9.72
C LEU B 190 40.65 8.43 10.22
N MET B 191 40.17 7.53 9.35
CA MET B 191 40.12 6.12 9.71
C MET B 191 41.50 5.58 10.06
N ILE B 192 42.47 5.79 9.16
CA ILE B 192 43.83 5.30 9.42
C ILE B 192 44.46 6.04 10.60
N LEU B 193 44.04 7.28 10.83
CA LEU B 193 44.63 8.07 11.90
C LEU B 193 44.10 7.63 13.26
N GLY B 194 42.89 7.08 13.30
CA GLY B 194 42.34 6.62 14.58
C GLY B 194 43.23 5.59 15.26
N LEU B 195 43.79 4.66 14.47
CA LEU B 195 44.80 3.69 14.92
C LEU B 195 44.20 2.61 15.81
N GLU B 196 42.95 2.79 16.23
CA GLU B 196 42.22 1.76 16.96
C GLU B 196 40.94 1.42 16.23
N GLY B 197 40.24 2.44 15.76
CA GLY B 197 38.96 2.26 15.09
C GLY B 197 38.21 3.57 15.06
N ARG B 198 36.94 3.49 15.48
CA ARG B 198 36.10 4.68 15.59
C ARG B 198 36.32 5.34 16.94
N SER B 199 37.46 6.02 17.11
CA SER B 199 37.75 6.73 18.37
C SER B 199 37.77 8.24 18.11
N VAL B 200 38.93 8.79 17.74
CA VAL B 200 39.06 10.26 17.49
C VAL B 200 38.10 10.68 16.37
N TYR B 201 38.09 9.95 15.25
CA TYR B 201 37.24 10.30 14.09
C TYR B 201 35.82 10.67 14.54
N GLU B 202 35.26 9.89 15.46
CA GLU B 202 33.92 10.21 16.02
C GLU B 202 34.05 11.31 17.09
N GLU B 203 33.81 10.94 18.36
CA GLU B 203 33.97 11.88 19.50
C GLU B 203 33.53 13.30 19.12
N ASP B 204 34.48 14.23 19.07
CA ASP B 204 34.15 15.66 18.80
C ASP B 204 33.60 15.82 17.38
N PHE B 205 34.40 15.57 16.34
CA PHE B 205 33.95 15.81 14.94
C PHE B 205 32.51 15.30 14.73
N GLU B 206 32.23 14.05 15.07
CA GLU B 206 30.89 13.45 14.79
C GLU B 206 29.77 14.29 15.44
N ALA B 207 30.02 14.88 16.62
CA ALA B 207 28.94 15.61 17.33
C ALA B 207 28.42 16.79 16.50
N PRO B 208 29.15 17.90 16.24
CA PRO B 208 28.65 18.97 15.37
C PRO B 208 28.21 18.47 13.99
N PHE B 209 28.88 17.44 13.46
CA PHE B 209 28.50 16.86 12.15
C PHE B 209 27.05 16.37 12.21
N LEU B 210 26.74 15.52 13.21
CA LEU B 210 25.36 14.97 13.35
C LEU B 210 24.40 16.06 13.82
N GLU B 211 24.90 17.04 14.57
CA GLU B 211 24.04 18.18 15.00
C GLU B 211 23.62 18.95 13.75
N MET B 212 24.58 19.29 12.88
CA MET B 212 24.27 19.99 11.61
C MET B 212 23.32 19.11 10.79
N SER B 213 23.58 17.80 10.77
CA SER B 213 22.71 16.86 10.01
C SER B 213 21.26 16.96 10.52
N ALA B 214 21.04 16.77 11.83
CA ALA B 214 19.66 16.78 12.37
C ALA B 214 19.03 18.16 12.16
N GLU B 215 19.81 19.23 12.38
CA GLU B 215 19.29 20.59 12.11
C GLU B 215 18.78 20.63 10.66
N PHE B 216 19.64 20.27 9.71
CA PHE B 216 19.25 20.27 8.26
C PHE B 216 17.98 19.43 8.07
N PHE B 217 17.95 18.22 8.64
CA PHE B 217 16.79 17.31 8.48
C PHE B 217 15.52 18.03 8.90
N GLN B 218 15.49 18.59 10.12
CA GLN B 218 14.26 19.26 10.62
C GLN B 218 13.91 20.44 9.71
N MET B 219 14.90 21.27 9.34
CA MET B 219 14.63 22.46 8.49
C MET B 219 13.99 22.03 7.18
N GLU B 220 14.41 20.88 6.62
CA GLU B 220 13.89 20.40 5.31
C GLU B 220 12.50 19.79 5.51
N SER B 221 12.29 19.03 6.59
CA SER B 221 11.00 18.35 6.83
C SER B 221 9.92 19.38 7.18
N GLN B 222 10.24 20.34 8.06
CA GLN B 222 9.27 21.39 8.37
C GLN B 222 8.89 22.19 7.13
N LYS B 223 9.86 22.44 6.23
CA LYS B 223 9.53 23.01 4.94
C LYS B 223 8.62 22.11 4.14
N PHE B 224 8.87 20.79 4.18
CA PHE B 224 8.20 19.87 3.26
C PHE B 224 6.81 19.49 3.74
N LEU B 225 6.54 19.61 5.04
CA LEU B 225 5.18 19.39 5.52
C LEU B 225 4.23 20.53 5.17
N ALA B 226 4.76 21.68 4.76
CA ALA B 226 3.97 22.87 4.52
C ALA B 226 3.68 23.05 3.03
N GLU B 227 3.50 21.95 2.31
CA GLU B 227 3.14 22.03 0.90
C GLU B 227 1.63 22.00 0.74
N ASN B 228 1.03 20.86 1.14
CA ASN B 228 -0.41 20.58 1.10
C ASN B 228 -0.63 19.08 1.13
N SER B 229 0.13 18.34 0.34
CA SER B 229 -0.12 16.93 0.09
C SER B 229 0.94 16.06 0.76
N ALA B 230 0.66 14.76 0.80
CA ALA B 230 1.59 13.74 1.27
C ALA B 230 2.04 12.79 0.19
N SER B 231 1.31 12.72 -0.93
CA SER B 231 1.69 11.86 -2.04
C SER B 231 3.03 12.31 -2.64
N VAL B 232 3.19 13.61 -2.83
CA VAL B 232 4.49 14.12 -3.28
C VAL B 232 5.50 14.18 -2.15
N TYR B 233 5.05 14.42 -0.92
CA TYR B 233 5.98 14.44 0.20
C TYR B 233 6.66 13.10 0.38
N ILE B 234 5.94 12.00 0.25
CA ILE B 234 6.53 10.71 0.57
C ILE B 234 7.54 10.31 -0.51
N LYS B 235 7.20 10.55 -1.78
CA LYS B 235 8.17 10.37 -2.86
C LYS B 235 9.41 11.22 -2.63
N LYS B 236 9.22 12.49 -2.26
CA LYS B 236 10.34 13.41 -2.15
C LYS B 236 11.22 13.08 -0.95
N VAL B 237 10.61 12.63 0.14
CA VAL B 237 11.39 12.22 1.31
C VAL B 237 12.09 10.88 1.05
N GLU B 238 11.48 10.01 0.23
CA GLU B 238 12.20 8.80 -0.17
C GLU B 238 13.39 9.13 -1.04
N ALA B 239 13.25 10.12 -1.92
CA ALA B 239 14.39 10.59 -2.70
C ALA B 239 15.47 11.16 -1.79
N ARG B 240 15.07 11.92 -0.76
CA ARG B 240 16.03 12.43 0.21
C ARG B 240 16.73 11.28 0.94
N ILE B 241 15.98 10.25 1.32
CA ILE B 241 16.56 9.10 2.01
C ILE B 241 17.56 8.40 1.11
N ASN B 242 17.21 8.20 -0.15
CA ASN B 242 18.12 7.53 -1.08
C ASN B 242 19.38 8.35 -1.31
N GLU B 243 19.24 9.67 -1.48
CA GLU B 243 20.41 10.52 -1.67
C GLU B 243 21.29 10.53 -0.43
N GLU B 244 20.69 10.48 0.76
CA GLU B 244 21.52 10.42 2.00
C GLU B 244 22.39 9.16 1.90
N ILE B 245 21.80 8.03 1.50
CA ILE B 245 22.55 6.75 1.43
C ILE B 245 23.65 6.85 0.34
N GLU B 246 23.34 7.50 -0.78
CA GLU B 246 24.35 7.68 -1.87
C GLU B 246 25.56 8.42 -1.31
N ARG B 247 25.33 9.56 -0.64
CA ARG B 247 26.45 10.34 -0.04
C ARG B 247 27.17 9.46 0.99
N VAL B 248 26.42 8.83 1.90
CA VAL B 248 27.02 7.95 2.94
C VAL B 248 28.10 7.08 2.30
N MET B 249 27.79 6.43 1.17
CA MET B 249 28.76 5.54 0.49
C MET B 249 29.83 6.36 -0.23
N HIS B 250 29.48 7.00 -1.35
CA HIS B 250 30.50 7.71 -2.16
C HIS B 250 31.10 8.92 -1.43
N CYS B 251 30.33 9.99 -1.26
CA CYS B 251 30.88 11.23 -0.65
C CYS B 251 31.66 10.92 0.63
N LEU B 252 31.06 10.20 1.59
CA LEU B 252 31.73 9.96 2.90
C LEU B 252 32.56 8.67 2.88
N ASP B 253 32.52 7.88 3.96
CA ASP B 253 33.39 6.68 4.05
C ASP B 253 32.59 5.39 3.80
N LYS B 254 32.98 4.30 4.46
CA LYS B 254 32.31 2.99 4.25
C LYS B 254 31.21 2.80 5.28
N SER B 255 31.45 3.19 6.53
CA SER B 255 30.46 3.02 7.62
C SER B 255 29.45 4.18 7.59
N THR B 256 29.58 5.14 8.52
CA THR B 256 28.68 6.32 8.61
C THR B 256 27.23 5.94 8.28
N GLU B 257 26.74 4.83 8.85
CA GLU B 257 25.37 4.35 8.48
C GLU B 257 24.46 4.41 9.70
N GLU B 258 24.63 3.48 10.64
CA GLU B 258 23.73 3.40 11.83
C GLU B 258 23.40 4.79 12.42
N PRO B 259 24.34 5.70 12.86
CA PRO B 259 23.89 6.98 13.43
C PRO B 259 23.15 7.85 12.45
N ILE B 260 23.61 7.94 11.20
CA ILE B 260 22.94 8.77 10.20
C ILE B 260 21.54 8.25 9.92
N VAL B 261 21.42 6.94 9.73
CA VAL B 261 20.12 6.34 9.46
C VAL B 261 19.19 6.56 10.65
N LYS B 262 19.68 6.35 11.87
CA LYS B 262 18.83 6.52 13.05
C LYS B 262 18.36 7.96 13.18
N VAL B 263 19.26 8.93 13.01
CA VAL B 263 18.88 10.32 13.22
C VAL B 263 17.92 10.79 12.13
N VAL B 264 18.16 10.43 10.86
CA VAL B 264 17.27 10.86 9.80
C VAL B 264 15.90 10.19 9.97
N GLU B 265 15.90 8.92 10.39
CA GLU B 265 14.66 8.19 10.63
C GLU B 265 13.83 8.90 11.69
N ARG B 266 14.44 9.12 12.87
CA ARG B 266 13.74 9.73 13.98
C ARG B 266 13.31 11.15 13.68
N GLU B 267 14.08 11.89 12.87
CA GLU B 267 13.80 13.30 12.72
C GLU B 267 12.81 13.56 11.59
N LEU B 268 12.73 12.66 10.61
CA LEU B 268 11.72 12.84 9.57
C LEU B 268 10.46 12.02 9.86
N ILE B 269 10.59 10.69 9.90
CA ILE B 269 9.41 9.85 9.84
C ILE B 269 8.72 9.78 11.20
N SER B 270 9.50 9.75 12.29
CA SER B 270 8.90 9.75 13.62
C SER B 270 8.17 11.07 13.91
N LYS B 271 8.69 12.19 13.41
CA LYS B 271 8.03 13.48 13.58
C LYS B 271 6.81 13.66 12.68
N HIS B 272 6.86 13.13 11.46
CA HIS B 272 5.72 13.26 10.55
C HIS B 272 4.68 12.16 10.71
N MET B 273 4.93 11.18 11.58
CA MET B 273 4.04 10.03 11.70
C MET B 273 2.63 10.43 12.10
N LYS B 274 2.50 11.38 13.03
CA LYS B 274 1.19 11.73 13.57
C LYS B 274 0.33 12.48 12.55
N THR B 275 0.95 13.26 11.67
CA THR B 275 0.21 14.20 10.83
C THR B 275 0.20 13.86 9.34
N ILE B 276 1.17 13.07 8.86
CA ILE B 276 1.27 12.88 7.41
C ILE B 276 0.23 11.88 6.92
N VAL B 277 -0.33 11.05 7.81
CA VAL B 277 -1.28 10.01 7.40
C VAL B 277 -2.72 10.37 7.72
N GLU B 278 -2.98 11.54 8.29
CA GLU B 278 -4.33 11.94 8.65
C GLU B 278 -4.75 13.24 7.99
N MET B 279 -4.05 13.66 6.94
CA MET B 279 -4.40 14.89 6.25
C MET B 279 -5.72 14.74 5.50
N GLU B 280 -6.45 15.86 5.40
CA GLU B 280 -7.71 15.86 4.67
C GLU B 280 -7.49 15.56 3.20
N ASN B 281 -6.45 16.15 2.61
CA ASN B 281 -6.12 15.92 1.21
C ASN B 281 -4.81 15.14 1.11
N SER B 282 -4.81 14.14 0.23
CA SER B 282 -3.65 13.29 -0.01
C SER B 282 -3.23 12.55 1.27
N GLY B 283 -4.22 12.37 2.14
CA GLY B 283 -4.03 11.61 3.35
C GLY B 283 -4.27 10.14 3.09
N LEU B 284 -3.97 9.32 4.10
CA LEU B 284 -4.11 7.87 3.97
C LEU B 284 -5.54 7.48 3.64
N VAL B 285 -6.52 8.11 4.29
CA VAL B 285 -7.92 7.82 4.01
C VAL B 285 -8.27 8.18 2.57
N HIS B 286 -7.85 9.35 2.11
CA HIS B 286 -8.19 9.78 0.76
C HIS B 286 -7.58 8.85 -0.29
N MET B 287 -6.31 8.46 -0.10
CA MET B 287 -5.67 7.59 -1.08
C MET B 287 -6.19 6.17 -1.01
N LEU B 288 -6.82 5.79 0.11
CA LEU B 288 -7.65 4.59 0.14
C LEU B 288 -8.98 4.77 -0.59
N LYS B 289 -9.50 6.00 -0.65
CA LYS B 289 -10.76 6.23 -1.35
C LYS B 289 -10.60 6.08 -2.87
N ASN B 290 -9.77 6.91 -3.49
CA ASN B 290 -9.68 6.92 -4.96
C ASN B 290 -9.05 5.65 -5.51
N GLY B 291 -8.19 4.98 -4.76
CA GLY B 291 -7.58 3.75 -5.22
C GLY B 291 -6.15 3.90 -5.70
N LYS B 292 -5.36 4.72 -5.00
CA LYS B 292 -3.96 4.88 -5.30
C LYS B 292 -3.18 3.66 -4.79
N THR B 293 -2.42 3.04 -5.68
CA THR B 293 -1.76 1.80 -5.28
C THR B 293 -0.25 1.93 -5.13
N GLU B 294 0.42 2.75 -5.94
CA GLU B 294 1.85 2.97 -5.73
C GLU B 294 2.10 3.65 -4.40
N ASP B 295 1.26 4.63 -4.05
CA ASP B 295 1.47 5.42 -2.85
C ASP B 295 1.38 4.55 -1.60
N LEU B 296 0.42 3.62 -1.56
CA LEU B 296 0.28 2.78 -0.38
C LEU B 296 1.50 1.89 -0.19
N GLY B 297 2.00 1.28 -1.27
CA GLY B 297 3.17 0.44 -1.16
C GLY B 297 4.41 1.22 -0.75
N CYS B 298 4.57 2.41 -1.32
CA CYS B 298 5.72 3.25 -0.97
C CYS B 298 5.64 3.74 0.48
N MET B 299 4.43 4.09 0.95
CA MET B 299 4.28 4.48 2.34
C MET B 299 4.55 3.31 3.28
N TYR B 300 4.14 2.10 2.89
CA TYR B 300 4.52 0.92 3.66
C TYR B 300 6.04 0.76 3.70
N LYS B 301 6.69 0.89 2.54
CA LYS B 301 8.13 0.74 2.47
C LYS B 301 8.87 1.75 3.33
N LEU B 302 8.32 2.96 3.49
CA LEU B 302 8.97 3.93 4.35
C LEU B 302 8.66 3.71 5.82
N PHE B 303 7.38 3.50 6.16
CA PHE B 303 6.97 3.41 7.56
C PHE B 303 7.20 2.03 8.18
N SER B 304 7.43 0.99 7.38
CA SER B 304 7.84 -0.28 7.97
C SER B 304 9.24 -0.20 8.55
N ARG B 305 10.01 0.82 8.17
CA ARG B 305 11.36 1.04 8.67
C ARG B 305 11.41 1.77 10.01
N VAL B 306 10.51 2.73 10.22
CA VAL B 306 10.48 3.51 11.46
C VAL B 306 9.84 2.68 12.55
N PRO B 307 10.27 2.80 13.81
CA PRO B 307 9.55 2.14 14.91
C PRO B 307 8.13 2.68 15.03
N ASN B 308 7.24 1.83 15.57
CA ASN B 308 5.79 2.07 15.71
C ASN B 308 5.22 2.93 14.59
N GLY B 309 5.52 2.58 13.34
CA GLY B 309 4.88 3.20 12.20
C GLY B 309 3.80 2.30 11.66
N LEU B 310 4.09 1.00 11.64
CA LEU B 310 3.08 0.02 11.25
C LEU B 310 1.92 0.01 12.21
N LYS B 311 2.17 0.31 13.49
CA LYS B 311 1.09 0.34 14.48
C LYS B 311 0.09 1.43 14.16
N THR B 312 0.56 2.65 13.94
CA THR B 312 -0.36 3.73 13.59
C THR B 312 -0.97 3.53 12.21
N MET B 313 -0.22 2.93 11.29
CA MET B 313 -0.77 2.63 9.97
C MET B 313 -1.95 1.67 10.09
N CYS B 314 -1.80 0.60 10.87
CA CYS B 314 -2.90 -0.35 11.01
C CYS B 314 -4.03 0.22 11.87
N GLU B 315 -3.71 1.14 12.78
CA GLU B 315 -4.77 1.82 13.52
C GLU B 315 -5.63 2.66 12.59
N CYS B 316 -5.00 3.41 11.68
CA CYS B 316 -5.76 4.18 10.70
C CYS B 316 -6.50 3.27 9.73
N MET B 317 -5.88 2.15 9.35
CA MET B 317 -6.57 1.16 8.52
C MET B 317 -7.84 0.67 9.19
N SER B 318 -7.74 0.29 10.46
CA SER B 318 -8.91 -0.19 11.20
C SER B 318 -9.97 0.90 11.34
N SER B 319 -9.55 2.14 11.60
CA SER B 319 -10.51 3.24 11.71
C SER B 319 -11.27 3.43 10.40
N TYR B 320 -10.55 3.44 9.28
CA TYR B 320 -11.19 3.58 7.97
C TYR B 320 -12.13 2.42 7.70
N LEU B 321 -11.69 1.20 8.00
CA LEU B 321 -12.52 0.03 7.73
C LEU B 321 -13.78 0.03 8.58
N ARG B 322 -13.66 0.43 9.85
CA ARG B 322 -14.84 0.53 10.71
C ARG B 322 -15.80 1.61 10.22
N GLU B 323 -15.26 2.75 9.77
CA GLU B 323 -16.11 3.80 9.22
C GLU B 323 -16.86 3.31 7.99
N GLN B 324 -16.16 2.62 7.09
CA GLN B 324 -16.81 2.10 5.89
C GLN B 324 -17.87 1.06 6.24
N GLY B 325 -17.57 0.19 7.21
CA GLY B 325 -18.56 -0.80 7.62
C GLY B 325 -19.80 -0.17 8.21
N LYS B 326 -19.61 0.79 9.12
CA LYS B 326 -20.76 1.50 9.68
C LYS B 326 -21.54 2.23 8.60
N ALA B 327 -20.85 2.70 7.55
CA ALA B 327 -21.54 3.26 6.40
C ALA B 327 -22.33 2.20 5.65
N LEU B 328 -21.87 0.96 5.65
CA LEU B 328 -22.52 -0.11 4.89
C LEU B 328 -23.43 -0.99 5.73
N VAL B 329 -23.15 -1.15 7.03
CA VAL B 329 -23.91 -2.07 7.87
C VAL B 329 -25.04 -1.32 8.56
N SER B 330 -25.29 -0.08 8.14
CA SER B 330 -26.32 0.75 8.75
C SER B 330 -27.68 0.07 8.65
N GLU B 331 -28.41 0.05 9.77
CA GLU B 331 -29.69 -0.62 9.85
C GLU B 331 -30.86 0.32 9.61
N GLU B 332 -30.68 1.62 9.81
CA GLU B 332 -31.76 2.58 9.63
C GLU B 332 -32.10 2.73 8.14
N GLY B 333 -33.14 2.05 7.71
CA GLY B 333 -33.54 2.06 6.31
C GLY B 333 -32.99 0.87 5.56
N GLU B 334 -33.85 -0.10 5.24
CA GLU B 334 -33.45 -1.33 4.58
C GLU B 334 -34.12 -1.39 3.20
N GLY B 335 -33.30 -1.21 2.16
CA GLY B 335 -33.79 -1.30 0.79
C GLY B 335 -32.77 -1.89 -0.15
N LYS B 336 -31.67 -2.40 0.40
CA LYS B 336 -30.59 -2.92 -0.41
C LYS B 336 -30.92 -4.32 -0.93
N ASN B 337 -30.59 -4.56 -2.20
CA ASN B 337 -30.78 -5.87 -2.78
C ASN B 337 -29.80 -6.85 -2.15
N PRO B 338 -30.14 -8.15 -1.90
CA PRO B 338 -29.21 -9.07 -1.24
C PRO B 338 -27.92 -9.33 -2.03
N VAL B 339 -28.06 -9.85 -3.26
CA VAL B 339 -26.88 -10.15 -4.11
C VAL B 339 -25.99 -8.90 -4.18
N ASP B 340 -26.57 -7.76 -4.53
CA ASP B 340 -25.79 -6.50 -4.67
C ASP B 340 -25.02 -6.19 -3.38
N TYR B 341 -25.71 -6.23 -2.23
CA TYR B 341 -25.07 -5.89 -0.93
C TYR B 341 -23.85 -6.79 -0.71
N ILE B 342 -24.02 -8.11 -0.83
CA ILE B 342 -22.89 -9.05 -0.53
C ILE B 342 -21.83 -8.94 -1.62
N GLN B 343 -22.23 -8.74 -2.87
CA GLN B 343 -21.24 -8.53 -3.96
C GLN B 343 -20.37 -7.32 -3.62
N GLY B 344 -20.98 -6.24 -3.13
CA GLY B 344 -20.20 -5.05 -2.71
C GLY B 344 -19.21 -5.40 -1.61
N LEU B 345 -19.66 -6.16 -0.60
CA LEU B 345 -18.76 -6.60 0.49
C LEU B 345 -17.65 -7.48 -0.09
N LEU B 346 -17.99 -8.38 -1.00
CA LEU B 346 -16.98 -9.27 -1.65
C LEU B 346 -15.95 -8.40 -2.37
N ASP B 347 -16.41 -7.41 -3.14
CA ASP B 347 -15.49 -6.50 -3.88
C ASP B 347 -14.56 -5.81 -2.88
N LEU B 348 -15.12 -5.23 -1.81
CA LEU B 348 -14.29 -4.55 -0.79
C LEU B 348 -13.24 -5.53 -0.25
N LYS B 349 -13.66 -6.72 0.17
CA LYS B 349 -12.73 -7.74 0.72
C LYS B 349 -11.61 -8.02 -0.28
N SER B 350 -11.97 -8.37 -1.53
CA SER B 350 -10.95 -8.72 -2.56
C SER B 350 -10.05 -7.53 -2.87
N ARG B 351 -10.63 -6.32 -2.89
CA ARG B 351 -9.84 -5.08 -3.18
C ARG B 351 -8.81 -4.88 -2.07
N PHE B 352 -9.22 -5.08 -0.81
CA PHE B 352 -8.30 -4.91 0.34
C PHE B 352 -7.24 -6.03 0.32
N ASP B 353 -7.65 -7.24 -0.10
CA ASP B 353 -6.67 -8.36 -0.23
C ASP B 353 -5.65 -8.00 -1.30
N ARG B 354 -6.11 -7.48 -2.45
CA ARG B 354 -5.20 -7.08 -3.55
C ARG B 354 -4.31 -5.92 -3.07
N PHE B 355 -4.89 -4.97 -2.32
CA PHE B 355 -4.09 -3.86 -1.75
C PHE B 355 -2.96 -4.46 -0.92
N LEU B 356 -3.30 -5.26 0.09
CA LEU B 356 -2.28 -5.90 0.97
C LEU B 356 -1.27 -6.68 0.12
N LEU B 357 -1.75 -7.37 -0.93
CA LEU B 357 -0.85 -8.20 -1.78
C LEU B 357 0.21 -7.32 -2.45
N GLU B 358 -0.21 -6.19 -3.02
CA GLU B 358 0.76 -5.34 -3.77
C GLU B 358 1.50 -4.38 -2.83
N SER B 359 0.77 -3.64 -1.97
CA SER B 359 1.42 -2.63 -1.15
C SER B 359 2.12 -3.20 0.06
N PHE B 360 1.42 -4.03 0.85
CA PHE B 360 1.94 -4.49 2.13
C PHE B 360 2.64 -5.84 2.04
N ASN B 361 2.89 -6.32 0.82
CA ASN B 361 3.55 -7.61 0.55
C ASN B 361 3.04 -8.72 1.46
N ASN B 362 1.73 -8.72 1.71
CA ASN B 362 1.07 -9.71 2.56
C ASN B 362 1.63 -9.68 3.97
N ASP B 363 1.53 -8.50 4.60
CA ASP B 363 1.99 -8.32 5.96
C ASP B 363 1.04 -9.01 6.92
N ARG B 364 1.60 -9.57 8.00
CA ARG B 364 0.77 -10.29 8.97
C ARG B 364 -0.09 -9.32 9.78
N LEU B 365 0.46 -8.17 10.16
CA LEU B 365 -0.27 -7.25 11.02
C LEU B 365 -1.50 -6.69 10.31
N PHE B 366 -1.36 -6.31 9.03
CA PHE B 366 -2.50 -5.75 8.31
C PHE B 366 -3.56 -6.81 8.04
N LYS B 367 -3.13 -8.04 7.73
CA LYS B 367 -4.09 -9.13 7.59
C LYS B 367 -4.85 -9.37 8.88
N GLN B 368 -4.14 -9.36 10.01
CA GLN B 368 -4.80 -9.59 11.30
C GLN B 368 -5.78 -8.45 11.62
N THR B 369 -5.40 -7.21 11.32
CA THR B 369 -6.29 -6.10 11.65
C THR B 369 -7.52 -6.07 10.73
N ILE B 370 -7.35 -6.41 9.46
CA ILE B 370 -8.52 -6.45 8.59
C ILE B 370 -9.43 -7.61 8.96
N ALA B 371 -8.86 -8.76 9.34
CA ALA B 371 -9.68 -9.87 9.81
C ALA B 371 -10.45 -9.49 11.07
N GLY B 372 -9.78 -8.81 12.01
CA GLY B 372 -10.46 -8.36 13.21
C GLY B 372 -11.57 -7.37 12.92
N ASP B 373 -11.33 -6.42 12.02
CA ASP B 373 -12.36 -5.46 11.66
C ASP B 373 -13.54 -6.16 10.99
N PHE B 374 -13.27 -7.13 10.11
CA PHE B 374 -14.34 -7.88 9.48
C PHE B 374 -15.16 -8.65 10.50
N GLU B 375 -14.50 -9.32 11.44
CA GLU B 375 -15.23 -10.02 12.50
C GLU B 375 -16.04 -9.06 13.34
N TYR B 376 -15.54 -7.83 13.52
CA TYR B 376 -16.23 -6.86 14.36
C TYR B 376 -17.45 -6.27 13.66
N PHE B 377 -17.38 -6.03 12.35
CA PHE B 377 -18.49 -5.33 11.71
C PHE B 377 -19.40 -6.24 10.90
N LEU B 378 -19.10 -7.54 10.77
CA LEU B 378 -19.99 -8.42 10.04
C LEU B 378 -21.06 -9.02 10.94
N ASN B 379 -20.85 -9.02 12.25
CA ASN B 379 -21.82 -9.56 13.20
C ASN B 379 -22.73 -8.47 13.78
N LEU B 380 -22.58 -7.23 13.35
CA LEU B 380 -23.47 -6.15 13.80
C LEU B 380 -24.89 -6.31 13.27
N ASN B 381 -25.10 -7.15 12.26
CA ASN B 381 -26.41 -7.39 11.69
C ASN B 381 -26.77 -8.87 11.80
N SER B 382 -28.01 -9.13 12.19
CA SER B 382 -28.58 -10.46 12.14
C SER B 382 -28.92 -10.90 10.73
N ARG B 383 -28.75 -9.99 9.75
CA ARG B 383 -29.05 -10.27 8.36
C ARG B 383 -27.87 -10.79 7.57
N SER B 384 -26.65 -10.72 8.09
CA SER B 384 -25.47 -11.05 7.29
C SER B 384 -25.48 -12.48 6.79
N PRO B 385 -25.71 -13.51 7.63
CA PRO B 385 -25.85 -14.85 7.07
C PRO B 385 -27.03 -14.98 6.12
N GLU B 386 -28.14 -14.30 6.39
CA GLU B 386 -29.27 -14.32 5.47
C GLU B 386 -28.88 -13.82 4.10
N TYR B 387 -28.17 -12.68 4.06
CA TYR B 387 -27.81 -12.08 2.78
C TYR B 387 -26.73 -12.89 2.07
N LEU B 388 -25.78 -13.46 2.82
CA LEU B 388 -24.78 -14.31 2.21
C LEU B 388 -25.40 -15.57 1.61
N SER B 389 -26.36 -16.16 2.32
CA SER B 389 -27.08 -17.31 1.79
C SER B 389 -27.86 -16.94 0.54
N LEU B 390 -28.52 -15.77 0.55
CA LEU B 390 -29.23 -15.33 -0.66
C LEU B 390 -28.27 -15.18 -1.83
N PHE B 391 -27.10 -14.58 -1.60
CA PHE B 391 -26.14 -14.37 -2.67
C PHE B 391 -25.62 -15.70 -3.21
N ILE B 392 -25.32 -16.65 -2.32
CA ILE B 392 -24.82 -17.94 -2.79
C ILE B 392 -25.90 -18.69 -3.54
N ASP B 393 -27.17 -18.56 -3.12
CA ASP B 393 -28.26 -19.20 -3.85
C ASP B 393 -28.42 -18.58 -5.23
N ASP B 394 -28.35 -17.24 -5.32
CA ASP B 394 -28.48 -16.58 -6.61
C ASP B 394 -27.35 -16.95 -7.55
N LYS B 395 -26.12 -16.98 -7.05
CA LYS B 395 -24.98 -17.29 -7.91
C LYS B 395 -24.80 -18.80 -8.12
N LEU B 396 -25.60 -19.62 -7.44
CA LEU B 396 -25.43 -21.06 -7.52
C LEU B 396 -26.38 -21.74 -8.50
N LYS B 397 -27.61 -21.22 -8.65
CA LYS B 397 -28.58 -21.91 -9.49
C LYS B 397 -28.13 -21.98 -10.95
N LYS B 398 -28.08 -20.84 -11.64
CA LYS B 398 -27.50 -20.74 -12.97
C LYS B 398 -27.27 -19.27 -13.31
N GLY B 399 -26.00 -18.90 -13.50
CA GLY B 399 -25.64 -17.50 -13.73
C GLY B 399 -25.14 -17.29 -15.13
N VAL B 400 -25.93 -16.56 -15.92
CA VAL B 400 -25.48 -16.17 -17.26
C VAL B 400 -24.30 -15.22 -17.17
N LYS B 401 -24.33 -14.31 -16.20
CA LYS B 401 -23.20 -13.43 -15.95
C LYS B 401 -22.06 -14.22 -15.31
N GLY B 402 -20.95 -14.35 -16.02
CA GLY B 402 -19.86 -15.18 -15.55
C GLY B 402 -20.19 -16.66 -15.64
N LEU B 403 -20.60 -17.09 -16.84
CA LEU B 403 -21.02 -18.47 -17.08
C LEU B 403 -19.88 -19.47 -16.91
N THR B 404 -18.66 -19.08 -17.30
CA THR B 404 -17.53 -20.00 -17.24
C THR B 404 -17.21 -20.33 -15.79
N GLU B 405 -16.62 -21.51 -15.56
CA GLU B 405 -16.45 -22.03 -14.21
C GLU B 405 -15.38 -21.31 -13.41
N GLN B 406 -14.44 -20.64 -14.07
CA GLN B 406 -13.35 -20.02 -13.33
C GLN B 406 -13.85 -18.85 -12.47
N GLU B 407 -14.64 -17.96 -13.07
CA GLU B 407 -15.18 -16.83 -12.29
C GLU B 407 -16.12 -17.33 -11.20
N VAL B 408 -16.89 -18.39 -11.49
CA VAL B 408 -17.77 -18.96 -10.47
C VAL B 408 -16.95 -19.47 -9.30
N GLU B 409 -15.84 -20.15 -9.59
CA GLU B 409 -14.99 -20.68 -8.53
C GLU B 409 -14.35 -19.57 -7.71
N THR B 410 -13.89 -18.50 -8.37
CA THR B 410 -13.32 -17.38 -7.63
C THR B 410 -14.37 -16.71 -6.74
N ILE B 411 -15.57 -16.50 -7.27
CA ILE B 411 -16.65 -15.93 -6.47
C ILE B 411 -16.96 -16.84 -5.29
N LEU B 412 -16.95 -18.15 -5.51
CA LEU B 412 -17.22 -19.11 -4.44
C LEU B 412 -16.16 -19.02 -3.36
N ASP B 413 -14.89 -18.92 -3.76
CA ASP B 413 -13.80 -18.82 -2.79
C ASP B 413 -13.89 -17.53 -1.98
N LYS B 414 -14.23 -16.42 -2.64
CA LYS B 414 -14.39 -15.18 -1.89
C LYS B 414 -15.58 -15.25 -0.94
N ALA B 415 -16.66 -15.92 -1.36
CA ALA B 415 -17.81 -16.09 -0.48
C ALA B 415 -17.44 -16.90 0.75
N MET B 416 -16.68 -17.98 0.58
CA MET B 416 -16.21 -18.75 1.72
C MET B 416 -15.26 -17.95 2.60
N VAL B 417 -14.40 -17.13 2.00
CA VAL B 417 -13.49 -16.30 2.78
C VAL B 417 -14.27 -15.31 3.63
N LEU B 418 -15.31 -14.69 3.05
CA LEU B 418 -16.17 -13.82 3.84
C LEU B 418 -16.89 -14.61 4.93
N PHE B 419 -17.28 -15.85 4.63
CA PHE B 419 -17.92 -16.70 5.63
C PHE B 419 -16.98 -17.02 6.78
N ARG B 420 -15.67 -17.02 6.54
CA ARG B 420 -14.71 -17.27 7.61
C ARG B 420 -14.81 -16.22 8.71
N PHE B 421 -14.76 -14.95 8.34
CA PHE B 421 -14.81 -13.84 9.31
C PHE B 421 -16.25 -13.50 9.68
N MET B 422 -16.98 -14.49 10.20
CA MET B 422 -18.40 -14.33 10.48
C MET B 422 -18.81 -15.36 11.52
N GLN B 423 -19.50 -14.90 12.57
CA GLN B 423 -19.95 -15.78 13.63
C GLN B 423 -21.42 -16.12 13.45
N GLU B 424 -21.95 -16.94 14.38
CA GLU B 424 -23.34 -17.42 14.35
C GLU B 424 -23.63 -18.16 13.04
N LYS B 425 -22.95 -19.29 12.86
CA LYS B 425 -23.09 -20.09 11.64
C LYS B 425 -24.41 -20.84 11.59
N ASP B 426 -25.13 -20.93 12.71
CA ASP B 426 -26.38 -21.69 12.75
C ASP B 426 -27.42 -21.11 11.80
N VAL B 427 -27.66 -19.80 11.89
CA VAL B 427 -28.63 -19.18 10.99
C VAL B 427 -28.15 -19.26 9.56
N PHE B 428 -26.83 -19.18 9.33
CA PHE B 428 -26.30 -19.34 7.98
C PHE B 428 -26.69 -20.69 7.40
N GLU B 429 -26.45 -21.77 8.13
CA GLU B 429 -26.73 -23.09 7.56
C GLU B 429 -28.23 -23.39 7.54
N ARG B 430 -29.00 -22.80 8.47
CA ARG B 430 -30.44 -22.94 8.39
C ARG B 430 -30.99 -22.30 7.12
N TYR B 431 -30.52 -21.09 6.82
CA TYR B 431 -30.93 -20.43 5.58
C TYR B 431 -30.40 -21.17 4.36
N TYR B 432 -29.22 -21.78 4.47
CA TYR B 432 -28.69 -22.57 3.36
C TYR B 432 -29.56 -23.79 3.10
N LYS B 433 -30.02 -24.45 4.16
CA LYS B 433 -30.91 -25.59 4.01
C LYS B 433 -32.26 -25.17 3.43
N GLN B 434 -32.78 -24.01 3.86
CA GLN B 434 -34.01 -23.50 3.26
C GLN B 434 -33.81 -23.18 1.78
N HIS B 435 -32.64 -22.66 1.42
CA HIS B 435 -32.36 -22.38 0.02
C HIS B 435 -32.26 -23.66 -0.79
N LEU B 436 -31.71 -24.71 -0.20
CA LEU B 436 -31.70 -26.02 -0.84
C LEU B 436 -33.13 -26.52 -1.04
N ALA B 437 -33.98 -26.32 -0.03
CA ALA B 437 -35.38 -26.71 -0.17
C ALA B 437 -36.06 -25.95 -1.31
N ARG B 438 -35.78 -24.65 -1.42
CA ARG B 438 -36.42 -23.84 -2.46
C ARG B 438 -35.87 -24.15 -3.85
N ARG B 439 -34.59 -23.87 -4.08
CA ARG B 439 -33.96 -24.07 -5.39
C ARG B 439 -33.91 -25.52 -5.81
N LEU B 440 -33.58 -26.43 -4.89
CA LEU B 440 -33.27 -27.82 -5.20
C LEU B 440 -34.43 -28.55 -5.86
N LEU B 441 -35.66 -28.21 -5.48
CA LEU B 441 -36.82 -29.03 -5.83
C LEU B 441 -37.79 -28.32 -6.78
N THR B 442 -37.38 -27.22 -7.42
CA THR B 442 -38.40 -26.41 -8.07
C THR B 442 -38.87 -27.05 -9.37
N ASN B 443 -38.04 -27.07 -10.41
CA ASN B 443 -38.16 -28.11 -11.43
C ASN B 443 -36.84 -28.80 -11.68
N LYS B 444 -35.85 -28.05 -12.16
CA LYS B 444 -34.53 -28.56 -12.48
C LYS B 444 -33.47 -27.49 -12.17
N SER B 445 -33.56 -26.83 -11.03
CA SER B 445 -32.81 -25.59 -10.79
C SER B 445 -31.43 -25.82 -10.19
N VAL B 446 -30.79 -26.96 -10.49
CA VAL B 446 -29.45 -27.26 -9.99
C VAL B 446 -28.55 -27.60 -11.18
N SER B 447 -27.25 -27.41 -10.97
CA SER B 447 -26.25 -27.72 -11.98
C SER B 447 -25.82 -29.19 -11.96
N ASP B 448 -26.21 -29.96 -10.95
CA ASP B 448 -26.00 -31.39 -10.79
C ASP B 448 -24.56 -31.73 -10.45
N ASP B 449 -23.63 -30.78 -10.44
CA ASP B 449 -22.24 -31.08 -10.15
C ASP B 449 -21.64 -30.13 -9.12
N SER B 450 -22.11 -28.89 -9.10
CA SER B 450 -21.48 -27.88 -8.25
C SER B 450 -21.98 -27.89 -6.81
N GLU B 451 -23.12 -28.54 -6.54
CA GLU B 451 -23.60 -28.63 -5.16
C GLU B 451 -22.67 -29.47 -4.30
N LYS B 452 -22.08 -30.52 -4.88
CA LYS B 452 -21.06 -31.28 -4.17
C LYS B 452 -19.85 -30.42 -3.88
N ASN B 453 -19.49 -29.54 -4.82
CA ASN B 453 -18.35 -28.65 -4.62
C ASN B 453 -18.64 -27.69 -3.47
N MET B 454 -19.85 -27.12 -3.42
CA MET B 454 -20.23 -26.27 -2.30
C MET B 454 -20.19 -27.03 -0.97
N ILE B 455 -20.72 -28.26 -0.95
CA ILE B 455 -20.69 -29.02 0.29
C ILE B 455 -19.26 -29.28 0.72
N SER B 456 -18.37 -29.61 -0.22
CA SER B 456 -16.98 -29.86 0.13
C SER B 456 -16.29 -28.60 0.65
N LYS B 457 -16.57 -27.44 0.03
CA LYS B 457 -15.96 -26.21 0.51
C LYS B 457 -16.49 -25.81 1.88
N LEU B 458 -17.78 -26.01 2.13
CA LEU B 458 -18.32 -25.76 3.45
C LEU B 458 -17.78 -26.74 4.49
N LYS B 459 -17.41 -27.95 4.03
CA LYS B 459 -16.86 -28.98 4.94
C LYS B 459 -15.51 -28.46 5.48
N THR B 460 -14.84 -27.60 4.71
CA THR B 460 -13.50 -27.12 5.11
C THR B 460 -13.54 -25.60 5.36
N GLU B 461 -14.64 -25.10 5.95
CA GLU B 461 -14.77 -23.64 6.21
C GLU B 461 -15.26 -23.40 7.63
N CYS B 462 -16.10 -24.30 8.16
CA CYS B 462 -16.58 -24.18 9.55
C CYS B 462 -16.24 -25.46 10.31
N GLY B 463 -17.16 -25.94 11.15
CA GLY B 463 -16.94 -27.21 11.88
C GLY B 463 -17.51 -28.39 11.11
N CYS B 464 -17.96 -29.44 11.83
CA CYS B 464 -18.60 -30.59 11.15
C CYS B 464 -19.70 -31.18 12.04
N GLN B 465 -20.62 -30.35 12.52
CA GLN B 465 -21.79 -30.86 13.29
C GLN B 465 -22.92 -31.01 12.27
N PHE B 466 -22.59 -30.87 10.99
CA PHE B 466 -23.60 -30.88 9.90
C PHE B 466 -22.95 -31.50 8.67
N THR B 467 -23.24 -30.99 7.46
CA THR B 467 -22.66 -31.48 6.16
C THR B 467 -23.12 -32.91 5.82
N SER B 468 -23.13 -33.83 6.78
CA SER B 468 -23.63 -35.21 6.55
C SER B 468 -25.14 -35.18 6.34
N LYS B 469 -25.82 -34.17 6.89
CA LYS B 469 -27.29 -34.02 6.70
C LYS B 469 -27.54 -33.41 5.32
N LEU B 470 -26.59 -32.63 4.80
CA LEU B 470 -26.71 -32.05 3.44
C LEU B 470 -26.37 -33.16 2.44
N GLU B 471 -25.44 -34.05 2.79
CA GLU B 471 -25.13 -35.20 1.91
C GLU B 471 -26.26 -36.22 2.11
N GLY B 472 -26.94 -36.17 3.26
CA GLY B 472 -28.10 -37.05 3.49
C GLY B 472 -29.25 -36.55 2.65
N MET B 473 -29.29 -35.23 2.39
CA MET B 473 -30.33 -34.67 1.49
C MET B 473 -30.03 -35.13 0.06
N PHE B 474 -28.75 -35.33 -0.26
CA PHE B 474 -28.37 -35.84 -1.61
C PHE B 474 -28.68 -37.33 -1.70
N ARG B 475 -28.64 -38.04 -0.58
CA ARG B 475 -29.03 -39.48 -0.58
C ARG B 475 -30.51 -39.57 -0.94
N ASP B 476 -31.33 -38.63 -0.48
CA ASP B 476 -32.76 -38.61 -0.78
C ASP B 476 -32.98 -38.41 -2.28
N MET B 477 -32.24 -37.50 -2.90
CA MET B 477 -32.35 -37.39 -4.36
C MET B 477 -32.01 -38.70 -5.07
N SER B 478 -30.94 -39.38 -4.65
CA SER B 478 -30.52 -40.58 -5.35
C SER B 478 -31.58 -41.67 -5.25
N ILE B 479 -32.05 -41.97 -4.03
CA ILE B 479 -33.14 -42.94 -3.89
C ILE B 479 -34.39 -42.45 -4.62
N SER B 480 -34.54 -41.13 -4.75
CA SER B 480 -35.72 -40.61 -5.42
C SER B 480 -35.74 -41.00 -6.89
N ASN B 481 -34.64 -40.76 -7.60
CA ASN B 481 -34.69 -41.09 -9.03
C ASN B 481 -34.55 -42.60 -9.28
N THR B 482 -33.86 -43.33 -8.40
CA THR B 482 -33.89 -44.79 -8.54
C THR B 482 -35.31 -45.33 -8.35
N THR B 483 -36.04 -44.81 -7.36
CA THR B 483 -37.44 -45.19 -7.21
C THR B 483 -38.26 -44.72 -8.40
N MET B 484 -37.92 -43.57 -8.98
CA MET B 484 -38.61 -43.08 -10.16
C MET B 484 -38.51 -44.09 -11.30
N ASP B 485 -37.28 -44.50 -11.64
CA ASP B 485 -37.12 -45.43 -12.75
C ASP B 485 -37.71 -46.81 -12.43
N GLU B 486 -37.54 -47.29 -11.18
CA GLU B 486 -38.08 -48.59 -10.82
C GLU B 486 -39.61 -48.58 -10.88
N PHE B 487 -40.23 -47.50 -10.40
CA PHE B 487 -41.69 -47.39 -10.46
C PHE B 487 -42.17 -47.23 -11.89
N ARG B 488 -41.42 -46.53 -12.75
CA ARG B 488 -41.80 -46.45 -14.15
C ARG B 488 -41.75 -47.82 -14.81
N GLN B 489 -40.71 -48.60 -14.51
CA GLN B 489 -40.63 -49.96 -15.05
C GLN B 489 -41.77 -50.83 -14.55
N HIS B 490 -42.09 -50.72 -13.26
CA HIS B 490 -43.19 -51.50 -12.70
C HIS B 490 -44.54 -51.08 -13.27
N LEU B 491 -44.78 -49.79 -13.48
CA LEU B 491 -46.01 -49.33 -14.10
C LEU B 491 -46.11 -49.81 -15.55
N GLN B 492 -44.99 -49.78 -16.29
CA GLN B 492 -45.00 -50.33 -17.63
C GLN B 492 -45.33 -51.82 -17.62
N ALA B 493 -44.78 -52.57 -16.67
CA ALA B 493 -45.08 -53.98 -16.55
C ALA B 493 -46.52 -54.24 -16.15
N THR B 494 -47.13 -53.36 -15.36
CA THR B 494 -48.47 -53.58 -14.86
C THR B 494 -49.51 -52.81 -15.68
N GLY B 495 -49.37 -51.49 -15.75
CA GLY B 495 -50.32 -50.67 -16.48
C GLY B 495 -51.68 -50.61 -15.80
N VAL B 496 -51.75 -49.96 -14.64
CA VAL B 496 -52.97 -49.90 -13.85
C VAL B 496 -54.04 -49.10 -14.57
N SER B 497 -53.75 -47.83 -14.87
CA SER B 497 -54.69 -46.95 -15.54
C SER B 497 -53.93 -45.83 -16.25
N LEU B 498 -54.69 -44.85 -16.76
CA LEU B 498 -54.12 -43.75 -17.50
C LEU B 498 -53.82 -42.53 -16.64
N GLY B 499 -54.02 -42.62 -15.32
CA GLY B 499 -53.76 -41.47 -14.47
C GLY B 499 -52.29 -41.07 -14.45
N GLY B 500 -51.40 -42.05 -14.30
CA GLY B 500 -49.98 -41.79 -14.26
C GLY B 500 -49.30 -41.85 -15.61
N VAL B 501 -49.60 -40.90 -16.49
CA VAL B 501 -48.96 -40.84 -17.81
C VAL B 501 -47.54 -40.30 -17.67
N ASP B 502 -47.42 -39.07 -17.17
CA ASP B 502 -46.11 -38.43 -16.94
C ASP B 502 -46.07 -37.91 -15.51
N LEU B 503 -45.67 -38.80 -14.60
CA LEU B 503 -45.66 -38.50 -13.18
C LEU B 503 -44.25 -38.58 -12.62
N THR B 504 -43.82 -37.50 -11.95
CA THR B 504 -42.53 -37.46 -11.25
C THR B 504 -42.83 -36.91 -9.85
N VAL B 505 -43.23 -37.80 -8.94
CA VAL B 505 -43.48 -37.44 -7.56
C VAL B 505 -42.35 -37.96 -6.69
N ARG B 506 -41.57 -37.05 -6.12
CA ARG B 506 -40.35 -37.37 -5.41
C ARG B 506 -40.67 -37.89 -4.01
N VAL B 507 -40.05 -39.02 -3.66
CA VAL B 507 -40.19 -39.62 -2.34
C VAL B 507 -39.36 -38.78 -1.39
N LEU B 508 -40.01 -38.22 -0.37
CA LEU B 508 -39.39 -37.22 0.48
C LEU B 508 -39.54 -37.62 1.95
N THR B 509 -38.50 -37.33 2.74
CA THR B 509 -38.48 -37.66 4.15
C THR B 509 -38.72 -36.41 4.98
N THR B 510 -39.29 -36.59 6.18
CA THR B 510 -39.63 -35.45 7.03
C THR B 510 -38.40 -34.89 7.73
N GLY B 511 -37.45 -35.75 8.09
CA GLY B 511 -36.37 -35.34 8.97
C GLY B 511 -35.40 -34.37 8.31
N TYR B 512 -34.69 -34.82 7.28
CA TYR B 512 -33.65 -34.04 6.61
C TYR B 512 -34.26 -32.79 5.98
N TRP B 513 -35.43 -32.97 5.38
CA TRP B 513 -36.10 -31.91 4.63
C TRP B 513 -36.71 -30.90 5.59
N PRO B 514 -36.48 -29.60 5.42
CA PRO B 514 -36.95 -28.64 6.41
C PRO B 514 -38.46 -28.53 6.44
N THR B 515 -39.00 -28.17 7.60
CA THR B 515 -40.45 -28.17 7.79
C THR B 515 -41.10 -27.08 6.95
N GLN B 516 -42.21 -27.50 6.35
CA GLN B 516 -43.02 -26.54 5.58
C GLN B 516 -44.13 -26.11 6.55
N SER B 517 -45.16 -25.43 6.07
CA SER B 517 -46.21 -24.91 6.98
C SER B 517 -47.13 -26.05 7.44
N ALA B 518 -48.30 -25.69 7.97
CA ALA B 518 -49.28 -26.72 8.41
C ALA B 518 -50.00 -27.27 7.17
N THR B 519 -49.26 -27.69 6.15
CA THR B 519 -49.85 -28.28 4.92
C THR B 519 -51.25 -27.77 4.67
N PRO B 520 -51.42 -26.51 4.26
CA PRO B 520 -52.74 -26.00 3.89
C PRO B 520 -53.27 -26.90 2.77
N LYS B 521 -54.09 -27.89 3.13
CA LYS B 521 -54.57 -28.88 2.13
C LYS B 521 -55.39 -28.20 1.05
N CYS B 522 -55.14 -28.54 -0.22
CA CYS B 522 -55.86 -27.85 -1.34
C CYS B 522 -56.48 -28.89 -2.27
N ASN B 523 -57.27 -28.43 -3.25
CA ASN B 523 -57.87 -29.36 -4.24
C ASN B 523 -56.74 -29.98 -5.08
N ILE B 524 -56.75 -31.30 -5.24
CA ILE B 524 -55.68 -32.01 -6.01
C ILE B 524 -56.27 -32.41 -7.37
N PRO B 525 -55.60 -32.11 -8.51
CA PRO B 525 -56.08 -32.49 -9.84
C PRO B 525 -56.80 -33.85 -9.88
N PRO B 526 -58.13 -33.90 -10.18
CA PRO B 526 -58.90 -35.15 -10.13
C PRO B 526 -58.33 -36.36 -10.90
N ALA B 527 -57.86 -36.16 -12.13
CA ALA B 527 -57.25 -37.28 -12.89
C ALA B 527 -55.89 -37.65 -12.26
N PRO B 528 -54.89 -36.74 -12.15
CA PRO B 528 -53.63 -37.06 -11.46
C PRO B 528 -53.83 -37.58 -10.03
N ARG B 529 -54.97 -37.28 -9.39
CA ARG B 529 -55.27 -37.87 -8.08
C ARG B 529 -55.09 -39.39 -8.14
N HIS B 530 -55.58 -40.01 -9.20
CA HIS B 530 -55.40 -41.45 -9.37
C HIS B 530 -53.92 -41.79 -9.50
N ALA B 531 -53.14 -40.96 -10.20
CA ALA B 531 -51.71 -41.21 -10.34
C ALA B 531 -51.00 -41.17 -8.99
N PHE B 532 -51.31 -40.15 -8.18
CA PHE B 532 -50.68 -40.05 -6.87
C PHE B 532 -51.11 -41.18 -5.95
N GLU B 533 -52.39 -41.57 -6.02
CA GLU B 533 -52.85 -42.71 -5.23
C GLU B 533 -52.16 -43.99 -5.66
N ILE B 534 -51.96 -44.17 -6.96
CA ILE B 534 -51.25 -45.36 -7.46
C ILE B 534 -49.81 -45.36 -6.96
N PHE B 535 -49.14 -44.21 -7.02
CA PHE B 535 -47.77 -44.15 -6.54
C PHE B 535 -47.69 -44.42 -5.05
N ARG B 536 -48.62 -43.87 -4.26
CA ARG B 536 -48.63 -44.12 -2.82
C ARG B 536 -48.87 -45.59 -2.52
N ARG B 537 -49.83 -46.22 -3.21
CA ARG B 537 -50.08 -47.64 -2.99
C ARG B 537 -48.87 -48.48 -3.40
N PHE B 538 -48.19 -48.09 -4.46
CA PHE B 538 -46.96 -48.80 -4.88
C PHE B 538 -45.93 -48.75 -3.74
N TYR B 539 -45.84 -47.60 -3.05
CA TYR B 539 -44.82 -47.44 -1.98
C TYR B 539 -45.32 -48.10 -0.68
N LEU B 540 -46.63 -48.22 -0.52
CA LEU B 540 -47.19 -48.92 0.68
C LEU B 540 -47.07 -50.43 0.48
N ALA B 541 -46.62 -50.85 -0.71
CA ALA B 541 -46.39 -52.29 -0.97
C ALA B 541 -44.89 -52.52 -1.16
N LYS B 542 -44.13 -51.42 -1.29
CA LYS B 542 -42.66 -51.51 -1.46
C LYS B 542 -42.03 -51.98 -0.14
N HIS B 543 -42.04 -51.11 0.88
CA HIS B 543 -41.48 -51.48 2.22
C HIS B 543 -42.61 -51.47 3.25
N SER B 544 -43.85 -51.25 2.82
CA SER B 544 -45.05 -51.31 3.72
C SER B 544 -45.06 -50.18 4.77
N GLY B 545 -44.30 -50.31 5.86
CA GLY B 545 -44.36 -49.32 6.96
C GLY B 545 -43.85 -47.94 6.59
N ARG B 546 -44.67 -47.14 5.90
CA ARG B 546 -44.28 -45.73 5.57
C ARG B 546 -45.54 -44.86 5.51
N GLN B 547 -45.86 -44.16 6.61
CA GLN B 547 -47.01 -43.22 6.60
C GLN B 547 -46.72 -42.12 5.57
N LEU B 548 -47.33 -42.21 4.38
CA LEU B 548 -47.01 -41.23 3.30
C LEU B 548 -47.95 -40.03 3.36
N THR B 549 -47.84 -39.10 2.40
CA THR B 549 -48.70 -37.88 2.32
C THR B 549 -48.16 -37.01 1.18
N LEU B 550 -48.89 -35.96 0.79
CA LEU B 550 -48.38 -35.05 -0.22
C LEU B 550 -48.10 -33.67 0.37
N GLN B 551 -46.95 -33.10 0.00
CA GLN B 551 -46.66 -31.71 0.36
C GLN B 551 -47.30 -30.79 -0.67
N HIS B 552 -48.52 -30.34 -0.36
CA HIS B 552 -49.32 -29.56 -1.30
C HIS B 552 -48.67 -28.22 -1.63
N HIS B 553 -48.05 -27.56 -0.64
CA HIS B 553 -47.28 -26.34 -0.88
C HIS B 553 -45.84 -26.61 -1.25
N MET B 554 -45.61 -27.48 -2.23
CA MET B 554 -44.29 -27.68 -2.80
C MET B 554 -44.49 -28.42 -4.11
N GLY B 555 -43.52 -28.27 -5.00
CA GLY B 555 -43.58 -28.93 -6.27
C GLY B 555 -44.15 -28.05 -7.37
N SER B 556 -44.33 -28.67 -8.53
CA SER B 556 -44.79 -27.96 -9.71
C SER B 556 -45.42 -28.98 -10.66
N ALA B 557 -45.90 -28.48 -11.81
CA ALA B 557 -46.53 -29.33 -12.82
C ALA B 557 -46.62 -28.53 -14.12
N ASP B 558 -47.02 -29.21 -15.19
CA ASP B 558 -47.18 -28.61 -16.51
C ASP B 558 -48.60 -28.85 -17.00
N LEU B 559 -49.27 -27.78 -17.44
CA LEU B 559 -50.63 -27.86 -17.98
C LEU B 559 -50.58 -27.54 -19.47
N ASN B 560 -51.20 -28.40 -20.28
CA ASN B 560 -51.22 -28.21 -21.73
C ASN B 560 -52.42 -27.34 -22.10
N ALA B 561 -52.15 -26.24 -22.80
CA ALA B 561 -53.20 -25.31 -23.21
C ALA B 561 -53.51 -25.49 -24.69
N THR B 562 -54.61 -24.88 -25.12
CA THR B 562 -55.04 -24.94 -26.51
C THR B 562 -55.82 -23.70 -26.90
N THR B 587 -53.53 -19.92 -33.33
CA THR B 587 -54.00 -21.06 -32.55
C THR B 587 -52.98 -22.19 -32.54
N ARG B 588 -52.47 -22.53 -31.35
CA ARG B 588 -51.48 -23.57 -31.19
C ARG B 588 -51.65 -24.20 -29.81
N LYS B 589 -51.11 -25.40 -29.64
CA LYS B 589 -51.18 -26.15 -28.40
C LYS B 589 -49.91 -25.86 -27.60
N HIS B 590 -50.02 -24.95 -26.63
CA HIS B 590 -48.89 -24.60 -25.79
C HIS B 590 -49.05 -25.25 -24.42
N ILE B 591 -47.97 -25.29 -23.66
CA ILE B 591 -47.98 -25.90 -22.33
C ILE B 591 -47.63 -24.81 -21.30
N LEU B 592 -48.50 -24.65 -20.31
CA LEU B 592 -48.30 -23.66 -19.26
C LEU B 592 -47.48 -24.28 -18.12
N GLN B 593 -47.34 -23.55 -17.02
CA GLN B 593 -46.59 -24.04 -15.86
C GLN B 593 -47.28 -23.55 -14.60
N VAL B 594 -47.24 -24.38 -13.56
CA VAL B 594 -47.91 -24.11 -12.29
C VAL B 594 -46.94 -24.45 -11.17
N SER B 595 -46.96 -23.66 -10.10
CA SER B 595 -46.03 -23.83 -8.99
C SER B 595 -46.80 -24.01 -7.68
N THR B 596 -47.22 -25.26 -7.43
CA THR B 596 -47.70 -25.83 -6.17
C THR B 596 -48.96 -25.20 -5.61
N PHE B 597 -49.44 -24.10 -6.19
CA PHE B 597 -50.78 -23.64 -5.85
C PHE B 597 -51.52 -23.06 -7.05
N GLN B 598 -50.86 -23.01 -8.21
CA GLN B 598 -51.53 -22.52 -9.40
C GLN B 598 -52.46 -23.57 -10.02
N MET B 599 -52.08 -24.85 -9.98
CA MET B 599 -52.81 -25.86 -10.77
C MET B 599 -54.26 -25.98 -10.32
N THR B 600 -54.53 -25.81 -9.02
CA THR B 600 -55.90 -25.97 -8.54
C THR B 600 -56.81 -24.87 -9.10
N ILE B 601 -56.38 -23.61 -9.02
CA ILE B 601 -57.16 -22.53 -9.59
C ILE B 601 -57.27 -22.70 -11.10
N LEU B 602 -56.21 -23.17 -11.73
CA LEU B 602 -56.25 -23.38 -13.18
C LEU B 602 -57.27 -24.44 -13.57
N MET B 603 -57.35 -25.56 -12.85
CA MET B 603 -58.36 -26.56 -13.20
C MET B 603 -59.75 -26.06 -12.88
N LEU B 604 -59.89 -25.30 -11.79
CA LEU B 604 -61.19 -24.70 -11.48
C LEU B 604 -61.65 -23.78 -12.61
N PHE B 605 -60.70 -23.12 -13.28
CA PHE B 605 -61.05 -22.32 -14.46
C PHE B 605 -61.36 -23.20 -15.66
N ASN B 606 -60.56 -24.25 -15.89
CA ASN B 606 -60.74 -25.08 -17.08
C ASN B 606 -62.07 -25.83 -17.06
N ASN B 607 -62.43 -26.41 -15.92
CA ASN B 607 -63.67 -27.18 -15.84
C ASN B 607 -64.89 -26.28 -16.05
N ARG B 608 -64.86 -25.08 -15.47
CA ARG B 608 -65.95 -24.12 -15.60
C ARG B 608 -65.40 -22.71 -15.47
N GLU B 609 -65.98 -21.80 -16.25
CA GLU B 609 -65.58 -20.41 -16.24
C GLU B 609 -66.62 -19.59 -15.45
N LYS B 610 -66.44 -18.27 -15.44
CA LYS B 610 -67.35 -17.36 -14.74
C LYS B 610 -67.38 -17.65 -13.25
N TYR B 611 -66.28 -18.17 -12.71
CA TYR B 611 -66.17 -18.44 -11.29
C TYR B 611 -65.72 -17.19 -10.55
N THR B 612 -65.68 -17.27 -9.22
CA THR B 612 -65.27 -16.15 -8.38
C THR B 612 -64.66 -16.71 -7.10
N PHE B 613 -64.44 -15.81 -6.13
CA PHE B 613 -63.82 -16.19 -4.87
C PHE B 613 -64.72 -17.13 -4.08
N GLU B 614 -66.03 -16.88 -4.07
CA GLU B 614 -66.96 -17.78 -3.41
C GLU B 614 -66.97 -19.15 -4.07
N GLU B 615 -66.93 -19.18 -5.41
CA GLU B 615 -66.92 -20.45 -6.13
C GLU B 615 -65.68 -21.26 -5.82
N ILE B 616 -64.51 -20.62 -5.74
CA ILE B 616 -63.28 -21.34 -5.45
C ILE B 616 -63.10 -21.62 -3.96
N GLN B 617 -63.91 -21.01 -3.09
CA GLN B 617 -63.86 -21.30 -1.67
C GLN B 617 -64.91 -22.31 -1.20
N GLN B 618 -65.99 -22.51 -1.96
CA GLN B 618 -67.13 -23.28 -1.48
C GLN B 618 -67.00 -24.78 -1.74
N GLU B 619 -66.88 -25.18 -3.01
CA GLU B 619 -66.97 -26.59 -3.39
C GLU B 619 -65.59 -27.21 -3.60
N THR B 620 -64.56 -26.70 -2.92
CA THR B 620 -63.20 -27.19 -3.15
C THR B 620 -62.43 -27.58 -1.90
N ASP B 621 -62.97 -27.35 -0.70
CA ASP B 621 -62.28 -27.65 0.55
C ASP B 621 -60.89 -26.99 0.57
N ILE B 622 -60.93 -25.66 0.58
CA ILE B 622 -59.79 -24.83 0.18
C ILE B 622 -59.16 -24.20 1.42
N PRO B 623 -57.84 -23.93 1.43
CA PRO B 623 -57.18 -23.43 2.64
C PRO B 623 -57.36 -21.94 2.91
N GLU B 624 -56.61 -21.46 3.91
CA GLU B 624 -56.67 -20.09 4.41
C GLU B 624 -55.90 -19.10 3.55
N ARG B 625 -55.60 -17.93 4.14
CA ARG B 625 -55.14 -16.72 3.47
C ARG B 625 -54.04 -16.92 2.43
N GLU B 626 -53.27 -18.01 2.52
CA GLU B 626 -52.24 -18.27 1.52
C GLU B 626 -52.85 -18.37 0.12
N LEU B 627 -54.16 -18.64 0.06
CA LEU B 627 -54.87 -18.64 -1.22
C LEU B 627 -54.73 -17.31 -1.94
N VAL B 628 -54.67 -16.21 -1.19
CA VAL B 628 -54.63 -14.90 -1.85
C VAL B 628 -53.29 -14.67 -2.53
N ARG B 629 -52.18 -14.98 -1.83
CA ARG B 629 -50.90 -15.01 -2.54
C ARG B 629 -50.95 -15.96 -3.74
N ALA B 630 -51.56 -17.14 -3.57
CA ALA B 630 -51.60 -18.09 -4.69
C ALA B 630 -52.33 -17.51 -5.89
N LEU B 631 -53.44 -16.81 -5.66
CA LEU B 631 -54.27 -16.31 -6.75
C LEU B 631 -53.69 -15.05 -7.38
N GLN B 632 -53.13 -14.14 -6.58
CA GLN B 632 -52.66 -12.88 -7.14
C GLN B 632 -51.51 -13.07 -8.12
N SER B 633 -50.82 -14.21 -8.07
CA SER B 633 -49.74 -14.48 -9.00
C SER B 633 -50.20 -14.51 -10.44
N LEU B 634 -51.50 -14.72 -10.68
CA LEU B 634 -52.03 -14.80 -12.03
C LEU B 634 -52.57 -13.48 -12.55
N ALA B 635 -53.12 -12.63 -11.68
CA ALA B 635 -53.76 -11.38 -12.11
C ALA B 635 -53.08 -10.16 -11.50
N CYS B 636 -52.88 -10.13 -10.19
CA CYS B 636 -52.36 -8.94 -9.53
C CYS B 636 -50.87 -8.79 -9.75
N GLY B 637 -50.45 -7.58 -10.12
CA GLY B 637 -49.04 -7.30 -10.34
C GLY B 637 -48.42 -8.14 -11.45
N LYS B 638 -49.11 -8.26 -12.58
CA LYS B 638 -48.64 -9.10 -13.66
C LYS B 638 -48.17 -8.26 -14.85
N PRO B 639 -47.14 -8.70 -15.56
CA PRO B 639 -46.72 -8.02 -16.79
C PRO B 639 -47.69 -8.28 -17.93
N THR B 640 -47.34 -7.84 -19.14
CA THR B 640 -48.22 -8.04 -20.29
C THR B 640 -48.10 -9.46 -20.83
N GLN B 641 -48.21 -10.45 -19.94
CA GLN B 641 -48.24 -11.86 -20.29
C GLN B 641 -49.29 -12.58 -19.45
N ARG B 642 -50.40 -11.89 -19.19
CA ARG B 642 -51.40 -12.39 -18.26
C ARG B 642 -52.09 -13.62 -18.82
N VAL B 643 -52.18 -14.68 -18.00
CA VAL B 643 -52.98 -15.85 -18.34
C VAL B 643 -54.34 -15.83 -17.66
N LEU B 644 -54.59 -14.88 -16.78
CA LEU B 644 -55.88 -14.76 -16.08
C LEU B 644 -56.19 -13.27 -15.96
N THR B 645 -57.33 -12.86 -16.49
CA THR B 645 -57.79 -11.48 -16.42
C THR B 645 -59.18 -11.41 -15.80
N LYS B 646 -59.44 -10.29 -15.13
CA LYS B 646 -60.73 -10.06 -14.47
C LYS B 646 -61.26 -8.70 -14.86
N GLU B 647 -62.59 -8.61 -14.95
CA GLU B 647 -63.26 -7.36 -15.27
C GLU B 647 -63.00 -6.29 -14.21
N PRO B 648 -63.15 -6.59 -12.89
CA PRO B 648 -62.84 -5.56 -11.89
C PRO B 648 -61.35 -5.36 -11.69
N LYS B 649 -60.73 -4.56 -12.55
CA LYS B 649 -59.30 -4.29 -12.46
C LYS B 649 -59.03 -3.44 -11.22
N SER B 650 -58.46 -4.06 -10.19
CA SER B 650 -58.12 -3.36 -8.96
C SER B 650 -57.02 -4.12 -8.25
N LYS B 651 -56.29 -3.39 -7.40
CA LYS B 651 -55.20 -4.01 -6.65
C LYS B 651 -55.73 -4.90 -5.53
N GLU B 652 -56.75 -4.44 -4.82
CA GLU B 652 -57.30 -5.21 -3.71
C GLU B 652 -58.18 -6.34 -4.23
N ILE B 653 -58.47 -7.28 -3.33
CA ILE B 653 -59.23 -8.48 -3.68
C ILE B 653 -60.71 -8.26 -3.36
N GLU B 654 -61.57 -8.57 -4.31
CA GLU B 654 -63.01 -8.46 -4.15
C GLU B 654 -63.59 -9.87 -3.93
N ASN B 655 -64.91 -9.94 -3.78
CA ASN B 655 -65.60 -11.21 -3.59
C ASN B 655 -66.25 -11.69 -4.89
N GLY B 656 -67.16 -10.90 -5.45
CA GLY B 656 -67.83 -11.26 -6.69
C GLY B 656 -67.13 -10.74 -7.93
N HIS B 657 -65.96 -11.27 -8.24
CA HIS B 657 -65.19 -10.85 -9.41
C HIS B 657 -65.11 -12.01 -10.40
N ILE B 658 -65.51 -11.75 -11.64
CA ILE B 658 -65.51 -12.75 -12.69
C ILE B 658 -64.10 -12.89 -13.26
N PHE B 659 -63.68 -14.14 -13.49
CA PHE B 659 -62.35 -14.43 -14.00
C PHE B 659 -62.43 -14.91 -15.45
N THR B 660 -61.62 -14.29 -16.31
CA THR B 660 -61.56 -14.62 -17.72
C THR B 660 -60.11 -14.87 -18.12
N VAL B 661 -59.91 -15.28 -19.36
CA VAL B 661 -58.59 -15.58 -19.89
C VAL B 661 -58.33 -14.72 -21.12
N ASN B 662 -57.19 -14.04 -21.13
CA ASN B 662 -56.73 -13.26 -22.27
C ASN B 662 -55.52 -13.93 -22.89
N ASP B 663 -55.31 -13.67 -24.18
CA ASP B 663 -54.21 -14.31 -24.90
C ASP B 663 -52.86 -13.93 -24.31
N GLN B 664 -52.48 -12.66 -24.45
CA GLN B 664 -51.23 -12.13 -23.91
C GLN B 664 -50.05 -13.07 -24.15
N PHE B 665 -50.05 -13.76 -25.29
CA PHE B 665 -49.08 -14.82 -25.52
C PHE B 665 -47.91 -14.34 -26.38
N THR B 666 -46.95 -13.66 -25.74
CA THR B 666 -45.76 -13.22 -26.46
C THR B 666 -44.86 -14.37 -26.83
N SER B 667 -44.82 -15.41 -25.99
CA SER B 667 -43.97 -16.58 -26.24
C SER B 667 -44.75 -17.59 -27.07
N LYS B 668 -44.50 -17.58 -28.37
CA LYS B 668 -45.18 -18.46 -29.31
C LYS B 668 -44.46 -19.82 -29.35
N LEU B 669 -44.43 -20.47 -28.18
CA LEU B 669 -43.80 -21.77 -28.04
C LEU B 669 -44.68 -22.70 -27.22
N HIS B 670 -44.13 -23.87 -26.85
CA HIS B 670 -44.88 -24.85 -26.06
C HIS B 670 -44.33 -24.94 -24.64
N ARG B 671 -43.64 -23.89 -24.18
CA ARG B 671 -43.06 -23.92 -22.84
C ARG B 671 -42.98 -22.52 -22.25
N VAL B 672 -43.93 -22.16 -21.40
CA VAL B 672 -43.98 -20.85 -20.75
C VAL B 672 -44.20 -21.09 -19.25
N LYS B 673 -43.39 -20.44 -18.42
CA LYS B 673 -43.47 -20.58 -16.97
C LYS B 673 -43.94 -19.26 -16.38
N ILE B 674 -44.45 -19.32 -15.15
CA ILE B 674 -44.72 -18.11 -14.38
C ILE B 674 -43.62 -17.99 -13.31
N GLN B 675 -43.11 -16.77 -13.13
CA GLN B 675 -41.97 -16.55 -12.25
C GLN B 675 -42.34 -15.80 -10.97
N THR B 676 -43.60 -15.88 -10.54
CA THR B 676 -44.01 -15.19 -9.32
C THR B 676 -43.40 -15.84 -8.08
N VAL B 677 -43.16 -17.15 -8.15
CA VAL B 677 -42.58 -17.87 -7.02
C VAL B 677 -41.10 -17.52 -6.89
N ALA B 678 -40.64 -17.37 -5.64
CA ALA B 678 -39.27 -16.99 -5.34
C ALA B 678 -38.87 -15.69 -6.04
N ALA B 679 -39.80 -14.74 -6.03
CA ALA B 679 -39.57 -13.44 -6.65
C ALA B 679 -38.93 -12.48 -5.66
N LYS B 680 -39.54 -12.32 -4.48
CA LYS B 680 -39.01 -11.42 -3.47
C LYS B 680 -37.92 -12.10 -2.66
N GLN B 681 -36.81 -11.40 -2.47
CA GLN B 681 -35.69 -11.88 -1.66
C GLN B 681 -35.53 -11.03 -0.40
N GLY B 682 -36.62 -10.48 0.11
CA GLY B 682 -36.57 -9.61 1.27
C GLY B 682 -36.64 -10.34 2.59
N GLU B 683 -37.18 -11.57 2.60
CA GLU B 683 -37.31 -12.36 3.82
C GLU B 683 -38.08 -11.61 4.88
N SER B 684 -39.36 -11.38 4.64
CA SER B 684 -40.18 -10.45 5.40
C SER B 684 -40.24 -10.80 6.89
N ASP B 685 -40.81 -9.89 7.66
CA ASP B 685 -40.79 -9.95 9.12
C ASP B 685 -41.35 -11.24 9.73
N PRO B 686 -42.53 -11.75 9.35
CA PRO B 686 -43.05 -12.93 10.05
C PRO B 686 -42.16 -14.15 9.92
N GLU B 687 -41.71 -14.45 8.68
CA GLU B 687 -40.80 -15.57 8.50
C GLU B 687 -39.47 -15.30 9.19
N ARG B 688 -39.02 -14.03 9.22
CA ARG B 688 -37.80 -13.72 9.97
C ARG B 688 -37.92 -14.13 11.42
N LYS B 689 -39.01 -13.72 12.10
CA LYS B 689 -39.06 -14.00 13.53
C LYS B 689 -39.35 -15.47 13.80
N GLU B 690 -40.11 -16.15 12.93
CA GLU B 690 -40.35 -17.56 13.22
C GLU B 690 -39.07 -18.38 13.03
N THR B 691 -38.28 -18.06 11.99
CA THR B 691 -37.01 -18.75 11.84
C THR B 691 -36.02 -18.34 12.93
N ARG B 692 -36.11 -17.10 13.43
CA ARG B 692 -35.25 -16.68 14.52
C ARG B 692 -35.55 -17.46 15.79
N GLN B 693 -36.82 -17.65 16.12
CA GLN B 693 -37.14 -18.42 17.33
C GLN B 693 -36.85 -19.90 17.12
N LYS B 694 -37.01 -20.41 15.89
CA LYS B 694 -36.60 -21.79 15.62
C LYS B 694 -35.10 -21.95 15.86
N VAL B 695 -34.29 -21.00 15.39
CA VAL B 695 -32.86 -21.02 15.67
C VAL B 695 -32.60 -20.91 17.17
N ASP B 696 -33.38 -20.10 17.87
CA ASP B 696 -33.18 -19.93 19.31
C ASP B 696 -33.36 -21.25 20.06
N ASP B 697 -34.48 -21.93 19.83
CA ASP B 697 -34.67 -23.23 20.47
C ASP B 697 -33.67 -24.28 19.98
N ASP B 698 -33.25 -24.20 18.71
CA ASP B 698 -32.20 -25.12 18.26
C ASP B 698 -30.91 -24.90 19.03
N ARG B 699 -30.51 -23.64 19.22
CA ARG B 699 -29.35 -23.31 20.04
C ARG B 699 -29.52 -23.84 21.46
N LYS B 700 -30.69 -23.58 22.06
CA LYS B 700 -30.93 -23.98 23.43
C LYS B 700 -30.88 -25.48 23.61
N HIS B 701 -31.35 -26.24 22.61
CA HIS B 701 -31.36 -27.69 22.70
C HIS B 701 -29.99 -28.28 22.45
N GLU B 702 -29.22 -27.70 21.52
CA GLU B 702 -27.84 -28.14 21.31
C GLU B 702 -26.99 -27.86 22.55
N ILE B 703 -27.27 -26.74 23.23
CA ILE B 703 -26.58 -26.44 24.48
C ILE B 703 -26.79 -27.56 25.49
N GLU B 704 -28.02 -28.06 25.61
CA GLU B 704 -28.28 -29.21 26.47
C GLU B 704 -27.54 -30.46 25.99
N ALA B 705 -27.57 -30.71 24.68
CA ALA B 705 -26.92 -31.89 24.12
C ALA B 705 -25.44 -31.91 24.48
N ALA B 706 -24.81 -30.74 24.56
CA ALA B 706 -23.40 -30.69 24.96
C ALA B 706 -23.26 -30.69 26.48
N ILE B 707 -24.19 -30.05 27.19
CA ILE B 707 -24.00 -29.81 28.61
C ILE B 707 -24.08 -31.13 29.36
N VAL B 708 -24.98 -32.03 28.92
CA VAL B 708 -25.16 -33.31 29.59
C VAL B 708 -23.89 -34.14 29.51
N ARG B 709 -23.26 -34.15 28.34
CA ARG B 709 -22.04 -34.96 28.18
C ARG B 709 -20.87 -34.33 28.94
N ILE B 710 -20.83 -33.00 29.01
CA ILE B 710 -19.68 -32.36 29.64
C ILE B 710 -19.78 -32.43 31.16
N MET B 711 -20.98 -32.76 31.69
CA MET B 711 -21.02 -33.38 33.01
C MET B 711 -20.67 -34.86 33.04
N LYS B 712 -21.34 -35.67 32.21
CA LYS B 712 -21.25 -37.12 32.36
C LYS B 712 -19.83 -37.65 32.22
N SER B 713 -18.98 -36.96 31.47
CA SER B 713 -17.63 -37.48 31.25
C SER B 713 -16.59 -36.87 32.19
N ARG B 714 -16.41 -35.55 32.13
CA ARG B 714 -15.31 -34.90 32.84
C ARG B 714 -15.68 -34.66 34.30
N LYS B 715 -14.71 -34.31 35.13
CA LYS B 715 -14.95 -34.01 36.54
C LYS B 715 -15.75 -32.71 36.61
N LYS B 716 -16.36 -32.45 37.75
CA LYS B 716 -17.41 -31.44 37.84
C LYS B 716 -16.86 -30.02 37.99
N MET B 717 -17.75 -29.08 38.30
CA MET B 717 -17.46 -27.66 38.18
C MET B 717 -16.86 -27.10 39.47
N GLN B 718 -16.03 -26.05 39.33
CA GLN B 718 -15.62 -25.23 40.46
C GLN B 718 -16.43 -23.94 40.50
N HIS B 719 -17.70 -24.00 40.09
CA HIS B 719 -18.69 -22.92 40.08
C HIS B 719 -18.45 -21.91 38.96
N ASN B 720 -17.29 -21.96 38.29
CA ASN B 720 -17.02 -21.01 37.20
C ASN B 720 -16.21 -21.60 36.05
N VAL B 721 -16.17 -22.93 35.90
CA VAL B 721 -15.27 -23.56 34.95
C VAL B 721 -16.02 -24.24 33.81
N LEU B 722 -17.16 -24.88 34.10
CA LEU B 722 -17.83 -25.64 33.05
C LEU B 722 -18.38 -24.77 31.92
N VAL B 723 -18.76 -23.53 32.21
CA VAL B 723 -19.27 -22.66 31.15
C VAL B 723 -18.15 -22.34 30.15
N ALA B 724 -16.91 -22.19 30.64
CA ALA B 724 -15.79 -21.95 29.73
C ALA B 724 -15.58 -23.13 28.80
N GLU B 725 -15.66 -24.36 29.33
CA GLU B 725 -15.46 -25.54 28.49
C GLU B 725 -16.61 -25.72 27.50
N VAL B 726 -17.85 -25.47 27.93
CA VAL B 726 -18.98 -25.61 27.02
C VAL B 726 -18.96 -24.53 25.95
N THR B 727 -18.40 -23.35 26.23
CA THR B 727 -18.22 -22.36 25.18
C THR B 727 -17.05 -22.72 24.27
N GLN B 728 -16.01 -23.34 24.81
CA GLN B 728 -14.91 -23.83 23.99
C GLN B 728 -15.38 -24.89 22.99
N GLN B 729 -16.25 -25.79 23.43
CA GLN B 729 -16.78 -26.81 22.54
C GLN B 729 -17.60 -26.19 21.41
N LEU B 730 -18.31 -25.10 21.69
CA LEU B 730 -19.28 -24.55 20.74
C LEU B 730 -18.89 -23.17 20.24
N LYS B 731 -17.60 -22.81 20.32
CA LYS B 731 -17.17 -21.52 19.79
C LYS B 731 -17.26 -21.49 18.27
N ALA B 732 -16.99 -22.61 17.61
CA ALA B 732 -17.02 -22.69 16.16
C ALA B 732 -18.44 -22.69 15.60
N ARG B 733 -19.46 -22.74 16.46
CA ARG B 733 -20.85 -22.81 16.02
C ARG B 733 -21.58 -21.47 16.15
N PHE B 734 -21.42 -20.78 17.27
CA PHE B 734 -22.14 -19.53 17.53
C PHE B 734 -21.39 -18.76 18.61
N LEU B 735 -21.99 -17.65 19.04
CA LEU B 735 -21.41 -16.83 20.09
C LEU B 735 -21.45 -17.60 21.42
N PRO B 736 -20.52 -17.32 22.34
CA PRO B 736 -20.54 -18.03 23.63
C PRO B 736 -21.87 -17.94 24.36
N SER B 737 -22.53 -16.78 24.30
CA SER B 737 -23.85 -16.57 24.89
C SER B 737 -23.82 -16.91 26.38
N PRO B 738 -23.16 -16.09 27.20
CA PRO B 738 -22.92 -16.46 28.60
C PRO B 738 -24.08 -16.23 29.55
N VAL B 739 -25.30 -16.04 29.06
CA VAL B 739 -26.45 -15.81 29.93
C VAL B 739 -27.40 -17.00 29.88
N VAL B 740 -27.60 -17.56 28.70
CA VAL B 740 -28.54 -18.67 28.55
C VAL B 740 -27.97 -19.94 29.21
N ILE B 741 -26.68 -20.19 29.03
CA ILE B 741 -26.06 -21.33 29.69
C ILE B 741 -26.16 -21.18 31.21
N LYS B 742 -25.87 -19.98 31.71
CA LYS B 742 -26.07 -19.70 33.13
C LYS B 742 -27.50 -19.98 33.57
N LYS B 743 -28.47 -19.56 32.76
CA LYS B 743 -29.86 -19.67 33.16
C LYS B 743 -30.39 -21.11 33.12
N ARG B 744 -29.83 -21.96 32.26
CA ARG B 744 -30.42 -23.29 32.16
C ARG B 744 -29.53 -24.41 32.73
N ILE B 745 -28.30 -24.12 33.14
CA ILE B 745 -27.56 -25.18 33.81
C ILE B 745 -28.26 -25.60 35.10
N GLU B 746 -29.18 -24.78 35.61
CA GLU B 746 -30.12 -25.19 36.66
C GLU B 746 -31.45 -25.66 36.10
N GLY B 747 -31.54 -25.93 34.81
CA GLY B 747 -32.76 -26.43 34.21
C GLY B 747 -32.83 -27.94 34.18
N LEU B 748 -31.66 -28.59 34.22
CA LEU B 748 -31.60 -30.04 34.21
C LEU B 748 -31.34 -30.65 35.59
N ILE B 749 -31.19 -29.83 36.63
CA ILE B 749 -31.04 -30.41 37.97
C ILE B 749 -32.32 -31.16 38.35
N GLU B 750 -33.45 -30.79 37.77
CA GLU B 750 -34.72 -31.43 38.05
C GLU B 750 -34.86 -32.80 37.42
N ARG B 751 -34.17 -33.07 36.30
CA ARG B 751 -34.51 -34.25 35.52
C ARG B 751 -33.42 -35.33 35.49
N GLU B 752 -32.23 -35.00 35.00
CA GLU B 752 -31.21 -36.03 34.72
C GLU B 752 -29.81 -35.55 35.09
N TYR B 753 -29.67 -34.88 36.24
CA TYR B 753 -28.35 -34.40 36.65
C TYR B 753 -27.87 -35.24 37.84
N LEU B 754 -26.80 -35.98 37.60
CA LEU B 754 -26.28 -36.90 38.60
C LEU B 754 -24.94 -36.41 39.15
N ALA B 755 -24.37 -37.23 40.04
CA ALA B 755 -23.07 -36.98 40.66
C ALA B 755 -23.07 -35.67 41.45
N ARG B 756 -21.89 -35.09 41.65
CA ARG B 756 -21.75 -33.84 42.39
C ARG B 756 -22.13 -32.67 41.47
N THR B 757 -23.34 -32.17 41.68
CA THR B 757 -23.88 -31.09 40.86
C THR B 757 -23.01 -29.83 41.01
N PRO B 758 -22.96 -28.98 39.95
CA PRO B 758 -21.93 -27.93 39.93
C PRO B 758 -22.03 -26.92 41.06
N GLU B 759 -23.25 -26.50 41.39
CA GLU B 759 -23.47 -25.54 42.48
C GLU B 759 -23.65 -26.28 43.81
N ASP B 760 -22.69 -27.14 44.12
CA ASP B 760 -22.73 -27.88 45.38
C ASP B 760 -22.52 -26.94 46.57
N ARG B 761 -21.49 -26.09 46.50
CA ARG B 761 -21.13 -25.17 47.57
C ARG B 761 -20.96 -25.89 48.89
N LYS B 762 -22.00 -25.84 49.74
CA LYS B 762 -21.93 -26.42 51.07
C LYS B 762 -21.94 -27.94 51.04
N VAL B 763 -22.83 -28.53 50.24
CA VAL B 763 -23.04 -29.96 50.19
C VAL B 763 -23.31 -30.38 48.76
N TYR B 764 -22.87 -31.59 48.40
CA TYR B 764 -23.14 -32.14 47.08
C TYR B 764 -24.64 -32.21 46.85
N THR B 765 -25.14 -31.41 45.92
CA THR B 765 -26.58 -31.28 45.71
C THR B 765 -27.12 -32.35 44.77
N LYS C 20 -61.99 -31.38 -23.42
CA LYS C 20 -61.78 -30.29 -22.49
C LYS C 20 -60.82 -29.25 -23.06
N ARG C 21 -61.00 -28.00 -22.64
CA ARG C 21 -60.15 -26.91 -23.10
C ARG C 21 -58.70 -27.05 -22.67
N PHE C 22 -58.46 -27.48 -21.43
CA PHE C 22 -57.11 -27.70 -20.92
C PHE C 22 -57.07 -29.05 -20.22
N GLU C 23 -55.95 -29.76 -20.36
CA GLU C 23 -55.77 -31.07 -19.76
C GLU C 23 -54.42 -31.14 -19.08
N VAL C 24 -54.37 -31.80 -17.91
CA VAL C 24 -53.13 -31.93 -17.16
C VAL C 24 -52.32 -33.08 -17.76
N LYS C 25 -51.04 -32.82 -18.02
CA LYS C 25 -50.16 -33.80 -18.64
C LYS C 25 -49.07 -34.28 -17.68
N LYS C 26 -48.39 -33.38 -17.00
CA LYS C 26 -47.24 -33.71 -16.17
C LYS C 26 -47.43 -33.19 -14.75
N TRP C 27 -46.75 -33.86 -13.81
CA TRP C 27 -46.66 -33.39 -12.44
C TRP C 27 -45.22 -33.55 -11.97
N ASN C 28 -44.78 -32.61 -11.14
CA ASN C 28 -43.47 -32.67 -10.49
C ASN C 28 -43.66 -32.58 -8.98
N ALA C 29 -44.62 -33.34 -8.47
CA ALA C 29 -44.98 -33.26 -7.06
C ALA C 29 -43.91 -33.91 -6.18
N VAL C 30 -44.14 -33.87 -4.88
CA VAL C 30 -43.27 -34.47 -3.88
C VAL C 30 -44.14 -35.23 -2.89
N ALA C 31 -43.66 -36.39 -2.46
CA ALA C 31 -44.41 -37.25 -1.53
C ALA C 31 -43.61 -37.40 -0.24
N LEU C 32 -44.18 -36.94 0.86
CA LEU C 32 -43.57 -37.10 2.17
C LEU C 32 -43.92 -38.47 2.76
N TRP C 33 -42.98 -39.04 3.49
CA TRP C 33 -43.20 -40.32 4.16
C TRP C 33 -42.50 -40.30 5.51
N ALA C 34 -43.01 -41.12 6.43
CA ALA C 34 -42.46 -41.24 7.77
C ALA C 34 -42.39 -42.71 8.14
N TRP C 35 -41.52 -43.05 9.09
CA TRP C 35 -41.38 -44.41 9.55
C TRP C 35 -42.51 -44.79 10.50
N ASP C 36 -42.35 -45.87 11.25
CA ASP C 36 -43.40 -46.37 12.14
C ASP C 36 -43.55 -45.48 13.37
N ILE C 37 -43.89 -44.21 13.14
CA ILE C 37 -44.07 -43.26 14.23
C ILE C 37 -45.44 -43.40 14.87
N VAL C 38 -46.42 -43.92 14.12
CA VAL C 38 -47.81 -44.08 14.57
C VAL C 38 -48.37 -42.76 15.04
N VAL C 39 -49.08 -42.05 14.14
CA VAL C 39 -49.67 -40.77 14.49
C VAL C 39 -50.72 -40.94 15.58
N ASP C 40 -51.32 -42.13 15.66
CA ASP C 40 -52.36 -42.37 16.66
C ASP C 40 -51.78 -42.47 18.06
N ASN C 41 -50.64 -43.14 18.22
CA ASN C 41 -50.09 -43.39 19.55
C ASN C 41 -48.58 -43.25 19.52
N CYS C 42 -48.01 -42.67 20.58
CA CYS C 42 -46.57 -42.55 20.69
C CYS C 42 -45.94 -43.93 20.83
N ALA C 43 -44.68 -44.04 20.40
CA ALA C 43 -43.96 -45.30 20.50
C ALA C 43 -43.35 -45.53 21.87
N ILE C 44 -43.37 -44.52 22.74
CA ILE C 44 -42.86 -44.68 24.11
C ILE C 44 -43.96 -44.47 25.13
N CYS C 45 -44.74 -43.39 25.00
CA CYS C 45 -45.80 -43.08 25.94
C CYS C 45 -47.17 -43.51 25.47
N ARG C 46 -47.33 -43.86 24.19
CA ARG C 46 -48.59 -44.33 23.62
C ARG C 46 -49.75 -43.37 23.89
N ASN C 47 -49.58 -42.11 23.51
CA ASN C 47 -50.68 -41.15 23.58
C ASN C 47 -51.08 -40.68 22.19
N HIS C 48 -50.11 -40.10 21.47
CA HIS C 48 -50.31 -39.58 20.11
C HIS C 48 -48.99 -39.03 19.59
N ILE C 49 -48.92 -38.74 18.29
CA ILE C 49 -47.75 -38.06 17.76
C ILE C 49 -47.70 -36.62 18.28
N MET C 50 -48.87 -36.03 18.52
CA MET C 50 -48.97 -34.70 19.09
C MET C 50 -49.74 -34.76 20.42
N ASP C 51 -50.10 -33.60 20.96
CA ASP C 51 -50.93 -33.50 22.16
C ASP C 51 -50.20 -34.07 23.38
N LEU C 52 -48.93 -33.69 23.51
CA LEU C 52 -48.14 -33.91 24.72
C LEU C 52 -47.89 -35.38 25.02
N CYS C 53 -47.29 -35.65 26.18
CA CYS C 53 -46.85 -36.99 26.57
C CYS C 53 -47.30 -37.33 27.97
N ILE C 54 -46.82 -38.46 28.50
CA ILE C 54 -47.19 -38.88 29.85
C ILE C 54 -46.60 -37.96 30.91
N GLU C 55 -45.49 -37.29 30.61
CA GLU C 55 -44.82 -36.42 31.57
C GLU C 55 -45.36 -34.99 31.53
N CYS C 56 -46.35 -34.71 30.69
CA CYS C 56 -46.90 -33.37 30.57
C CYS C 56 -48.40 -33.29 30.77
N GLN C 57 -49.17 -34.29 30.37
CA GLN C 57 -50.62 -34.33 30.56
C GLN C 57 -51.33 -33.12 29.95
N ALA C 58 -51.63 -32.12 30.77
CA ALA C 58 -52.45 -31.00 30.33
C ALA C 58 -51.60 -29.96 29.60
N ASN C 59 -52.30 -28.95 29.06
CA ASN C 59 -51.66 -27.86 28.34
C ASN C 59 -51.17 -26.73 29.24
N GLN C 60 -51.89 -26.44 30.33
CA GLN C 60 -51.58 -25.34 31.23
C GLN C 60 -50.65 -25.78 32.36
N ALA C 61 -50.60 -24.98 33.42
CA ALA C 61 -49.76 -25.25 34.60
C ALA C 61 -48.28 -25.25 34.26
N SER C 62 -47.75 -24.08 33.90
CA SER C 62 -46.32 -23.84 33.72
C SER C 62 -45.77 -24.62 32.53
N ALA C 63 -46.39 -24.41 31.38
CA ALA C 63 -45.91 -24.96 30.11
C ALA C 63 -45.06 -23.98 29.33
N THR C 64 -45.28 -22.67 29.50
CA THR C 64 -44.52 -21.63 28.80
C THR C 64 -44.56 -21.84 27.30
N SER C 65 -45.76 -21.70 26.70
CA SER C 65 -45.99 -21.95 25.28
C SER C 65 -45.73 -23.42 24.94
N GLU C 66 -45.90 -24.28 25.95
CA GLU C 66 -45.85 -25.73 25.78
C GLU C 66 -44.53 -26.20 25.17
N GLU C 67 -43.43 -26.04 25.91
CA GLU C 67 -42.12 -26.46 25.41
C GLU C 67 -41.98 -27.98 25.41
N CYS C 68 -42.77 -28.65 24.58
CA CYS C 68 -42.67 -30.09 24.40
C CYS C 68 -43.06 -30.46 22.97
N THR C 69 -42.07 -30.60 22.10
CA THR C 69 -42.29 -30.81 20.67
C THR C 69 -41.88 -32.23 20.29
N VAL C 70 -41.97 -32.52 18.99
CA VAL C 70 -41.63 -33.82 18.44
C VAL C 70 -40.18 -33.80 17.97
N ALA C 71 -39.48 -34.91 18.16
CA ALA C 71 -38.08 -35.03 17.78
C ALA C 71 -37.96 -36.03 16.63
N TRP C 72 -37.24 -35.64 15.58
CA TRP C 72 -37.04 -36.45 14.40
C TRP C 72 -35.56 -36.77 14.27
N GLY C 73 -35.23 -38.05 14.01
CA GLY C 73 -33.85 -38.45 13.85
C GLY C 73 -33.53 -38.90 12.43
N VAL C 74 -32.29 -39.35 12.24
CA VAL C 74 -31.88 -39.87 10.94
C VAL C 74 -32.59 -41.19 10.65
N CYS C 75 -33.13 -41.85 11.67
CA CYS C 75 -33.94 -43.04 11.47
C CYS C 75 -35.39 -42.69 11.14
N ASN C 76 -35.74 -41.40 11.15
CA ASN C 76 -37.03 -40.85 10.76
C ASN C 76 -38.07 -41.15 11.85
N HIS C 77 -37.73 -41.97 12.84
CA HIS C 77 -38.60 -42.22 13.97
C HIS C 77 -38.86 -40.92 14.73
N ALA C 78 -40.11 -40.70 15.10
CA ALA C 78 -40.53 -39.47 15.76
C ALA C 78 -41.12 -39.78 17.11
N PHE C 79 -40.64 -39.09 18.14
CA PHE C 79 -41.16 -39.22 19.48
C PHE C 79 -41.30 -37.82 20.07
N HIS C 80 -42.02 -37.73 21.18
CA HIS C 80 -42.00 -36.49 21.96
C HIS C 80 -40.59 -36.27 22.49
N PHE C 81 -40.17 -35.00 22.53
CA PHE C 81 -38.84 -34.68 23.03
C PHE C 81 -38.70 -35.13 24.48
N HIS C 82 -39.74 -34.92 25.29
CA HIS C 82 -39.71 -35.37 26.67
C HIS C 82 -39.57 -36.89 26.75
N CYS C 83 -40.33 -37.62 25.92
CA CYS C 83 -40.26 -39.07 25.92
C CYS C 83 -38.85 -39.58 25.62
N ILE C 84 -38.27 -39.13 24.52
CA ILE C 84 -36.95 -39.63 24.12
C ILE C 84 -35.85 -39.12 25.06
N SER C 85 -35.99 -37.92 25.61
CA SER C 85 -34.98 -37.41 26.55
C SER C 85 -35.01 -38.19 27.85
N ARG C 86 -36.20 -38.52 28.34
CA ARG C 86 -36.30 -39.36 29.53
C ARG C 86 -35.83 -40.78 29.26
N TRP C 87 -36.08 -41.30 28.05
CA TRP C 87 -35.57 -42.61 27.69
C TRP C 87 -34.06 -42.63 27.51
N LEU C 88 -33.44 -41.50 27.20
CA LEU C 88 -32.00 -41.41 26.99
C LEU C 88 -31.19 -41.61 28.27
N LYS C 89 -31.85 -41.90 29.39
CA LYS C 89 -31.16 -42.12 30.66
C LYS C 89 -30.24 -43.33 30.58
N THR C 90 -30.76 -44.46 30.08
CA THR C 90 -30.00 -45.70 30.06
C THR C 90 -29.73 -46.17 28.64
N ARG C 91 -30.79 -46.30 27.83
CA ARG C 91 -30.65 -46.86 26.50
C ARG C 91 -30.80 -45.75 25.44
N GLN C 92 -29.92 -45.78 24.45
CA GLN C 92 -29.95 -44.82 23.35
C GLN C 92 -29.80 -45.54 22.03
N VAL C 93 -30.57 -46.61 21.83
CA VAL C 93 -30.37 -47.50 20.70
C VAL C 93 -31.59 -47.44 19.79
N CYS C 94 -32.44 -46.42 19.97
CA CYS C 94 -33.61 -46.22 19.11
C CYS C 94 -34.47 -47.49 19.06
N PRO C 95 -35.27 -47.75 20.10
CA PRO C 95 -35.78 -49.12 20.33
C PRO C 95 -36.52 -49.74 19.16
N LEU C 96 -37.10 -48.95 18.26
CA LEU C 96 -37.74 -49.48 17.06
C LEU C 96 -36.70 -49.99 16.06
N ASP C 97 -35.42 -49.71 16.27
CA ASP C 97 -34.36 -50.17 15.38
C ASP C 97 -33.04 -50.38 16.13
N ASN C 98 -31.94 -50.47 15.39
CA ASN C 98 -30.64 -50.73 16.02
C ASN C 98 -29.70 -49.53 15.86
N ARG C 99 -30.19 -48.45 15.26
CA ARG C 99 -29.37 -47.26 15.04
C ARG C 99 -29.15 -46.52 16.36
N GLU C 100 -28.26 -45.53 16.32
CA GLU C 100 -27.83 -44.88 17.55
C GLU C 100 -28.66 -43.64 17.86
N TRP C 101 -29.66 -43.35 17.01
CA TRP C 101 -30.60 -42.26 17.24
C TRP C 101 -29.90 -40.90 17.31
N GLU C 102 -29.38 -40.44 16.16
CA GLU C 102 -28.91 -39.06 16.04
C GLU C 102 -30.08 -38.09 16.21
N PHE C 103 -29.77 -36.82 16.50
CA PHE C 103 -30.80 -35.78 16.63
C PHE C 103 -30.68 -34.89 15.40
N GLN C 104 -31.81 -34.68 14.72
CA GLN C 104 -31.82 -33.98 13.45
C GLN C 104 -32.89 -32.89 13.34
N LYS C 105 -34.00 -33.02 14.08
CA LYS C 105 -35.12 -32.12 13.90
C LYS C 105 -35.86 -31.99 15.21
N TYR C 106 -36.54 -30.86 15.38
CA TYR C 106 -37.35 -30.60 16.58
C TYR C 106 -38.67 -29.99 16.14
N GLY C 107 -39.76 -30.71 16.37
CA GLY C 107 -41.08 -30.26 15.97
C GLY C 107 -41.57 -30.98 14.71
N HIS C 108 -42.88 -30.96 14.55
CA HIS C 108 -43.53 -31.61 13.41
C HIS C 108 -43.30 -30.84 12.13
ZN ZN D . -44.81 -39.97 23.92
ZN ZN E . -34.62 -45.38 14.51
ZN ZN F . -43.60 -33.67 27.55
#